data_6Y7L
# 
_entry.id   6Y7L 
# 
_audit_conform.dict_name       mmcif_pdbx.dic 
_audit_conform.dict_version    5.383 
_audit_conform.dict_location   http://mmcif.pdb.org/dictionaries/ascii/mmcif_pdbx.dic 
# 
loop_
_database_2.database_id 
_database_2.database_code 
_database_2.pdbx_database_accession 
_database_2.pdbx_DOI 
PDB   6Y7L         pdb_00006y7l 10.2210/pdb6y7l/pdb 
WWPDB D_1292107045 ?            ?                   
# 
loop_
_pdbx_audit_revision_history.ordinal 
_pdbx_audit_revision_history.data_content_type 
_pdbx_audit_revision_history.major_revision 
_pdbx_audit_revision_history.minor_revision 
_pdbx_audit_revision_history.revision_date 
1 'Structure model' 1 0 2021-03-31 
2 'Structure model' 1 1 2024-01-24 
# 
_pdbx_audit_revision_details.ordinal             1 
_pdbx_audit_revision_details.revision_ordinal    1 
_pdbx_audit_revision_details.data_content_type   'Structure model' 
_pdbx_audit_revision_details.provider            repository 
_pdbx_audit_revision_details.type                'Initial release' 
_pdbx_audit_revision_details.description         ? 
_pdbx_audit_revision_details.details             ? 
# 
loop_
_pdbx_audit_revision_group.ordinal 
_pdbx_audit_revision_group.revision_ordinal 
_pdbx_audit_revision_group.data_content_type 
_pdbx_audit_revision_group.group 
1 2 'Structure model' Advisory                 
2 2 'Structure model' 'Data collection'        
3 2 'Structure model' 'Database references'    
4 2 'Structure model' 'Refinement description' 
# 
loop_
_pdbx_audit_revision_category.ordinal 
_pdbx_audit_revision_category.revision_ordinal 
_pdbx_audit_revision_category.data_content_type 
_pdbx_audit_revision_category.category 
1 2 'Structure model' chem_comp_atom                
2 2 'Structure model' chem_comp_bond                
3 2 'Structure model' database_2                    
4 2 'Structure model' pdbx_initial_refinement_model 
5 2 'Structure model' pdbx_unobs_or_zero_occ_atoms  
# 
loop_
_pdbx_audit_revision_item.ordinal 
_pdbx_audit_revision_item.revision_ordinal 
_pdbx_audit_revision_item.data_content_type 
_pdbx_audit_revision_item.item 
1 2 'Structure model' '_database_2.pdbx_DOI'                
2 2 'Structure model' '_database_2.pdbx_database_accession' 
# 
_pdbx_database_status.status_code                     REL 
_pdbx_database_status.status_code_sf                  REL 
_pdbx_database_status.status_code_mr                  ? 
_pdbx_database_status.entry_id                        6Y7L 
_pdbx_database_status.recvd_initial_deposition_date   2020-03-01 
_pdbx_database_status.SG_entry                        N 
_pdbx_database_status.deposit_site                    PDBE 
_pdbx_database_status.process_site                    PDBE 
_pdbx_database_status.status_code_cs                  ? 
_pdbx_database_status.status_code_nmr_data            ? 
_pdbx_database_status.methods_development_category    ? 
_pdbx_database_status.pdb_format_compatible           Y 
# 
loop_
_audit_author.name 
_audit_author.pdbx_ordinal 
_audit_author.identifier_ORCID 
'Diaz-Saez, L.'       1 0000-0001-5814-7150 
'Krojer, T.'          2 ?                   
'Picaud, S.'          3 ?                   
'von Delft, F.'       4 ?                   
'Filippakopoulos, P.' 5 ?                   
'Arrowsmith, C.H.'    6 ?                   
'Edwards, A.'         7 ?                   
'Bountra, C.'         8 ?                   
'Huber, K.V.M.'       9 0000-0002-1103-5300 
# 
_citation.abstract                  ? 
_citation.abstract_id_CAS           ? 
_citation.book_id_ISBN              ? 
_citation.book_publisher            ? 
_citation.book_publisher_city       ? 
_citation.book_title                ? 
_citation.coordinate_linkage        ? 
_citation.country                   ? 
_citation.database_id_Medline       ? 
_citation.details                   ? 
_citation.id                        primary 
_citation.journal_abbrev            'To Be Published' 
_citation.journal_id_ASTM           ? 
_citation.journal_id_CSD            0353 
_citation.journal_id_ISSN           ? 
_citation.journal_full              ? 
_citation.journal_issue             ? 
_citation.journal_volume            ? 
_citation.language                  ? 
_citation.page_first                ? 
_citation.page_last                 ? 
_citation.title                     'Structure of the BRD9 bromodomain and compound 2' 
_citation.year                      ? 
_citation.database_id_CSD           ? 
_citation.pdbx_database_id_DOI      ? 
_citation.pdbx_database_id_PubMed   ? 
_citation.unpublished_flag          ? 
# 
loop_
_citation_author.citation_id 
_citation_author.name 
_citation_author.ordinal 
_citation_author.identifier_ORCID 
primary 'Diaz-Saez, L.'       1 0000-0001-5814-7150 
primary 'Krojer, T.'          2 ?                   
primary 'Picaud, S.'          3 ?                   
primary 'von Delft, F.'       4 ?                   
primary 'Filippakopoulos, P.' 5 ?                   
primary 'Arrowsmith, C.H.'    6 ?                   
primary 'Edwards, A.'         7 ?                   
primary 'Bountra, C.'         8 ?                   
primary 'Huber, K.V.M.'       9 0000-0002-1103-5300 
# 
loop_
_entity.id 
_entity.type 
_entity.src_method 
_entity.pdbx_description 
_entity.formula_weight 
_entity.pdbx_number_of_molecules 
_entity.pdbx_ec 
_entity.pdbx_mutation 
_entity.pdbx_fragment 
_entity.details 
1 polymer     man 'Bromodomain-containing protein 9'                                         14031.487 1  ? ? ? ? 
2 non-polymer syn '3-(6-acetylpyrrolo[1,2-a]pyrimidin-8-yl)-N-cyclopropyl-4-methylbenzamide' 333.384   1  ? ? ? ? 
3 water       nat water                                                                      18.015    70 ? ? ? ? 
# 
_entity_name_com.entity_id   1 
_entity_name_com.name        'Rhabdomyosarcoma antigen MU-RMS-40.8' 
# 
_entity_poly.entity_id                      1 
_entity_poly.type                           'polypeptide(L)' 
_entity_poly.nstd_linkage                   no 
_entity_poly.nstd_monomer                   no 
_entity_poly.pdbx_seq_one_letter_code       
;LKLSAENESTPIQQLLEHFLRQLQRKDPHGFFAFPVTDAIAPGYSMIIKHPMDFGTMKDKIVANEYKSVTEFKADFKLMC
DNAMTYNRPDTVYYKLAKKILHAGFKMMSKERLLALKRSMS
;
_entity_poly.pdbx_seq_one_letter_code_can   
;LKLSAENESTPIQQLLEHFLRQLQRKDPHGFFAFPVTDAIAPGYSMIIKHPMDFGTMKDKIVANEYKSVTEFKADFKLMC
DNAMTYNRPDTVYYKLAKKILHAGFKMMSKERLLALKRSMS
;
_entity_poly.pdbx_strand_id                 A 
_entity_poly.pdbx_target_identifier         ? 
# 
loop_
_pdbx_entity_nonpoly.entity_id 
_pdbx_entity_nonpoly.name 
_pdbx_entity_nonpoly.comp_id 
2 '3-(6-acetylpyrrolo[1,2-a]pyrimidin-8-yl)-N-cyclopropyl-4-methylbenzamide' QMG 
3 water                                                                      HOH 
# 
loop_
_entity_poly_seq.entity_id 
_entity_poly_seq.num 
_entity_poly_seq.mon_id 
_entity_poly_seq.hetero 
1 1   LEU n 
1 2   LYS n 
1 3   LEU n 
1 4   SER n 
1 5   ALA n 
1 6   GLU n 
1 7   ASN n 
1 8   GLU n 
1 9   SER n 
1 10  THR n 
1 11  PRO n 
1 12  ILE n 
1 13  GLN n 
1 14  GLN n 
1 15  LEU n 
1 16  LEU n 
1 17  GLU n 
1 18  HIS n 
1 19  PHE n 
1 20  LEU n 
1 21  ARG n 
1 22  GLN n 
1 23  LEU n 
1 24  GLN n 
1 25  ARG n 
1 26  LYS n 
1 27  ASP n 
1 28  PRO n 
1 29  HIS n 
1 30  GLY n 
1 31  PHE n 
1 32  PHE n 
1 33  ALA n 
1 34  PHE n 
1 35  PRO n 
1 36  VAL n 
1 37  THR n 
1 38  ASP n 
1 39  ALA n 
1 40  ILE n 
1 41  ALA n 
1 42  PRO n 
1 43  GLY n 
1 44  TYR n 
1 45  SER n 
1 46  MET n 
1 47  ILE n 
1 48  ILE n 
1 49  LYS n 
1 50  HIS n 
1 51  PRO n 
1 52  MET n 
1 53  ASP n 
1 54  PHE n 
1 55  GLY n 
1 56  THR n 
1 57  MET n 
1 58  LYS n 
1 59  ASP n 
1 60  LYS n 
1 61  ILE n 
1 62  VAL n 
1 63  ALA n 
1 64  ASN n 
1 65  GLU n 
1 66  TYR n 
1 67  LYS n 
1 68  SER n 
1 69  VAL n 
1 70  THR n 
1 71  GLU n 
1 72  PHE n 
1 73  LYS n 
1 74  ALA n 
1 75  ASP n 
1 76  PHE n 
1 77  LYS n 
1 78  LEU n 
1 79  MET n 
1 80  CYS n 
1 81  ASP n 
1 82  ASN n 
1 83  ALA n 
1 84  MET n 
1 85  THR n 
1 86  TYR n 
1 87  ASN n 
1 88  ARG n 
1 89  PRO n 
1 90  ASP n 
1 91  THR n 
1 92  VAL n 
1 93  TYR n 
1 94  TYR n 
1 95  LYS n 
1 96  LEU n 
1 97  ALA n 
1 98  LYS n 
1 99  LYS n 
1 100 ILE n 
1 101 LEU n 
1 102 HIS n 
1 103 ALA n 
1 104 GLY n 
1 105 PHE n 
1 106 LYS n 
1 107 MET n 
1 108 MET n 
1 109 SER n 
1 110 LYS n 
1 111 GLU n 
1 112 ARG n 
1 113 LEU n 
1 114 LEU n 
1 115 ALA n 
1 116 LEU n 
1 117 LYS n 
1 118 ARG n 
1 119 SER n 
1 120 MET n 
1 121 SER n 
# 
_entity_src_gen.entity_id                          1 
_entity_src_gen.pdbx_src_id                        1 
_entity_src_gen.pdbx_alt_source_flag               sample 
_entity_src_gen.pdbx_seq_type                      'Biological sequence' 
_entity_src_gen.pdbx_beg_seq_num                   1 
_entity_src_gen.pdbx_end_seq_num                   121 
_entity_src_gen.gene_src_common_name               Human 
_entity_src_gen.gene_src_genus                     ? 
_entity_src_gen.pdbx_gene_src_gene                 'BRD9, UNQ3040/PRO9856' 
_entity_src_gen.gene_src_species                   ? 
_entity_src_gen.gene_src_strain                    ? 
_entity_src_gen.gene_src_tissue                    ? 
_entity_src_gen.gene_src_tissue_fraction           ? 
_entity_src_gen.gene_src_details                   ? 
_entity_src_gen.pdbx_gene_src_fragment             ? 
_entity_src_gen.pdbx_gene_src_scientific_name      'Homo sapiens' 
_entity_src_gen.pdbx_gene_src_ncbi_taxonomy_id     9606 
_entity_src_gen.pdbx_gene_src_variant              ? 
_entity_src_gen.pdbx_gene_src_cell_line            ? 
_entity_src_gen.pdbx_gene_src_atcc                 ? 
_entity_src_gen.pdbx_gene_src_organ                ? 
_entity_src_gen.pdbx_gene_src_organelle            ? 
_entity_src_gen.pdbx_gene_src_cell                 ? 
_entity_src_gen.pdbx_gene_src_cellular_location    ? 
_entity_src_gen.host_org_common_name               ? 
_entity_src_gen.pdbx_host_org_scientific_name      'Escherichia coli BL21(DE3)' 
_entity_src_gen.pdbx_host_org_ncbi_taxonomy_id     469008 
_entity_src_gen.host_org_genus                     ? 
_entity_src_gen.pdbx_host_org_gene                 ? 
_entity_src_gen.pdbx_host_org_organ                ? 
_entity_src_gen.host_org_species                   ? 
_entity_src_gen.pdbx_host_org_tissue               ? 
_entity_src_gen.pdbx_host_org_tissue_fraction      ? 
_entity_src_gen.pdbx_host_org_strain               ? 
_entity_src_gen.pdbx_host_org_variant              R2 
_entity_src_gen.pdbx_host_org_cell_line            ? 
_entity_src_gen.pdbx_host_org_atcc                 ? 
_entity_src_gen.pdbx_host_org_culture_collection   ? 
_entity_src_gen.pdbx_host_org_cell                 ? 
_entity_src_gen.pdbx_host_org_organelle            ? 
_entity_src_gen.pdbx_host_org_cellular_location    ? 
_entity_src_gen.pdbx_host_org_vector_type          ? 
_entity_src_gen.pdbx_host_org_vector               ? 
_entity_src_gen.host_org_details                   ? 
_entity_src_gen.expression_system_id               ? 
_entity_src_gen.plasmid_name                       ? 
_entity_src_gen.plasmid_details                    ? 
_entity_src_gen.pdbx_description                   ? 
# 
loop_
_chem_comp.id 
_chem_comp.type 
_chem_comp.mon_nstd_flag 
_chem_comp.name 
_chem_comp.pdbx_synonyms 
_chem_comp.formula 
_chem_comp.formula_weight 
ALA 'L-peptide linking' y ALANINE                                                                    ? 'C3 H7 N O2'     89.093  
ARG 'L-peptide linking' y ARGININE                                                                   ? 'C6 H15 N4 O2 1' 175.209 
ASN 'L-peptide linking' y ASPARAGINE                                                                 ? 'C4 H8 N2 O3'    132.118 
ASP 'L-peptide linking' y 'ASPARTIC ACID'                                                            ? 'C4 H7 N O4'     133.103 
CYS 'L-peptide linking' y CYSTEINE                                                                   ? 'C3 H7 N O2 S'   121.158 
GLN 'L-peptide linking' y GLUTAMINE                                                                  ? 'C5 H10 N2 O3'   146.144 
GLU 'L-peptide linking' y 'GLUTAMIC ACID'                                                            ? 'C5 H9 N O4'     147.129 
GLY 'peptide linking'   y GLYCINE                                                                    ? 'C2 H5 N O2'     75.067  
HIS 'L-peptide linking' y HISTIDINE                                                                  ? 'C6 H10 N3 O2 1' 156.162 
HOH non-polymer         . WATER                                                                      ? 'H2 O'           18.015  
ILE 'L-peptide linking' y ISOLEUCINE                                                                 ? 'C6 H13 N O2'    131.173 
LEU 'L-peptide linking' y LEUCINE                                                                    ? 'C6 H13 N O2'    131.173 
LYS 'L-peptide linking' y LYSINE                                                                     ? 'C6 H15 N2 O2 1' 147.195 
MET 'L-peptide linking' y METHIONINE                                                                 ? 'C5 H11 N O2 S'  149.211 
PHE 'L-peptide linking' y PHENYLALANINE                                                              ? 'C9 H11 N O2'    165.189 
PRO 'L-peptide linking' y PROLINE                                                                    ? 'C5 H9 N O2'     115.130 
QMG non-polymer         . '3-(6-acetylpyrrolo[1,2-a]pyrimidin-8-yl)-N-cyclopropyl-4-methylbenzamide' ? 'C20 H19 N3 O2'  333.384 
SER 'L-peptide linking' y SERINE                                                                     ? 'C3 H7 N O3'     105.093 
THR 'L-peptide linking' y THREONINE                                                                  ? 'C4 H9 N O3'     119.119 
TYR 'L-peptide linking' y TYROSINE                                                                   ? 'C9 H11 N O3'    181.189 
VAL 'L-peptide linking' y VALINE                                                                     ? 'C5 H11 N O2'    117.146 
# 
loop_
_pdbx_poly_seq_scheme.asym_id 
_pdbx_poly_seq_scheme.entity_id 
_pdbx_poly_seq_scheme.seq_id 
_pdbx_poly_seq_scheme.mon_id 
_pdbx_poly_seq_scheme.ndb_seq_num 
_pdbx_poly_seq_scheme.pdb_seq_num 
_pdbx_poly_seq_scheme.auth_seq_num 
_pdbx_poly_seq_scheme.pdb_mon_id 
_pdbx_poly_seq_scheme.auth_mon_id 
_pdbx_poly_seq_scheme.pdb_strand_id 
_pdbx_poly_seq_scheme.pdb_ins_code 
_pdbx_poly_seq_scheme.hetero 
A 1 1   LEU 1   130 ?   ?   ?   A . n 
A 1 2   LYS 2   131 ?   ?   ?   A . n 
A 1 3   LEU 3   132 ?   ?   ?   A . n 
A 1 4   SER 4   133 ?   ?   ?   A . n 
A 1 5   ALA 5   134 ?   ?   ?   A . n 
A 1 6   GLU 6   135 ?   ?   ?   A . n 
A 1 7   ASN 7   136 ?   ?   ?   A . n 
A 1 8   GLU 8   137 137 GLU GLU A . n 
A 1 9   SER 9   138 138 SER SER A . n 
A 1 10  THR 10  139 139 THR THR A . n 
A 1 11  PRO 11  140 140 PRO PRO A . n 
A 1 12  ILE 12  141 141 ILE ILE A . n 
A 1 13  GLN 13  142 142 GLN GLN A . n 
A 1 14  GLN 14  143 143 GLN GLN A . n 
A 1 15  LEU 15  144 144 LEU LEU A . n 
A 1 16  LEU 16  145 145 LEU LEU A . n 
A 1 17  GLU 17  146 146 GLU GLU A . n 
A 1 18  HIS 18  147 147 HIS HIS A . n 
A 1 19  PHE 19  148 148 PHE PHE A . n 
A 1 20  LEU 20  149 149 LEU LEU A . n 
A 1 21  ARG 21  150 150 ARG ARG A . n 
A 1 22  GLN 22  151 151 GLN GLN A . n 
A 1 23  LEU 23  152 152 LEU LEU A . n 
A 1 24  GLN 24  153 153 GLN GLN A . n 
A 1 25  ARG 25  154 154 ARG ARG A . n 
A 1 26  LYS 26  155 155 LYS LYS A . n 
A 1 27  ASP 27  156 156 ASP ASP A . n 
A 1 28  PRO 28  157 157 PRO PRO A . n 
A 1 29  HIS 29  158 158 HIS HIS A . n 
A 1 30  GLY 30  159 159 GLY GLY A . n 
A 1 31  PHE 31  160 160 PHE PHE A . n 
A 1 32  PHE 32  161 161 PHE PHE A . n 
A 1 33  ALA 33  162 162 ALA ALA A . n 
A 1 34  PHE 34  163 163 PHE PHE A . n 
A 1 35  PRO 35  164 164 PRO PRO A . n 
A 1 36  VAL 36  165 165 VAL VAL A . n 
A 1 37  THR 37  166 166 THR THR A . n 
A 1 38  ASP 38  167 167 ASP ASP A . n 
A 1 39  ALA 39  168 168 ALA ALA A . n 
A 1 40  ILE 40  169 169 ILE ILE A . n 
A 1 41  ALA 41  170 170 ALA ALA A . n 
A 1 42  PRO 42  171 171 PRO PRO A . n 
A 1 43  GLY 43  172 172 GLY GLY A . n 
A 1 44  TYR 44  173 173 TYR TYR A . n 
A 1 45  SER 45  174 174 SER SER A . n 
A 1 46  MET 46  175 175 MET MET A . n 
A 1 47  ILE 47  176 176 ILE ILE A . n 
A 1 48  ILE 48  177 177 ILE ILE A . n 
A 1 49  LYS 49  178 178 LYS LYS A . n 
A 1 50  HIS 50  179 179 HIS HIS A . n 
A 1 51  PRO 51  180 180 PRO PRO A . n 
A 1 52  MET 52  181 181 MET MET A . n 
A 1 53  ASP 53  182 182 ASP ASP A . n 
A 1 54  PHE 54  183 183 PHE PHE A . n 
A 1 55  GLY 55  184 184 GLY GLY A . n 
A 1 56  THR 56  185 185 THR THR A . n 
A 1 57  MET 57  186 186 MET MET A . n 
A 1 58  LYS 58  187 187 LYS LYS A . n 
A 1 59  ASP 59  188 188 ASP ASP A . n 
A 1 60  LYS 60  189 189 LYS LYS A . n 
A 1 61  ILE 61  190 190 ILE ILE A . n 
A 1 62  VAL 62  191 191 VAL VAL A . n 
A 1 63  ALA 63  192 192 ALA ALA A . n 
A 1 64  ASN 64  193 193 ASN ASN A . n 
A 1 65  GLU 65  194 194 GLU GLU A . n 
A 1 66  TYR 66  195 195 TYR TYR A . n 
A 1 67  LYS 67  196 196 LYS LYS A . n 
A 1 68  SER 68  197 197 SER SER A . n 
A 1 69  VAL 69  198 198 VAL VAL A . n 
A 1 70  THR 70  199 199 THR THR A . n 
A 1 71  GLU 71  200 200 GLU GLU A . n 
A 1 72  PHE 72  201 201 PHE PHE A . n 
A 1 73  LYS 73  202 202 LYS LYS A . n 
A 1 74  ALA 74  203 203 ALA ALA A . n 
A 1 75  ASP 75  204 204 ASP ASP A . n 
A 1 76  PHE 76  205 205 PHE PHE A . n 
A 1 77  LYS 77  206 206 LYS LYS A . n 
A 1 78  LEU 78  207 207 LEU LEU A . n 
A 1 79  MET 79  208 208 MET MET A . n 
A 1 80  CYS 80  209 209 CYS CYS A . n 
A 1 81  ASP 81  210 210 ASP ASP A . n 
A 1 82  ASN 82  211 211 ASN ASN A . n 
A 1 83  ALA 83  212 212 ALA ALA A . n 
A 1 84  MET 84  213 213 MET MET A . n 
A 1 85  THR 85  214 214 THR THR A . n 
A 1 86  TYR 86  215 215 TYR TYR A . n 
A 1 87  ASN 87  216 216 ASN ASN A . n 
A 1 88  ARG 88  217 217 ARG ARG A . n 
A 1 89  PRO 89  218 218 PRO PRO A . n 
A 1 90  ASP 90  219 219 ASP ASP A . n 
A 1 91  THR 91  220 220 THR THR A . n 
A 1 92  VAL 92  221 221 VAL VAL A . n 
A 1 93  TYR 93  222 222 TYR TYR A . n 
A 1 94  TYR 94  223 223 TYR TYR A . n 
A 1 95  LYS 95  224 224 LYS LYS A . n 
A 1 96  LEU 96  225 225 LEU LEU A . n 
A 1 97  ALA 97  226 226 ALA ALA A . n 
A 1 98  LYS 98  227 227 LYS LYS A . n 
A 1 99  LYS 99  228 228 LYS LYS A . n 
A 1 100 ILE 100 229 229 ILE ILE A . n 
A 1 101 LEU 101 230 230 LEU LEU A . n 
A 1 102 HIS 102 231 231 HIS HIS A . n 
A 1 103 ALA 103 232 232 ALA ALA A . n 
A 1 104 GLY 104 233 233 GLY GLY A . n 
A 1 105 PHE 105 234 234 PHE PHE A . n 
A 1 106 LYS 106 235 235 LYS LYS A . n 
A 1 107 MET 107 236 236 MET MET A . n 
A 1 108 MET 108 237 237 MET MET A . n 
A 1 109 SER 109 238 238 SER SER A . n 
A 1 110 LYS 110 239 239 LYS LYS A . n 
A 1 111 GLU 111 240 240 GLU GLU A . n 
A 1 112 ARG 112 241 241 ARG ARG A . n 
A 1 113 LEU 113 242 242 LEU LEU A . n 
A 1 114 LEU 114 243 243 LEU LEU A . n 
A 1 115 ALA 115 244 244 ALA ALA A . n 
A 1 116 LEU 116 245 245 LEU LEU A . n 
A 1 117 LYS 117 246 246 LYS LYS A . n 
A 1 118 ARG 118 247 247 ARG ARG A . n 
A 1 119 SER 119 248 248 SER SER A . n 
A 1 120 MET 120 249 249 MET MET A . n 
A 1 121 SER 121 250 ?   ?   ?   A . n 
# 
loop_
_pdbx_nonpoly_scheme.asym_id 
_pdbx_nonpoly_scheme.entity_id 
_pdbx_nonpoly_scheme.mon_id 
_pdbx_nonpoly_scheme.ndb_seq_num 
_pdbx_nonpoly_scheme.pdb_seq_num 
_pdbx_nonpoly_scheme.auth_seq_num 
_pdbx_nonpoly_scheme.pdb_mon_id 
_pdbx_nonpoly_scheme.auth_mon_id 
_pdbx_nonpoly_scheme.pdb_strand_id 
_pdbx_nonpoly_scheme.pdb_ins_code 
B 2 QMG 1  301 1  QMG DRG A . 
C 3 HOH 1  401 68 HOH HOH A . 
C 3 HOH 2  402 72 HOH HOH A . 
C 3 HOH 3  403 29 HOH HOH A . 
C 3 HOH 4  404 27 HOH HOH A . 
C 3 HOH 5  405 64 HOH HOH A . 
C 3 HOH 6  406 2  HOH HOH A . 
C 3 HOH 7  407 58 HOH HOH A . 
C 3 HOH 8  408 41 HOH HOH A . 
C 3 HOH 9  409 43 HOH HOH A . 
C 3 HOH 10 410 73 HOH HOH A . 
C 3 HOH 11 411 28 HOH HOH A . 
C 3 HOH 12 412 50 HOH HOH A . 
C 3 HOH 13 413 20 HOH HOH A . 
C 3 HOH 14 414 10 HOH HOH A . 
C 3 HOH 15 415 5  HOH HOH A . 
C 3 HOH 16 416 9  HOH HOH A . 
C 3 HOH 17 417 51 HOH HOH A . 
C 3 HOH 18 418 19 HOH HOH A . 
C 3 HOH 19 419 24 HOH HOH A . 
C 3 HOH 20 420 3  HOH HOH A . 
C 3 HOH 21 421 67 HOH HOH A . 
C 3 HOH 22 422 18 HOH HOH A . 
C 3 HOH 23 423 45 HOH HOH A . 
C 3 HOH 24 424 53 HOH HOH A . 
C 3 HOH 25 425 4  HOH HOH A . 
C 3 HOH 26 426 36 HOH HOH A . 
C 3 HOH 27 427 22 HOH HOH A . 
C 3 HOH 28 428 30 HOH HOH A . 
C 3 HOH 29 429 14 HOH HOH A . 
C 3 HOH 30 430 71 HOH HOH A . 
C 3 HOH 31 431 33 HOH HOH A . 
C 3 HOH 32 432 16 HOH HOH A . 
C 3 HOH 33 433 11 HOH HOH A . 
C 3 HOH 34 434 60 HOH HOH A . 
C 3 HOH 35 435 52 HOH HOH A . 
C 3 HOH 36 436 31 HOH HOH A . 
C 3 HOH 37 437 13 HOH HOH A . 
C 3 HOH 38 438 26 HOH HOH A . 
C 3 HOH 39 439 7  HOH HOH A . 
C 3 HOH 40 440 1  HOH HOH A . 
C 3 HOH 41 441 34 HOH HOH A . 
C 3 HOH 42 442 6  HOH HOH A . 
C 3 HOH 43 443 46 HOH HOH A . 
C 3 HOH 44 444 38 HOH HOH A . 
C 3 HOH 45 445 55 HOH HOH A . 
C 3 HOH 46 446 15 HOH HOH A . 
C 3 HOH 47 447 65 HOH HOH A . 
C 3 HOH 48 448 48 HOH HOH A . 
C 3 HOH 49 449 12 HOH HOH A . 
C 3 HOH 50 450 40 HOH HOH A . 
C 3 HOH 51 451 21 HOH HOH A . 
C 3 HOH 52 452 17 HOH HOH A . 
C 3 HOH 53 453 62 HOH HOH A . 
C 3 HOH 54 454 47 HOH HOH A . 
C 3 HOH 55 455 8  HOH HOH A . 
C 3 HOH 56 456 57 HOH HOH A . 
C 3 HOH 57 457 37 HOH HOH A . 
C 3 HOH 58 458 42 HOH HOH A . 
C 3 HOH 59 459 54 HOH HOH A . 
C 3 HOH 60 460 32 HOH HOH A . 
C 3 HOH 61 461 70 HOH HOH A . 
C 3 HOH 62 462 61 HOH HOH A . 
C 3 HOH 63 463 59 HOH HOH A . 
C 3 HOH 64 464 66 HOH HOH A . 
C 3 HOH 65 465 63 HOH HOH A . 
C 3 HOH 66 466 69 HOH HOH A . 
C 3 HOH 67 467 35 HOH HOH A . 
C 3 HOH 68 468 56 HOH HOH A . 
C 3 HOH 69 469 49 HOH HOH A . 
C 3 HOH 70 470 23 HOH HOH A . 
# 
loop_
_pdbx_unobs_or_zero_occ_atoms.id 
_pdbx_unobs_or_zero_occ_atoms.PDB_model_num 
_pdbx_unobs_or_zero_occ_atoms.polymer_flag 
_pdbx_unobs_or_zero_occ_atoms.occupancy_flag 
_pdbx_unobs_or_zero_occ_atoms.auth_asym_id 
_pdbx_unobs_or_zero_occ_atoms.auth_comp_id 
_pdbx_unobs_or_zero_occ_atoms.auth_seq_id 
_pdbx_unobs_or_zero_occ_atoms.PDB_ins_code 
_pdbx_unobs_or_zero_occ_atoms.auth_atom_id 
_pdbx_unobs_or_zero_occ_atoms.label_alt_id 
_pdbx_unobs_or_zero_occ_atoms.label_asym_id 
_pdbx_unobs_or_zero_occ_atoms.label_comp_id 
_pdbx_unobs_or_zero_occ_atoms.label_seq_id 
_pdbx_unobs_or_zero_occ_atoms.label_atom_id 
1  1 Y 1 A GLU 137 ? CG  ? A GLU 8   CG  
2  1 Y 1 A GLU 137 ? CD  ? A GLU 8   CD  
3  1 Y 1 A GLU 137 ? OE1 ? A GLU 8   OE1 
4  1 Y 1 A GLU 137 ? OE2 ? A GLU 8   OE2 
5  1 Y 1 A LYS 196 ? CG  ? A LYS 67  CG  
6  1 Y 1 A LYS 196 ? CD  ? A LYS 67  CD  
7  1 Y 1 A LYS 196 ? CE  ? A LYS 67  CE  
8  1 Y 1 A LYS 196 ? NZ  ? A LYS 67  NZ  
9  1 Y 0 A LYS 206 ? CD  ? A LYS 77  CD  
10 1 Y 0 A LYS 206 ? CE  ? A LYS 77  CE  
11 1 Y 0 A LYS 206 ? NZ  ? A LYS 77  NZ  
12 1 Y 1 A GLU 240 ? CG  ? A GLU 111 CG  
13 1 Y 1 A GLU 240 ? CD  ? A GLU 111 CD  
14 1 Y 1 A GLU 240 ? OE1 ? A GLU 111 OE1 
15 1 Y 1 A GLU 240 ? OE2 ? A GLU 111 OE2 
16 1 Y 1 A ARG 247 ? CG  ? A ARG 118 CG  
17 1 Y 1 A ARG 247 ? CD  ? A ARG 118 CD  
18 1 Y 1 A ARG 247 ? NE  ? A ARG 118 NE  
19 1 Y 1 A ARG 247 ? CZ  ? A ARG 118 CZ  
20 1 Y 1 A ARG 247 ? NH1 ? A ARG 118 NH1 
21 1 Y 1 A ARG 247 ? NH2 ? A ARG 118 NH2 
22 1 Y 1 A MET 249 ? CG  ? A MET 120 CG  
23 1 Y 1 A MET 249 ? SD  ? A MET 120 SD  
24 1 Y 1 A MET 249 ? CE  ? A MET 120 CE  
# 
loop_
_software.citation_id 
_software.classification 
_software.compiler_name 
_software.compiler_version 
_software.contact_author 
_software.contact_author_email 
_software.date 
_software.description 
_software.dependencies 
_software.hardware 
_software.language 
_software.location 
_software.mods 
_software.name 
_software.os 
_software.os_version 
_software.type 
_software.version 
_software.pdbx_ordinal 
? 'data scaling'    ? ? ? ? ? ? ? ? ? ? ? Aimless     ? ? ? 0.5.25   1 
? phasing           ? ? ? ? ? ? ? ? ? ? ? PHASER      ? ? ? 2.6.1    2 
? refinement        ? ? ? ? ? ? ? ? ? ? ? REFMAC      ? ? ? 5.8.0155 3 
? 'data extraction' ? ? ? ? ? ? ? ? ? ? ? PDB_EXTRACT ? ? ? 3.25     4 
? 'data reduction'  ? ? ? ? ? ? ? ? ? ? ? iMOSFLM     ? ? ? .        5 
# 
_cell.angle_alpha                  90.000 
_cell.angle_alpha_esd              ? 
_cell.angle_beta                   101.720 
_cell.angle_beta_esd               ? 
_cell.angle_gamma                  90.000 
_cell.angle_gamma_esd              ? 
_cell.entry_id                     6Y7L 
_cell.details                      ? 
_cell.formula_units_Z              ? 
_cell.length_a                     107.075 
_cell.length_a_esd                 ? 
_cell.length_b                     41.435 
_cell.length_b_esd                 ? 
_cell.length_c                     29.681 
_cell.length_c_esd                 ? 
_cell.volume                       ? 
_cell.volume_esd                   ? 
_cell.Z_PDB                        4 
_cell.reciprocal_angle_alpha       ? 
_cell.reciprocal_angle_beta        ? 
_cell.reciprocal_angle_gamma       ? 
_cell.reciprocal_angle_alpha_esd   ? 
_cell.reciprocal_angle_beta_esd    ? 
_cell.reciprocal_angle_gamma_esd   ? 
_cell.reciprocal_length_a          ? 
_cell.reciprocal_length_b          ? 
_cell.reciprocal_length_c          ? 
_cell.reciprocal_length_a_esd      ? 
_cell.reciprocal_length_b_esd      ? 
_cell.reciprocal_length_c_esd      ? 
_cell.pdbx_unique_axis             ? 
# 
_symmetry.entry_id                         6Y7L 
_symmetry.cell_setting                     ? 
_symmetry.Int_Tables_number                5 
_symmetry.space_group_name_Hall            ? 
_symmetry.space_group_name_H-M             'C 1 2 1' 
_symmetry.pdbx_full_space_group_name_H-M   ? 
# 
_exptl.absorpt_coefficient_mu     ? 
_exptl.absorpt_correction_T_max   ? 
_exptl.absorpt_correction_T_min   ? 
_exptl.absorpt_correction_type    ? 
_exptl.absorpt_process_details    ? 
_exptl.entry_id                   6Y7L 
_exptl.crystals_number            1 
_exptl.details                    ? 
_exptl.method                     'X-RAY DIFFRACTION' 
_exptl.method_details             ? 
# 
_exptl_crystal.colour                      ? 
_exptl_crystal.density_diffrn              ? 
_exptl_crystal.density_Matthews            2.30 
_exptl_crystal.density_method              ? 
_exptl_crystal.density_percent_sol         46.46 
_exptl_crystal.description                 ? 
_exptl_crystal.F_000                       ? 
_exptl_crystal.id                          1 
_exptl_crystal.preparation                 ? 
_exptl_crystal.size_max                    ? 
_exptl_crystal.size_mid                    ? 
_exptl_crystal.size_min                    ? 
_exptl_crystal.size_rad                    ? 
_exptl_crystal.colour_lustre               ? 
_exptl_crystal.colour_modifier             ? 
_exptl_crystal.colour_primary              ? 
_exptl_crystal.density_meas                ? 
_exptl_crystal.density_meas_esd            ? 
_exptl_crystal.density_meas_gt             ? 
_exptl_crystal.density_meas_lt             ? 
_exptl_crystal.density_meas_temp           ? 
_exptl_crystal.density_meas_temp_esd       ? 
_exptl_crystal.density_meas_temp_gt        ? 
_exptl_crystal.density_meas_temp_lt        ? 
_exptl_crystal.pdbx_crystal_image_url      ? 
_exptl_crystal.pdbx_crystal_image_format   ? 
_exptl_crystal.pdbx_mosaicity              ? 
_exptl_crystal.pdbx_mosaicity_esd          ? 
# 
_exptl_crystal_grow.apparatus       ? 
_exptl_crystal_grow.atmosphere      ? 
_exptl_crystal_grow.crystal_id      1 
_exptl_crystal_grow.details         ? 
_exptl_crystal_grow.method          'VAPOR DIFFUSION, SITTING DROP' 
_exptl_crystal_grow.method_ref      ? 
_exptl_crystal_grow.pH              8.5 
_exptl_crystal_grow.pressure        ? 
_exptl_crystal_grow.pressure_esd    ? 
_exptl_crystal_grow.seeding         ? 
_exptl_crystal_grow.seeding_ref     ? 
_exptl_crystal_grow.temp            277 
_exptl_crystal_grow.temp_details    ? 
_exptl_crystal_grow.temp_esd        ? 
_exptl_crystal_grow.time            ? 
_exptl_crystal_grow.pdbx_details    '0.2M sodium chloride, 25% PEG3350, 0.1M tris pH 8.5' 
_exptl_crystal_grow.pdbx_pH_range   ? 
# 
_diffrn.ambient_environment              ? 
_diffrn.ambient_temp                     80 
_diffrn.ambient_temp_details             ? 
_diffrn.ambient_temp_esd                 ? 
_diffrn.crystal_id                       1 
_diffrn.crystal_support                  ? 
_diffrn.crystal_treatment                ? 
_diffrn.details                          ? 
_diffrn.id                               1 
_diffrn.ambient_pressure                 ? 
_diffrn.ambient_pressure_esd             ? 
_diffrn.ambient_pressure_gt              ? 
_diffrn.ambient_pressure_lt              ? 
_diffrn.ambient_temp_gt                  ? 
_diffrn.ambient_temp_lt                  ? 
_diffrn.pdbx_serial_crystal_experiment   N 
# 
_diffrn_detector.details                      ? 
_diffrn_detector.detector                     PIXEL 
_diffrn_detector.diffrn_id                    1 
_diffrn_detector.type                         'DECTRIS PILATUS 6M' 
_diffrn_detector.area_resol_mean              ? 
_diffrn_detector.dtime                        ? 
_diffrn_detector.pdbx_frames_total            ? 
_diffrn_detector.pdbx_collection_time_total   ? 
_diffrn_detector.pdbx_collection_date         2016-04-28 
_diffrn_detector.pdbx_frequency               ? 
# 
_diffrn_radiation.collimation                      ? 
_diffrn_radiation.diffrn_id                        1 
_diffrn_radiation.filter_edge                      ? 
_diffrn_radiation.inhomogeneity                    ? 
_diffrn_radiation.monochromator                    ? 
_diffrn_radiation.polarisn_norm                    ? 
_diffrn_radiation.polarisn_ratio                   ? 
_diffrn_radiation.probe                            ? 
_diffrn_radiation.type                             ? 
_diffrn_radiation.xray_symbol                      ? 
_diffrn_radiation.wavelength_id                    1 
_diffrn_radiation.pdbx_monochromatic_or_laue_m_l   M 
_diffrn_radiation.pdbx_wavelength_list             ? 
_diffrn_radiation.pdbx_wavelength                  ? 
_diffrn_radiation.pdbx_diffrn_protocol             'SINGLE WAVELENGTH' 
_diffrn_radiation.pdbx_analyzer                    ? 
_diffrn_radiation.pdbx_scattering_type             x-ray 
# 
_diffrn_radiation_wavelength.id           1 
_diffrn_radiation_wavelength.wavelength   0.97625 
_diffrn_radiation_wavelength.wt           1.0 
# 
_diffrn_source.current                     ? 
_diffrn_source.details                     ? 
_diffrn_source.diffrn_id                   1 
_diffrn_source.power                       ? 
_diffrn_source.size                        ? 
_diffrn_source.source                      SYNCHROTRON 
_diffrn_source.target                      ? 
_diffrn_source.type                        'DIAMOND BEAMLINE I03' 
_diffrn_source.voltage                     ? 
_diffrn_source.take-off_angle              ? 
_diffrn_source.pdbx_wavelength_list        0.97625 
_diffrn_source.pdbx_wavelength             ? 
_diffrn_source.pdbx_synchrotron_beamline   I03 
_diffrn_source.pdbx_synchrotron_site       Diamond 
# 
_reflns.B_iso_Wilson_estimate            ? 
_reflns.entry_id                         6Y7L 
_reflns.data_reduction_details           ? 
_reflns.data_reduction_method            ? 
_reflns.d_resolution_high                1.800 
_reflns.d_resolution_low                 52.42 
_reflns.details                          ? 
_reflns.limit_h_max                      ? 
_reflns.limit_h_min                      ? 
_reflns.limit_k_max                      ? 
_reflns.limit_k_min                      ? 
_reflns.limit_l_max                      ? 
_reflns.limit_l_min                      ? 
_reflns.number_all                       ? 
_reflns.number_obs                       11846 
_reflns.observed_criterion               ? 
_reflns.observed_criterion_F_max         ? 
_reflns.observed_criterion_F_min         ? 
_reflns.observed_criterion_I_max         ? 
_reflns.observed_criterion_I_min         ? 
_reflns.observed_criterion_sigma_F       ? 
_reflns.observed_criterion_sigma_I       ? 
_reflns.percent_possible_obs             99.100 
_reflns.R_free_details                   ? 
_reflns.Rmerge_F_all                     ? 
_reflns.Rmerge_F_obs                     ? 
_reflns.Friedel_coverage                 ? 
_reflns.number_gt                        ? 
_reflns.threshold_expression             ? 
_reflns.pdbx_redundancy                  4.600 
_reflns.pdbx_Rmerge_I_obs                0.052 
_reflns.pdbx_Rmerge_I_all                ? 
_reflns.pdbx_Rsym_value                  ? 
_reflns.pdbx_netI_over_av_sigmaI         ? 
_reflns.pdbx_netI_over_sigmaI            17.600 
_reflns.pdbx_res_netI_over_av_sigmaI_2   ? 
_reflns.pdbx_res_netI_over_sigmaI_2      ? 
_reflns.pdbx_chi_squared                 ? 
_reflns.pdbx_scaling_rejects             ? 
_reflns.pdbx_d_res_high_opt              ? 
_reflns.pdbx_d_res_low_opt               ? 
_reflns.pdbx_d_res_opt_method            ? 
_reflns.phase_calculation_details        ? 
_reflns.pdbx_Rrim_I_all                  0.058 
_reflns.pdbx_Rpim_I_all                  0.026 
_reflns.pdbx_d_opt                       ? 
_reflns.pdbx_number_measured_all         ? 
_reflns.pdbx_diffrn_id                   1 
_reflns.pdbx_ordinal                     1 
_reflns.pdbx_CC_half                     0.998 
_reflns.pdbx_CC_star                     ? 
_reflns.pdbx_R_split                     ? 
# 
loop_
_reflns_shell.d_res_high 
_reflns_shell.d_res_low 
_reflns_shell.meanI_over_sigI_all 
_reflns_shell.meanI_over_sigI_obs 
_reflns_shell.number_measured_all 
_reflns_shell.number_measured_obs 
_reflns_shell.number_possible 
_reflns_shell.number_unique_all 
_reflns_shell.number_unique_obs 
_reflns_shell.percent_possible_all 
_reflns_shell.percent_possible_obs 
_reflns_shell.Rmerge_F_all 
_reflns_shell.Rmerge_F_obs 
_reflns_shell.Rmerge_I_all 
_reflns_shell.Rmerge_I_obs 
_reflns_shell.meanI_over_sigI_gt 
_reflns_shell.meanI_over_uI_all 
_reflns_shell.meanI_over_uI_gt 
_reflns_shell.number_measured_gt 
_reflns_shell.number_unique_gt 
_reflns_shell.percent_possible_gt 
_reflns_shell.Rmerge_F_gt 
_reflns_shell.Rmerge_I_gt 
_reflns_shell.pdbx_redundancy 
_reflns_shell.pdbx_Rsym_value 
_reflns_shell.pdbx_chi_squared 
_reflns_shell.pdbx_netI_over_sigmaI_all 
_reflns_shell.pdbx_netI_over_sigmaI_obs 
_reflns_shell.pdbx_Rrim_I_all 
_reflns_shell.pdbx_Rpim_I_all 
_reflns_shell.pdbx_rejects 
_reflns_shell.pdbx_ordinal 
_reflns_shell.pdbx_diffrn_id 
_reflns_shell.pdbx_CC_half 
_reflns_shell.pdbx_CC_star 
_reflns_shell.pdbx_R_split 
1.800 1.840  ? ? 1890 ? ? ? 627 91.100 ? ? ? ? 0.241 ? ? ? ? ? ? ? ? 3.000 ? ? ? 4.400  0.288 0.154 ? 1 1 0.924 ? ? 
9.000 27.940 ? ? 457  ? ? ? 102 95.100 ? ? ? ? 0.036 ? ? ? ? ? ? ? ? 4.500 ? ? ? 33.900 0.040 0.018 ? 2 1 0.998 ? ? 
# 
_refine.aniso_B[1][1]                            -1.3300 
_refine.aniso_B[1][2]                            -0.0000 
_refine.aniso_B[1][3]                            0.0600 
_refine.aniso_B[2][2]                            -0.8800 
_refine.aniso_B[2][3]                            0.0000 
_refine.aniso_B[3][3]                            2.0100 
_refine.B_iso_max                                67.830 
_refine.B_iso_mean                               26.0840 
_refine.B_iso_min                                12.930 
_refine.correlation_coeff_Fo_to_Fc               0.9660 
_refine.correlation_coeff_Fo_to_Fc_free          0.9560 
_refine.details                                  
'HYDROGENS HAVE BEEN ADDED IN THE RIDING POSITIONS U VALUES      : REFINED INDIVIDUALLY' 
_refine.diff_density_max                         ? 
_refine.diff_density_max_esd                     ? 
_refine.diff_density_min                         ? 
_refine.diff_density_min_esd                     ? 
_refine.diff_density_rms                         ? 
_refine.diff_density_rms_esd                     ? 
_refine.entry_id                                 6Y7L 
_refine.pdbx_refine_id                           'X-RAY DIFFRACTION' 
_refine.ls_abs_structure_details                 ? 
_refine.ls_abs_structure_Flack                   ? 
_refine.ls_abs_structure_Flack_esd               ? 
_refine.ls_abs_structure_Rogers                  ? 
_refine.ls_abs_structure_Rogers_esd              ? 
_refine.ls_d_res_high                            1.8000 
_refine.ls_d_res_low                             52.420 
_refine.ls_extinction_coef                       ? 
_refine.ls_extinction_coef_esd                   ? 
_refine.ls_extinction_expression                 ? 
_refine.ls_extinction_method                     ? 
_refine.ls_goodness_of_fit_all                   ? 
_refine.ls_goodness_of_fit_all_esd               ? 
_refine.ls_goodness_of_fit_obs                   ? 
_refine.ls_goodness_of_fit_obs_esd               ? 
_refine.ls_hydrogen_treatment                    ? 
_refine.ls_matrix_type                           ? 
_refine.ls_number_constraints                    ? 
_refine.ls_number_parameters                     ? 
_refine.ls_number_reflns_all                     ? 
_refine.ls_number_reflns_obs                     11205 
_refine.ls_number_reflns_R_free                  640 
_refine.ls_number_reflns_R_work                  ? 
_refine.ls_number_restraints                     ? 
_refine.ls_percent_reflns_obs                    99.0300 
_refine.ls_percent_reflns_R_free                 5.4000 
_refine.ls_R_factor_all                          ? 
_refine.ls_R_factor_obs                          0.1641 
_refine.ls_R_factor_R_free                       0.1900 
_refine.ls_R_factor_R_free_error                 ? 
_refine.ls_R_factor_R_free_error_details         ? 
_refine.ls_R_factor_R_work                       0.1626 
_refine.ls_R_Fsqd_factor_obs                     ? 
_refine.ls_R_I_factor_obs                        ? 
_refine.ls_redundancy_reflns_all                 ? 
_refine.ls_redundancy_reflns_obs                 ? 
_refine.ls_restrained_S_all                      ? 
_refine.ls_restrained_S_obs                      ? 
_refine.ls_shift_over_esd_max                    ? 
_refine.ls_shift_over_esd_mean                   ? 
_refine.ls_structure_factor_coef                 ? 
_refine.ls_weighting_details                     ? 
_refine.ls_weighting_scheme                      ? 
_refine.ls_wR_factor_all                         ? 
_refine.ls_wR_factor_obs                         ? 
_refine.ls_wR_factor_R_free                      ? 
_refine.ls_wR_factor_R_work                      ? 
_refine.occupancy_max                            ? 
_refine.occupancy_min                            ? 
_refine.solvent_model_details                    ? 
_refine.solvent_model_param_bsol                 ? 
_refine.solvent_model_param_ksol                 ? 
_refine.pdbx_R_complete                          ? 
_refine.ls_R_factor_gt                           ? 
_refine.ls_goodness_of_fit_gt                    ? 
_refine.ls_goodness_of_fit_ref                   ? 
_refine.ls_shift_over_su_max                     ? 
_refine.ls_shift_over_su_max_lt                  ? 
_refine.ls_shift_over_su_mean                    ? 
_refine.ls_shift_over_su_mean_lt                 ? 
_refine.pdbx_ls_sigma_I                          ? 
_refine.pdbx_ls_sigma_F                          0.000 
_refine.pdbx_ls_sigma_Fsqd                       ? 
_refine.pdbx_data_cutoff_high_absF               ? 
_refine.pdbx_data_cutoff_high_rms_absF           ? 
_refine.pdbx_data_cutoff_low_absF                ? 
_refine.pdbx_isotropic_thermal_model             ? 
_refine.pdbx_ls_cross_valid_method               THROUGHOUT 
_refine.pdbx_method_to_determine_struct          'MOLECULAR REPLACEMENT' 
_refine.pdbx_starting_model                      5MQ1 
_refine.pdbx_stereochemistry_target_values       ? 
_refine.pdbx_R_Free_selection_details            RANDOM 
_refine.pdbx_stereochem_target_val_spec_case     ? 
_refine.pdbx_overall_ESU_R                       0.1140 
_refine.pdbx_overall_ESU_R_Free                  0.1060 
_refine.pdbx_solvent_vdw_probe_radii             1.2000 
_refine.pdbx_solvent_ion_probe_radii             0.8000 
_refine.pdbx_solvent_shrinkage_radii             0.8000 
_refine.pdbx_real_space_R                        ? 
_refine.pdbx_density_correlation                 ? 
_refine.pdbx_pd_number_of_powder_patterns        ? 
_refine.pdbx_pd_number_of_points                 ? 
_refine.pdbx_pd_meas_number_of_points            ? 
_refine.pdbx_pd_proc_ls_prof_R_factor            ? 
_refine.pdbx_pd_proc_ls_prof_wR_factor           ? 
_refine.pdbx_pd_Marquardt_correlation_coeff      ? 
_refine.pdbx_pd_Fsqrd_R_factor                   ? 
_refine.pdbx_pd_ls_matrix_band_width             ? 
_refine.pdbx_overall_phase_error                 ? 
_refine.pdbx_overall_SU_R_free_Cruickshank_DPI   ? 
_refine.pdbx_overall_SU_R_free_Blow_DPI          ? 
_refine.pdbx_overall_SU_R_Blow_DPI               ? 
_refine.pdbx_TLS_residual_ADP_flag               ? 
_refine.pdbx_diffrn_id                           1 
_refine.overall_SU_B                             2.2110 
_refine.overall_SU_ML                            0.0700 
_refine.overall_SU_R_Cruickshank_DPI             ? 
_refine.overall_SU_R_free                        ? 
_refine.overall_FOM_free_R_set                   ? 
_refine.overall_FOM_work_R_set                   ? 
_refine.pdbx_average_fsc_overall                 ? 
_refine.pdbx_average_fsc_work                    ? 
_refine.pdbx_average_fsc_free                    ? 
# 
_refine_hist.pdbx_refine_id                   'X-RAY DIFFRACTION' 
_refine_hist.cycle_id                         final 
_refine_hist.details                          ? 
_refine_hist.d_res_high                       1.8000 
_refine_hist.d_res_low                        52.420 
_refine_hist.number_atoms_solvent             70 
_refine_hist.number_atoms_total               996 
_refine_hist.number_reflns_all                ? 
_refine_hist.number_reflns_obs                ? 
_refine_hist.number_reflns_R_free             ? 
_refine_hist.number_reflns_R_work             ? 
_refine_hist.R_factor_all                     ? 
_refine_hist.R_factor_obs                     ? 
_refine_hist.R_factor_R_free                  ? 
_refine_hist.R_factor_R_work                  ? 
_refine_hist.pdbx_number_residues_total       113 
_refine_hist.pdbx_B_iso_mean_ligand           18.25 
_refine_hist.pdbx_B_iso_mean_solvent          31.46 
_refine_hist.pdbx_number_atoms_protein        901 
_refine_hist.pdbx_number_atoms_nucleic_acid   0 
_refine_hist.pdbx_number_atoms_ligand         25 
_refine_hist.pdbx_number_atoms_lipid          ? 
_refine_hist.pdbx_number_atoms_carb           ? 
_refine_hist.pdbx_pseudo_atom_details         ? 
# 
loop_
_refine_ls_restr.pdbx_refine_id 
_refine_ls_restr.criterion 
_refine_ls_restr.dev_ideal 
_refine_ls_restr.dev_ideal_target 
_refine_ls_restr.number 
_refine_ls_restr.rejects 
_refine_ls_restr.type 
_refine_ls_restr.weight 
_refine_ls_restr.pdbx_restraint_function 
'X-RAY DIFFRACTION' ? 0.021  0.019  983  ? r_bond_refined_d       ? ? 
'X-RAY DIFFRACTION' ? 0.004  0.020  983  ? r_bond_other_d         ? ? 
'X-RAY DIFFRACTION' ? 1.940  2.003  1327 ? r_angle_refined_deg    ? ? 
'X-RAY DIFFRACTION' ? 1.084  3.005  2264 ? r_angle_other_deg      ? ? 
'X-RAY DIFFRACTION' ? 4.635  5.000  112  ? r_dihedral_angle_1_deg ? ? 
'X-RAY DIFFRACTION' ? 39.016 23.077 39   ? r_dihedral_angle_2_deg ? ? 
'X-RAY DIFFRACTION' ? 13.765 15.000 187  ? r_dihedral_angle_3_deg ? ? 
'X-RAY DIFFRACTION' ? 17.346 15.000 5    ? r_dihedral_angle_4_deg ? ? 
'X-RAY DIFFRACTION' ? 0.118  0.200  148  ? r_chiral_restr         ? ? 
'X-RAY DIFFRACTION' ? 0.011  0.021  1046 ? r_gen_planes_refined   ? ? 
'X-RAY DIFFRACTION' ? 0.001  0.020  224  ? r_gen_planes_other     ? ? 
# 
_refine_ls_shell.pdbx_refine_id                   'X-RAY DIFFRACTION' 
_refine_ls_shell.d_res_high                       1.8000 
_refine_ls_shell.d_res_low                        1.8470 
_refine_ls_shell.number_reflns_all                806 
_refine_ls_shell.number_reflns_obs                ? 
_refine_ls_shell.number_reflns_R_free             47 
_refine_ls_shell.number_reflns_R_work             759 
_refine_ls_shell.percent_reflns_obs               91.3800 
_refine_ls_shell.percent_reflns_R_free            ? 
_refine_ls_shell.R_factor_all                     ? 
_refine_ls_shell.R_factor_obs                     ? 
_refine_ls_shell.R_factor_R_free                  0.1810 
_refine_ls_shell.R_factor_R_free_error            0.0000 
_refine_ls_shell.R_factor_R_work                  0.1900 
_refine_ls_shell.redundancy_reflns_all            ? 
_refine_ls_shell.redundancy_reflns_obs            ? 
_refine_ls_shell.wR_factor_all                    ? 
_refine_ls_shell.wR_factor_obs                    ? 
_refine_ls_shell.wR_factor_R_free                 ? 
_refine_ls_shell.wR_factor_R_work                 ? 
_refine_ls_shell.pdbx_R_complete                  ? 
_refine_ls_shell.pdbx_total_number_of_bins_used   20 
_refine_ls_shell.pdbx_phase_error                 ? 
_refine_ls_shell.pdbx_fsc_work                    ? 
_refine_ls_shell.pdbx_fsc_free                    ? 
# 
_struct.entry_id                     6Y7L 
_struct.title                        'Structure of the BRD9 bromodomain and TP-472' 
_struct.pdbx_model_details           ? 
_struct.pdbx_formula_weight          ? 
_struct.pdbx_formula_weight_method   ? 
_struct.pdbx_model_type_details      ? 
_struct.pdbx_CASP_flag               N 
# 
_struct_keywords.entry_id        6Y7L 
_struct_keywords.text            'BRD9, Bromodomain-containing protein 9, STRUCTURAL GENOMICS' 
_struct_keywords.pdbx_keywords   'STRUCTURAL GENOMICS' 
# 
loop_
_struct_asym.id 
_struct_asym.pdbx_blank_PDB_chainid_flag 
_struct_asym.pdbx_modified 
_struct_asym.entity_id 
_struct_asym.details 
A N N 1 ? 
B N N 2 ? 
C N N 3 ? 
# 
_struct_ref.id                         1 
_struct_ref.db_name                    UNP 
_struct_ref.db_code                    BRD9_HUMAN 
_struct_ref.pdbx_db_accession          Q9H8M2 
_struct_ref.pdbx_db_isoform            Q9H8M2-1 
_struct_ref.entity_id                  1 
_struct_ref.pdbx_seq_one_letter_code   
;LKLSAENESTPIQQLLEHFLRQLQRKDPHGFFAFPVTDAIAPGYSMIIKHPMDFGTMKDKIVANEYKSVTEFKADFKLMC
DNAMTYNRPDTVYYKLAKKILHAGFKMMSKERLLALKRSMS
;
_struct_ref.pdbx_align_begin           14 
# 
_struct_ref_seq.align_id                      1 
_struct_ref_seq.ref_id                        1 
_struct_ref_seq.pdbx_PDB_id_code              6Y7L 
_struct_ref_seq.pdbx_strand_id                A 
_struct_ref_seq.seq_align_beg                 1 
_struct_ref_seq.pdbx_seq_align_beg_ins_code   ? 
_struct_ref_seq.seq_align_end                 121 
_struct_ref_seq.pdbx_seq_align_end_ins_code   ? 
_struct_ref_seq.pdbx_db_accession             Q9H8M2 
_struct_ref_seq.db_align_beg                  14 
_struct_ref_seq.pdbx_db_align_beg_ins_code    ? 
_struct_ref_seq.db_align_end                  134 
_struct_ref_seq.pdbx_db_align_end_ins_code    ? 
_struct_ref_seq.pdbx_auth_seq_align_beg       130 
_struct_ref_seq.pdbx_auth_seq_align_end       250 
# 
_pdbx_struct_assembly.id                   1 
_pdbx_struct_assembly.details              author_and_software_defined_assembly 
_pdbx_struct_assembly.method_details       PISA 
_pdbx_struct_assembly.oligomeric_details   monomeric 
_pdbx_struct_assembly.oligomeric_count     1 
# 
loop_
_pdbx_struct_assembly_prop.biol_id 
_pdbx_struct_assembly_prop.type 
_pdbx_struct_assembly_prop.value 
_pdbx_struct_assembly_prop.details 
1 'ABSA (A^2)' 0    ? 
1 MORE         0    ? 
1 'SSA (A^2)'  7000 ? 
# 
_pdbx_struct_assembly_gen.assembly_id       1 
_pdbx_struct_assembly_gen.oper_expression   1 
_pdbx_struct_assembly_gen.asym_id_list      A,B,C 
# 
_pdbx_struct_assembly_auth_evidence.id                     1 
_pdbx_struct_assembly_auth_evidence.assembly_id            1 
_pdbx_struct_assembly_auth_evidence.experimental_support   'gel filtration' 
_pdbx_struct_assembly_auth_evidence.details                ? 
# 
_pdbx_struct_oper_list.id                   1 
_pdbx_struct_oper_list.type                 'identity operation' 
_pdbx_struct_oper_list.name                 1_555 
_pdbx_struct_oper_list.symmetry_operation   x,y,z 
_pdbx_struct_oper_list.matrix[1][1]         1.0000000000 
_pdbx_struct_oper_list.matrix[1][2]         0.0000000000 
_pdbx_struct_oper_list.matrix[1][3]         0.0000000000 
_pdbx_struct_oper_list.vector[1]            0.0000000000 
_pdbx_struct_oper_list.matrix[2][1]         0.0000000000 
_pdbx_struct_oper_list.matrix[2][2]         1.0000000000 
_pdbx_struct_oper_list.matrix[2][3]         0.0000000000 
_pdbx_struct_oper_list.vector[2]            0.0000000000 
_pdbx_struct_oper_list.matrix[3][1]         0.0000000000 
_pdbx_struct_oper_list.matrix[3][2]         0.0000000000 
_pdbx_struct_oper_list.matrix[3][3]         1.0000000000 
_pdbx_struct_oper_list.vector[3]            0.0000000000 
# 
loop_
_struct_conf.conf_type_id 
_struct_conf.id 
_struct_conf.pdbx_PDB_helix_id 
_struct_conf.beg_label_comp_id 
_struct_conf.beg_label_asym_id 
_struct_conf.beg_label_seq_id 
_struct_conf.pdbx_beg_PDB_ins_code 
_struct_conf.end_label_comp_id 
_struct_conf.end_label_asym_id 
_struct_conf.end_label_seq_id 
_struct_conf.pdbx_end_PDB_ins_code 
_struct_conf.beg_auth_comp_id 
_struct_conf.beg_auth_asym_id 
_struct_conf.beg_auth_seq_id 
_struct_conf.end_auth_comp_id 
_struct_conf.end_auth_asym_id 
_struct_conf.end_auth_seq_id 
_struct_conf.pdbx_PDB_helix_class 
_struct_conf.details 
_struct_conf.pdbx_PDB_helix_length 
HELX_P HELX_P1 AA1 THR A 10  ? LYS A 26  ? THR A 139 LYS A 155 1 ? 17 
HELX_P HELX_P2 AA2 GLY A 43  ? ILE A 48  ? GLY A 172 ILE A 177 1 ? 6  
HELX_P HELX_P3 AA3 ASP A 53  ? ALA A 63  ? ASP A 182 ALA A 192 1 ? 11 
HELX_P HELX_P4 AA4 SER A 68  ? ASN A 87  ? SER A 197 ASN A 216 1 ? 20 
HELX_P HELX_P5 AA5 THR A 91  ? MET A 108 ? THR A 220 MET A 237 1 ? 18 
HELX_P HELX_P6 AA6 SER A 109 ? MET A 120 ? SER A 238 MET A 249 1 ? 12 
# 
_struct_conf_type.id          HELX_P 
_struct_conf_type.criteria    ? 
_struct_conf_type.reference   ? 
# 
_struct_site.id                   AC1 
_struct_site.pdbx_evidence_code   Software 
_struct_site.pdbx_auth_asym_id    A 
_struct_site.pdbx_auth_comp_id    QMG 
_struct_site.pdbx_auth_seq_id     301 
_struct_site.pdbx_auth_ins_code   ? 
_struct_site.pdbx_num_residues    10 
_struct_site.details              'binding site for residue QMG A 301' 
# 
loop_
_struct_site_gen.id 
_struct_site_gen.site_id 
_struct_site_gen.pdbx_num_res 
_struct_site_gen.label_comp_id 
_struct_site_gen.label_asym_id 
_struct_site_gen.label_seq_id 
_struct_site_gen.pdbx_auth_ins_code 
_struct_site_gen.auth_comp_id 
_struct_site_gen.auth_asym_id 
_struct_site_gen.auth_seq_id 
_struct_site_gen.label_atom_id 
_struct_site_gen.label_alt_id 
_struct_site_gen.symmetry 
_struct_site_gen.details 
1  AC1 10 PHE A 31  ? PHE A 160 . ? 1_555 ? 
2  AC1 10 PHE A 32  ? PHE A 161 . ? 1_555 ? 
3  AC1 10 VAL A 36  ? VAL A 165 . ? 1_555 ? 
4  AC1 10 ILE A 40  ? ILE A 169 . ? 1_555 ? 
5  AC1 10 ASN A 87  ? ASN A 216 . ? 1_555 ? 
6  AC1 10 TYR A 93  ? TYR A 222 . ? 1_555 ? 
7  AC1 10 LYS A 98  ? LYS A 227 . ? 4_747 ? 
8  AC1 10 HIS A 102 ? HIS A 231 . ? 4_747 ? 
9  AC1 10 HOH C .   ? HOH A 406 . ? 1_555 ? 
10 AC1 10 HOH C .   ? HOH A 448 . ? 1_555 ? 
# 
_pdbx_validate_close_contact.id               1 
_pdbx_validate_close_contact.PDB_model_num    1 
_pdbx_validate_close_contact.auth_atom_id_1   OD2 
_pdbx_validate_close_contact.auth_asym_id_1   A 
_pdbx_validate_close_contact.auth_comp_id_1   ASP 
_pdbx_validate_close_contact.auth_seq_id_1    219 
_pdbx_validate_close_contact.PDB_ins_code_1   ? 
_pdbx_validate_close_contact.label_alt_id_1   ? 
_pdbx_validate_close_contact.auth_atom_id_2   O 
_pdbx_validate_close_contact.auth_asym_id_2   A 
_pdbx_validate_close_contact.auth_comp_id_2   HOH 
_pdbx_validate_close_contact.auth_seq_id_2    401 
_pdbx_validate_close_contact.PDB_ins_code_2   ? 
_pdbx_validate_close_contact.label_alt_id_2   ? 
_pdbx_validate_close_contact.dist             2.19 
# 
loop_
_pdbx_validate_rmsd_bond.id 
_pdbx_validate_rmsd_bond.PDB_model_num 
_pdbx_validate_rmsd_bond.auth_atom_id_1 
_pdbx_validate_rmsd_bond.auth_asym_id_1 
_pdbx_validate_rmsd_bond.auth_comp_id_1 
_pdbx_validate_rmsd_bond.auth_seq_id_1 
_pdbx_validate_rmsd_bond.PDB_ins_code_1 
_pdbx_validate_rmsd_bond.label_alt_id_1 
_pdbx_validate_rmsd_bond.auth_atom_id_2 
_pdbx_validate_rmsd_bond.auth_asym_id_2 
_pdbx_validate_rmsd_bond.auth_comp_id_2 
_pdbx_validate_rmsd_bond.auth_seq_id_2 
_pdbx_validate_rmsd_bond.PDB_ins_code_2 
_pdbx_validate_rmsd_bond.label_alt_id_2 
_pdbx_validate_rmsd_bond.bond_value 
_pdbx_validate_rmsd_bond.bond_target_value 
_pdbx_validate_rmsd_bond.bond_deviation 
_pdbx_validate_rmsd_bond.bond_standard_deviation 
_pdbx_validate_rmsd_bond.linker_flag 
1 1 CG A PHE 205 ? ? CD2 A PHE 205 ? ? 1.283 1.383 -0.100 0.015 N 
2 1 CG A LYS 206 ? ? CD  A LYS 206 ? ? 1.310 1.520 -0.210 0.034 N 
# 
_pdbx_phasing_MR.entry_id                     6Y7L 
_pdbx_phasing_MR.method_rotation              ? 
_pdbx_phasing_MR.method_translation           ? 
_pdbx_phasing_MR.model_details                'Phaser MODE: MR_AUTO' 
_pdbx_phasing_MR.R_factor                     ? 
_pdbx_phasing_MR.R_rigid_body                 ? 
_pdbx_phasing_MR.correlation_coeff_Fo_to_Fc   ? 
_pdbx_phasing_MR.correlation_coeff_Io_to_Ic   ? 
_pdbx_phasing_MR.d_res_high_rotation          1.800 
_pdbx_phasing_MR.d_res_low_rotation           26.710 
_pdbx_phasing_MR.d_res_high_translation       1.800 
_pdbx_phasing_MR.d_res_low_translation        26.710 
_pdbx_phasing_MR.packing                      ? 
_pdbx_phasing_MR.reflns_percent_rotation      ? 
_pdbx_phasing_MR.reflns_percent_translation   ? 
_pdbx_phasing_MR.sigma_F_rotation             ? 
_pdbx_phasing_MR.sigma_F_translation          ? 
_pdbx_phasing_MR.sigma_I_rotation             ? 
_pdbx_phasing_MR.sigma_I_translation          ? 
# 
_phasing.method   MR 
# 
_pdbx_entry_details.entry_id                 6Y7L 
_pdbx_entry_details.has_ligand_of_interest   Y 
_pdbx_entry_details.compound_details         ? 
_pdbx_entry_details.source_details           ? 
_pdbx_entry_details.nonpolymer_details       ? 
_pdbx_entry_details.sequence_details         ? 
# 
loop_
_pdbx_unobs_or_zero_occ_residues.id 
_pdbx_unobs_or_zero_occ_residues.PDB_model_num 
_pdbx_unobs_or_zero_occ_residues.polymer_flag 
_pdbx_unobs_or_zero_occ_residues.occupancy_flag 
_pdbx_unobs_or_zero_occ_residues.auth_asym_id 
_pdbx_unobs_or_zero_occ_residues.auth_comp_id 
_pdbx_unobs_or_zero_occ_residues.auth_seq_id 
_pdbx_unobs_or_zero_occ_residues.PDB_ins_code 
_pdbx_unobs_or_zero_occ_residues.label_asym_id 
_pdbx_unobs_or_zero_occ_residues.label_comp_id 
_pdbx_unobs_or_zero_occ_residues.label_seq_id 
1 1 Y 1 A LEU 130 ? A LEU 1   
2 1 Y 1 A LYS 131 ? A LYS 2   
3 1 Y 1 A LEU 132 ? A LEU 3   
4 1 Y 1 A SER 133 ? A SER 4   
5 1 Y 1 A ALA 134 ? A ALA 5   
6 1 Y 1 A GLU 135 ? A GLU 6   
7 1 Y 1 A ASN 136 ? A ASN 7   
8 1 Y 1 A SER 250 ? A SER 121 
# 
loop_
_chem_comp_atom.comp_id 
_chem_comp_atom.atom_id 
_chem_comp_atom.type_symbol 
_chem_comp_atom.pdbx_aromatic_flag 
_chem_comp_atom.pdbx_stereo_config 
_chem_comp_atom.pdbx_ordinal 
ALA N    N N N 1   
ALA CA   C N S 2   
ALA C    C N N 3   
ALA O    O N N 4   
ALA CB   C N N 5   
ALA OXT  O N N 6   
ALA H    H N N 7   
ALA H2   H N N 8   
ALA HA   H N N 9   
ALA HB1  H N N 10  
ALA HB2  H N N 11  
ALA HB3  H N N 12  
ALA HXT  H N N 13  
ARG N    N N N 14  
ARG CA   C N S 15  
ARG C    C N N 16  
ARG O    O N N 17  
ARG CB   C N N 18  
ARG CG   C N N 19  
ARG CD   C N N 20  
ARG NE   N N N 21  
ARG CZ   C N N 22  
ARG NH1  N N N 23  
ARG NH2  N N N 24  
ARG OXT  O N N 25  
ARG H    H N N 26  
ARG H2   H N N 27  
ARG HA   H N N 28  
ARG HB2  H N N 29  
ARG HB3  H N N 30  
ARG HG2  H N N 31  
ARG HG3  H N N 32  
ARG HD2  H N N 33  
ARG HD3  H N N 34  
ARG HE   H N N 35  
ARG HH11 H N N 36  
ARG HH12 H N N 37  
ARG HH21 H N N 38  
ARG HH22 H N N 39  
ARG HXT  H N N 40  
ASN N    N N N 41  
ASN CA   C N S 42  
ASN C    C N N 43  
ASN O    O N N 44  
ASN CB   C N N 45  
ASN CG   C N N 46  
ASN OD1  O N N 47  
ASN ND2  N N N 48  
ASN OXT  O N N 49  
ASN H    H N N 50  
ASN H2   H N N 51  
ASN HA   H N N 52  
ASN HB2  H N N 53  
ASN HB3  H N N 54  
ASN HD21 H N N 55  
ASN HD22 H N N 56  
ASN HXT  H N N 57  
ASP N    N N N 58  
ASP CA   C N S 59  
ASP C    C N N 60  
ASP O    O N N 61  
ASP CB   C N N 62  
ASP CG   C N N 63  
ASP OD1  O N N 64  
ASP OD2  O N N 65  
ASP OXT  O N N 66  
ASP H    H N N 67  
ASP H2   H N N 68  
ASP HA   H N N 69  
ASP HB2  H N N 70  
ASP HB3  H N N 71  
ASP HD2  H N N 72  
ASP HXT  H N N 73  
CYS N    N N N 74  
CYS CA   C N R 75  
CYS C    C N N 76  
CYS O    O N N 77  
CYS CB   C N N 78  
CYS SG   S N N 79  
CYS OXT  O N N 80  
CYS H    H N N 81  
CYS H2   H N N 82  
CYS HA   H N N 83  
CYS HB2  H N N 84  
CYS HB3  H N N 85  
CYS HG   H N N 86  
CYS HXT  H N N 87  
GLN N    N N N 88  
GLN CA   C N S 89  
GLN C    C N N 90  
GLN O    O N N 91  
GLN CB   C N N 92  
GLN CG   C N N 93  
GLN CD   C N N 94  
GLN OE1  O N N 95  
GLN NE2  N N N 96  
GLN OXT  O N N 97  
GLN H    H N N 98  
GLN H2   H N N 99  
GLN HA   H N N 100 
GLN HB2  H N N 101 
GLN HB3  H N N 102 
GLN HG2  H N N 103 
GLN HG3  H N N 104 
GLN HE21 H N N 105 
GLN HE22 H N N 106 
GLN HXT  H N N 107 
GLU N    N N N 108 
GLU CA   C N S 109 
GLU C    C N N 110 
GLU O    O N N 111 
GLU CB   C N N 112 
GLU CG   C N N 113 
GLU CD   C N N 114 
GLU OE1  O N N 115 
GLU OE2  O N N 116 
GLU OXT  O N N 117 
GLU H    H N N 118 
GLU H2   H N N 119 
GLU HA   H N N 120 
GLU HB2  H N N 121 
GLU HB3  H N N 122 
GLU HG2  H N N 123 
GLU HG3  H N N 124 
GLU HE2  H N N 125 
GLU HXT  H N N 126 
GLY N    N N N 127 
GLY CA   C N N 128 
GLY C    C N N 129 
GLY O    O N N 130 
GLY OXT  O N N 131 
GLY H    H N N 132 
GLY H2   H N N 133 
GLY HA2  H N N 134 
GLY HA3  H N N 135 
GLY HXT  H N N 136 
HIS N    N N N 137 
HIS CA   C N S 138 
HIS C    C N N 139 
HIS O    O N N 140 
HIS CB   C N N 141 
HIS CG   C Y N 142 
HIS ND1  N Y N 143 
HIS CD2  C Y N 144 
HIS CE1  C Y N 145 
HIS NE2  N Y N 146 
HIS OXT  O N N 147 
HIS H    H N N 148 
HIS H2   H N N 149 
HIS HA   H N N 150 
HIS HB2  H N N 151 
HIS HB3  H N N 152 
HIS HD1  H N N 153 
HIS HD2  H N N 154 
HIS HE1  H N N 155 
HIS HE2  H N N 156 
HIS HXT  H N N 157 
HOH O    O N N 158 
HOH H1   H N N 159 
HOH H2   H N N 160 
ILE N    N N N 161 
ILE CA   C N S 162 
ILE C    C N N 163 
ILE O    O N N 164 
ILE CB   C N S 165 
ILE CG1  C N N 166 
ILE CG2  C N N 167 
ILE CD1  C N N 168 
ILE OXT  O N N 169 
ILE H    H N N 170 
ILE H2   H N N 171 
ILE HA   H N N 172 
ILE HB   H N N 173 
ILE HG12 H N N 174 
ILE HG13 H N N 175 
ILE HG21 H N N 176 
ILE HG22 H N N 177 
ILE HG23 H N N 178 
ILE HD11 H N N 179 
ILE HD12 H N N 180 
ILE HD13 H N N 181 
ILE HXT  H N N 182 
LEU N    N N N 183 
LEU CA   C N S 184 
LEU C    C N N 185 
LEU O    O N N 186 
LEU CB   C N N 187 
LEU CG   C N N 188 
LEU CD1  C N N 189 
LEU CD2  C N N 190 
LEU OXT  O N N 191 
LEU H    H N N 192 
LEU H2   H N N 193 
LEU HA   H N N 194 
LEU HB2  H N N 195 
LEU HB3  H N N 196 
LEU HG   H N N 197 
LEU HD11 H N N 198 
LEU HD12 H N N 199 
LEU HD13 H N N 200 
LEU HD21 H N N 201 
LEU HD22 H N N 202 
LEU HD23 H N N 203 
LEU HXT  H N N 204 
LYS N    N N N 205 
LYS CA   C N S 206 
LYS C    C N N 207 
LYS O    O N N 208 
LYS CB   C N N 209 
LYS CG   C N N 210 
LYS CD   C N N 211 
LYS CE   C N N 212 
LYS NZ   N N N 213 
LYS OXT  O N N 214 
LYS H    H N N 215 
LYS H2   H N N 216 
LYS HA   H N N 217 
LYS HB2  H N N 218 
LYS HB3  H N N 219 
LYS HG2  H N N 220 
LYS HG3  H N N 221 
LYS HD2  H N N 222 
LYS HD3  H N N 223 
LYS HE2  H N N 224 
LYS HE3  H N N 225 
LYS HZ1  H N N 226 
LYS HZ2  H N N 227 
LYS HZ3  H N N 228 
LYS HXT  H N N 229 
MET N    N N N 230 
MET CA   C N S 231 
MET C    C N N 232 
MET O    O N N 233 
MET CB   C N N 234 
MET CG   C N N 235 
MET SD   S N N 236 
MET CE   C N N 237 
MET OXT  O N N 238 
MET H    H N N 239 
MET H2   H N N 240 
MET HA   H N N 241 
MET HB2  H N N 242 
MET HB3  H N N 243 
MET HG2  H N N 244 
MET HG3  H N N 245 
MET HE1  H N N 246 
MET HE2  H N N 247 
MET HE3  H N N 248 
MET HXT  H N N 249 
PHE N    N N N 250 
PHE CA   C N S 251 
PHE C    C N N 252 
PHE O    O N N 253 
PHE CB   C N N 254 
PHE CG   C Y N 255 
PHE CD1  C Y N 256 
PHE CD2  C Y N 257 
PHE CE1  C Y N 258 
PHE CE2  C Y N 259 
PHE CZ   C Y N 260 
PHE OXT  O N N 261 
PHE H    H N N 262 
PHE H2   H N N 263 
PHE HA   H N N 264 
PHE HB2  H N N 265 
PHE HB3  H N N 266 
PHE HD1  H N N 267 
PHE HD2  H N N 268 
PHE HE1  H N N 269 
PHE HE2  H N N 270 
PHE HZ   H N N 271 
PHE HXT  H N N 272 
PRO N    N N N 273 
PRO CA   C N S 274 
PRO C    C N N 275 
PRO O    O N N 276 
PRO CB   C N N 277 
PRO CG   C N N 278 
PRO CD   C N N 279 
PRO OXT  O N N 280 
PRO H    H N N 281 
PRO HA   H N N 282 
PRO HB2  H N N 283 
PRO HB3  H N N 284 
PRO HG2  H N N 285 
PRO HG3  H N N 286 
PRO HD2  H N N 287 
PRO HD3  H N N 288 
PRO HXT  H N N 289 
QMG C13  C N N 290 
QMG C15  C Y N 291 
QMG C17  C Y N 292 
QMG C21  C Y N 293 
QMG C22  C Y N 294 
QMG C02  C N N 295 
QMG C03  C Y N 296 
QMG C04  C Y N 297 
QMG C05  C Y N 298 
QMG C06  C Y N 299 
QMG C07  C Y N 300 
QMG C08  C Y N 301 
QMG C09  C N N 302 
QMG C11  C N N 303 
QMG C12  C N N 304 
QMG C16  C Y N 305 
QMG C18  C N N 306 
QMG C19  C Y N 307 
QMG C23  C Y N 308 
QMG C25  C N N 309 
QMG N10  N N N 310 
QMG N20  N Y N 311 
QMG N24  N Y N 312 
QMG O01  O N N 313 
QMG O14  O N N 314 
QMG H1   H N N 315 
QMG H2   H N N 316 
QMG H3   H N N 317 
QMG H4   H N N 318 
QMG H5   H N N 319 
QMG H6   H N N 320 
QMG H7   H N N 321 
QMG H8   H N N 322 
QMG H9   H N N 323 
QMG H10  H N N 324 
QMG H11  H N N 325 
QMG H12  H N N 326 
QMG H13  H N N 327 
QMG H14  H N N 328 
QMG H15  H N N 329 
QMG H16  H N N 330 
QMG H17  H N N 331 
QMG H18  H N N 332 
QMG H19  H N N 333 
SER N    N N N 334 
SER CA   C N S 335 
SER C    C N N 336 
SER O    O N N 337 
SER CB   C N N 338 
SER OG   O N N 339 
SER OXT  O N N 340 
SER H    H N N 341 
SER H2   H N N 342 
SER HA   H N N 343 
SER HB2  H N N 344 
SER HB3  H N N 345 
SER HG   H N N 346 
SER HXT  H N N 347 
THR N    N N N 348 
THR CA   C N S 349 
THR C    C N N 350 
THR O    O N N 351 
THR CB   C N R 352 
THR OG1  O N N 353 
THR CG2  C N N 354 
THR OXT  O N N 355 
THR H    H N N 356 
THR H2   H N N 357 
THR HA   H N N 358 
THR HB   H N N 359 
THR HG1  H N N 360 
THR HG21 H N N 361 
THR HG22 H N N 362 
THR HG23 H N N 363 
THR HXT  H N N 364 
TYR N    N N N 365 
TYR CA   C N S 366 
TYR C    C N N 367 
TYR O    O N N 368 
TYR CB   C N N 369 
TYR CG   C Y N 370 
TYR CD1  C Y N 371 
TYR CD2  C Y N 372 
TYR CE1  C Y N 373 
TYR CE2  C Y N 374 
TYR CZ   C Y N 375 
TYR OH   O N N 376 
TYR OXT  O N N 377 
TYR H    H N N 378 
TYR H2   H N N 379 
TYR HA   H N N 380 
TYR HB2  H N N 381 
TYR HB3  H N N 382 
TYR HD1  H N N 383 
TYR HD2  H N N 384 
TYR HE1  H N N 385 
TYR HE2  H N N 386 
TYR HH   H N N 387 
TYR HXT  H N N 388 
VAL N    N N N 389 
VAL CA   C N S 390 
VAL C    C N N 391 
VAL O    O N N 392 
VAL CB   C N N 393 
VAL CG1  C N N 394 
VAL CG2  C N N 395 
VAL OXT  O N N 396 
VAL H    H N N 397 
VAL H2   H N N 398 
VAL HA   H N N 399 
VAL HB   H N N 400 
VAL HG11 H N N 401 
VAL HG12 H N N 402 
VAL HG13 H N N 403 
VAL HG21 H N N 404 
VAL HG22 H N N 405 
VAL HG23 H N N 406 
VAL HXT  H N N 407 
# 
loop_
_chem_comp_bond.comp_id 
_chem_comp_bond.atom_id_1 
_chem_comp_bond.atom_id_2 
_chem_comp_bond.value_order 
_chem_comp_bond.pdbx_aromatic_flag 
_chem_comp_bond.pdbx_stereo_config 
_chem_comp_bond.pdbx_ordinal 
ALA N   CA   sing N N 1   
ALA N   H    sing N N 2   
ALA N   H2   sing N N 3   
ALA CA  C    sing N N 4   
ALA CA  CB   sing N N 5   
ALA CA  HA   sing N N 6   
ALA C   O    doub N N 7   
ALA C   OXT  sing N N 8   
ALA CB  HB1  sing N N 9   
ALA CB  HB2  sing N N 10  
ALA CB  HB3  sing N N 11  
ALA OXT HXT  sing N N 12  
ARG N   CA   sing N N 13  
ARG N   H    sing N N 14  
ARG N   H2   sing N N 15  
ARG CA  C    sing N N 16  
ARG CA  CB   sing N N 17  
ARG CA  HA   sing N N 18  
ARG C   O    doub N N 19  
ARG C   OXT  sing N N 20  
ARG CB  CG   sing N N 21  
ARG CB  HB2  sing N N 22  
ARG CB  HB3  sing N N 23  
ARG CG  CD   sing N N 24  
ARG CG  HG2  sing N N 25  
ARG CG  HG3  sing N N 26  
ARG CD  NE   sing N N 27  
ARG CD  HD2  sing N N 28  
ARG CD  HD3  sing N N 29  
ARG NE  CZ   sing N N 30  
ARG NE  HE   sing N N 31  
ARG CZ  NH1  sing N N 32  
ARG CZ  NH2  doub N N 33  
ARG NH1 HH11 sing N N 34  
ARG NH1 HH12 sing N N 35  
ARG NH2 HH21 sing N N 36  
ARG NH2 HH22 sing N N 37  
ARG OXT HXT  sing N N 38  
ASN N   CA   sing N N 39  
ASN N   H    sing N N 40  
ASN N   H2   sing N N 41  
ASN CA  C    sing N N 42  
ASN CA  CB   sing N N 43  
ASN CA  HA   sing N N 44  
ASN C   O    doub N N 45  
ASN C   OXT  sing N N 46  
ASN CB  CG   sing N N 47  
ASN CB  HB2  sing N N 48  
ASN CB  HB3  sing N N 49  
ASN CG  OD1  doub N N 50  
ASN CG  ND2  sing N N 51  
ASN ND2 HD21 sing N N 52  
ASN ND2 HD22 sing N N 53  
ASN OXT HXT  sing N N 54  
ASP N   CA   sing N N 55  
ASP N   H    sing N N 56  
ASP N   H2   sing N N 57  
ASP CA  C    sing N N 58  
ASP CA  CB   sing N N 59  
ASP CA  HA   sing N N 60  
ASP C   O    doub N N 61  
ASP C   OXT  sing N N 62  
ASP CB  CG   sing N N 63  
ASP CB  HB2  sing N N 64  
ASP CB  HB3  sing N N 65  
ASP CG  OD1  doub N N 66  
ASP CG  OD2  sing N N 67  
ASP OD2 HD2  sing N N 68  
ASP OXT HXT  sing N N 69  
CYS N   CA   sing N N 70  
CYS N   H    sing N N 71  
CYS N   H2   sing N N 72  
CYS CA  C    sing N N 73  
CYS CA  CB   sing N N 74  
CYS CA  HA   sing N N 75  
CYS C   O    doub N N 76  
CYS C   OXT  sing N N 77  
CYS CB  SG   sing N N 78  
CYS CB  HB2  sing N N 79  
CYS CB  HB3  sing N N 80  
CYS SG  HG   sing N N 81  
CYS OXT HXT  sing N N 82  
GLN N   CA   sing N N 83  
GLN N   H    sing N N 84  
GLN N   H2   sing N N 85  
GLN CA  C    sing N N 86  
GLN CA  CB   sing N N 87  
GLN CA  HA   sing N N 88  
GLN C   O    doub N N 89  
GLN C   OXT  sing N N 90  
GLN CB  CG   sing N N 91  
GLN CB  HB2  sing N N 92  
GLN CB  HB3  sing N N 93  
GLN CG  CD   sing N N 94  
GLN CG  HG2  sing N N 95  
GLN CG  HG3  sing N N 96  
GLN CD  OE1  doub N N 97  
GLN CD  NE2  sing N N 98  
GLN NE2 HE21 sing N N 99  
GLN NE2 HE22 sing N N 100 
GLN OXT HXT  sing N N 101 
GLU N   CA   sing N N 102 
GLU N   H    sing N N 103 
GLU N   H2   sing N N 104 
GLU CA  C    sing N N 105 
GLU CA  CB   sing N N 106 
GLU CA  HA   sing N N 107 
GLU C   O    doub N N 108 
GLU C   OXT  sing N N 109 
GLU CB  CG   sing N N 110 
GLU CB  HB2  sing N N 111 
GLU CB  HB3  sing N N 112 
GLU CG  CD   sing N N 113 
GLU CG  HG2  sing N N 114 
GLU CG  HG3  sing N N 115 
GLU CD  OE1  doub N N 116 
GLU CD  OE2  sing N N 117 
GLU OE2 HE2  sing N N 118 
GLU OXT HXT  sing N N 119 
GLY N   CA   sing N N 120 
GLY N   H    sing N N 121 
GLY N   H2   sing N N 122 
GLY CA  C    sing N N 123 
GLY CA  HA2  sing N N 124 
GLY CA  HA3  sing N N 125 
GLY C   O    doub N N 126 
GLY C   OXT  sing N N 127 
GLY OXT HXT  sing N N 128 
HIS N   CA   sing N N 129 
HIS N   H    sing N N 130 
HIS N   H2   sing N N 131 
HIS CA  C    sing N N 132 
HIS CA  CB   sing N N 133 
HIS CA  HA   sing N N 134 
HIS C   O    doub N N 135 
HIS C   OXT  sing N N 136 
HIS CB  CG   sing N N 137 
HIS CB  HB2  sing N N 138 
HIS CB  HB3  sing N N 139 
HIS CG  ND1  sing Y N 140 
HIS CG  CD2  doub Y N 141 
HIS ND1 CE1  doub Y N 142 
HIS ND1 HD1  sing N N 143 
HIS CD2 NE2  sing Y N 144 
HIS CD2 HD2  sing N N 145 
HIS CE1 NE2  sing Y N 146 
HIS CE1 HE1  sing N N 147 
HIS NE2 HE2  sing N N 148 
HIS OXT HXT  sing N N 149 
HOH O   H1   sing N N 150 
HOH O   H2   sing N N 151 
ILE N   CA   sing N N 152 
ILE N   H    sing N N 153 
ILE N   H2   sing N N 154 
ILE CA  C    sing N N 155 
ILE CA  CB   sing N N 156 
ILE CA  HA   sing N N 157 
ILE C   O    doub N N 158 
ILE C   OXT  sing N N 159 
ILE CB  CG1  sing N N 160 
ILE CB  CG2  sing N N 161 
ILE CB  HB   sing N N 162 
ILE CG1 CD1  sing N N 163 
ILE CG1 HG12 sing N N 164 
ILE CG1 HG13 sing N N 165 
ILE CG2 HG21 sing N N 166 
ILE CG2 HG22 sing N N 167 
ILE CG2 HG23 sing N N 168 
ILE CD1 HD11 sing N N 169 
ILE CD1 HD12 sing N N 170 
ILE CD1 HD13 sing N N 171 
ILE OXT HXT  sing N N 172 
LEU N   CA   sing N N 173 
LEU N   H    sing N N 174 
LEU N   H2   sing N N 175 
LEU CA  C    sing N N 176 
LEU CA  CB   sing N N 177 
LEU CA  HA   sing N N 178 
LEU C   O    doub N N 179 
LEU C   OXT  sing N N 180 
LEU CB  CG   sing N N 181 
LEU CB  HB2  sing N N 182 
LEU CB  HB3  sing N N 183 
LEU CG  CD1  sing N N 184 
LEU CG  CD2  sing N N 185 
LEU CG  HG   sing N N 186 
LEU CD1 HD11 sing N N 187 
LEU CD1 HD12 sing N N 188 
LEU CD1 HD13 sing N N 189 
LEU CD2 HD21 sing N N 190 
LEU CD2 HD22 sing N N 191 
LEU CD2 HD23 sing N N 192 
LEU OXT HXT  sing N N 193 
LYS N   CA   sing N N 194 
LYS N   H    sing N N 195 
LYS N   H2   sing N N 196 
LYS CA  C    sing N N 197 
LYS CA  CB   sing N N 198 
LYS CA  HA   sing N N 199 
LYS C   O    doub N N 200 
LYS C   OXT  sing N N 201 
LYS CB  CG   sing N N 202 
LYS CB  HB2  sing N N 203 
LYS CB  HB3  sing N N 204 
LYS CG  CD   sing N N 205 
LYS CG  HG2  sing N N 206 
LYS CG  HG3  sing N N 207 
LYS CD  CE   sing N N 208 
LYS CD  HD2  sing N N 209 
LYS CD  HD3  sing N N 210 
LYS CE  NZ   sing N N 211 
LYS CE  HE2  sing N N 212 
LYS CE  HE3  sing N N 213 
LYS NZ  HZ1  sing N N 214 
LYS NZ  HZ2  sing N N 215 
LYS NZ  HZ3  sing N N 216 
LYS OXT HXT  sing N N 217 
MET N   CA   sing N N 218 
MET N   H    sing N N 219 
MET N   H2   sing N N 220 
MET CA  C    sing N N 221 
MET CA  CB   sing N N 222 
MET CA  HA   sing N N 223 
MET C   O    doub N N 224 
MET C   OXT  sing N N 225 
MET CB  CG   sing N N 226 
MET CB  HB2  sing N N 227 
MET CB  HB3  sing N N 228 
MET CG  SD   sing N N 229 
MET CG  HG2  sing N N 230 
MET CG  HG3  sing N N 231 
MET SD  CE   sing N N 232 
MET CE  HE1  sing N N 233 
MET CE  HE2  sing N N 234 
MET CE  HE3  sing N N 235 
MET OXT HXT  sing N N 236 
PHE N   CA   sing N N 237 
PHE N   H    sing N N 238 
PHE N   H2   sing N N 239 
PHE CA  C    sing N N 240 
PHE CA  CB   sing N N 241 
PHE CA  HA   sing N N 242 
PHE C   O    doub N N 243 
PHE C   OXT  sing N N 244 
PHE CB  CG   sing N N 245 
PHE CB  HB2  sing N N 246 
PHE CB  HB3  sing N N 247 
PHE CG  CD1  doub Y N 248 
PHE CG  CD2  sing Y N 249 
PHE CD1 CE1  sing Y N 250 
PHE CD1 HD1  sing N N 251 
PHE CD2 CE2  doub Y N 252 
PHE CD2 HD2  sing N N 253 
PHE CE1 CZ   doub Y N 254 
PHE CE1 HE1  sing N N 255 
PHE CE2 CZ   sing Y N 256 
PHE CE2 HE2  sing N N 257 
PHE CZ  HZ   sing N N 258 
PHE OXT HXT  sing N N 259 
PRO N   CA   sing N N 260 
PRO N   CD   sing N N 261 
PRO N   H    sing N N 262 
PRO CA  C    sing N N 263 
PRO CA  CB   sing N N 264 
PRO CA  HA   sing N N 265 
PRO C   O    doub N N 266 
PRO C   OXT  sing N N 267 
PRO CB  CG   sing N N 268 
PRO CB  HB2  sing N N 269 
PRO CB  HB3  sing N N 270 
PRO CG  CD   sing N N 271 
PRO CG  HG2  sing N N 272 
PRO CG  HG3  sing N N 273 
PRO CD  HD2  sing N N 274 
PRO CD  HD3  sing N N 275 
PRO OXT HXT  sing N N 276 
QMG C22 C21  sing Y N 277 
QMG C22 C23  doub Y N 278 
QMG C21 N20  doub Y N 279 
QMG C23 N24  sing Y N 280 
QMG N20 C19  sing Y N 281 
QMG O01 C02  doub N N 282 
QMG N24 C19  sing Y N 283 
QMG N24 C03  sing Y N 284 
QMG C19 C05  doub Y N 285 
QMG C03 C02  sing N N 286 
QMG C03 C04  doub Y N 287 
QMG C02 C25  sing N N 288 
QMG C05 C04  sing Y N 289 
QMG C05 C06  sing N N 290 
QMG C06 C07  doub Y N 291 
QMG C06 C17  sing Y N 292 
QMG C07 C08  sing Y N 293 
QMG N10 C11  sing N N 294 
QMG N10 C09  sing N N 295 
QMG C11 C12  sing N N 296 
QMG C11 C13  sing N N 297 
QMG C12 C13  sing N N 298 
QMG C17 C18  sing N N 299 
QMG C17 C16  doub Y N 300 
QMG C08 C09  sing N N 301 
QMG C08 C15  doub Y N 302 
QMG C09 O14  doub N N 303 
QMG C16 C15  sing Y N 304 
QMG C13 H1   sing N N 305 
QMG C13 H2   sing N N 306 
QMG C15 H3   sing N N 307 
QMG C21 H4   sing N N 308 
QMG C22 H5   sing N N 309 
QMG C04 H6   sing N N 310 
QMG C07 H7   sing N N 311 
QMG C11 H8   sing N N 312 
QMG C12 H9   sing N N 313 
QMG C12 H10  sing N N 314 
QMG C16 H11  sing N N 315 
QMG C18 H12  sing N N 316 
QMG C18 H13  sing N N 317 
QMG C18 H14  sing N N 318 
QMG C23 H15  sing N N 319 
QMG C25 H16  sing N N 320 
QMG C25 H17  sing N N 321 
QMG C25 H18  sing N N 322 
QMG N10 H19  sing N N 323 
SER N   CA   sing N N 324 
SER N   H    sing N N 325 
SER N   H2   sing N N 326 
SER CA  C    sing N N 327 
SER CA  CB   sing N N 328 
SER CA  HA   sing N N 329 
SER C   O    doub N N 330 
SER C   OXT  sing N N 331 
SER CB  OG   sing N N 332 
SER CB  HB2  sing N N 333 
SER CB  HB3  sing N N 334 
SER OG  HG   sing N N 335 
SER OXT HXT  sing N N 336 
THR N   CA   sing N N 337 
THR N   H    sing N N 338 
THR N   H2   sing N N 339 
THR CA  C    sing N N 340 
THR CA  CB   sing N N 341 
THR CA  HA   sing N N 342 
THR C   O    doub N N 343 
THR C   OXT  sing N N 344 
THR CB  OG1  sing N N 345 
THR CB  CG2  sing N N 346 
THR CB  HB   sing N N 347 
THR OG1 HG1  sing N N 348 
THR CG2 HG21 sing N N 349 
THR CG2 HG22 sing N N 350 
THR CG2 HG23 sing N N 351 
THR OXT HXT  sing N N 352 
TYR N   CA   sing N N 353 
TYR N   H    sing N N 354 
TYR N   H2   sing N N 355 
TYR CA  C    sing N N 356 
TYR CA  CB   sing N N 357 
TYR CA  HA   sing N N 358 
TYR C   O    doub N N 359 
TYR C   OXT  sing N N 360 
TYR CB  CG   sing N N 361 
TYR CB  HB2  sing N N 362 
TYR CB  HB3  sing N N 363 
TYR CG  CD1  doub Y N 364 
TYR CG  CD2  sing Y N 365 
TYR CD1 CE1  sing Y N 366 
TYR CD1 HD1  sing N N 367 
TYR CD2 CE2  doub Y N 368 
TYR CD2 HD2  sing N N 369 
TYR CE1 CZ   doub Y N 370 
TYR CE1 HE1  sing N N 371 
TYR CE2 CZ   sing Y N 372 
TYR CE2 HE2  sing N N 373 
TYR CZ  OH   sing N N 374 
TYR OH  HH   sing N N 375 
TYR OXT HXT  sing N N 376 
VAL N   CA   sing N N 377 
VAL N   H    sing N N 378 
VAL N   H2   sing N N 379 
VAL CA  C    sing N N 380 
VAL CA  CB   sing N N 381 
VAL CA  HA   sing N N 382 
VAL C   O    doub N N 383 
VAL C   OXT  sing N N 384 
VAL CB  CG1  sing N N 385 
VAL CB  CG2  sing N N 386 
VAL CB  HB   sing N N 387 
VAL CG1 HG11 sing N N 388 
VAL CG1 HG12 sing N N 389 
VAL CG1 HG13 sing N N 390 
VAL CG2 HG21 sing N N 391 
VAL CG2 HG22 sing N N 392 
VAL CG2 HG23 sing N N 393 
VAL OXT HXT  sing N N 394 
# 
_pdbx_audit_support.funding_organization   'Innovative Medicines Initiative' 
_pdbx_audit_support.country                ? 
_pdbx_audit_support.grant_number           ? 
_pdbx_audit_support.ordinal                1 
# 
_pdbx_entity_instance_feature.ordinal        1 
_pdbx_entity_instance_feature.comp_id        QMG 
_pdbx_entity_instance_feature.asym_id        ? 
_pdbx_entity_instance_feature.seq_num        ? 
_pdbx_entity_instance_feature.auth_comp_id   QMG 
_pdbx_entity_instance_feature.auth_asym_id   ? 
_pdbx_entity_instance_feature.auth_seq_num   ? 
_pdbx_entity_instance_feature.feature_type   'SUBJECT OF INVESTIGATION' 
_pdbx_entity_instance_feature.details        ? 
# 
_pdbx_initial_refinement_model.id               1 
_pdbx_initial_refinement_model.entity_id_list   ? 
_pdbx_initial_refinement_model.type             'experimental model' 
_pdbx_initial_refinement_model.source_name      PDB 
_pdbx_initial_refinement_model.accession_code   5MQ1 
_pdbx_initial_refinement_model.details          ? 
# 
_atom_sites.entry_id                    6Y7L 
_atom_sites.Cartn_transf_matrix[1][1]   ? 
_atom_sites.Cartn_transf_matrix[1][2]   ? 
_atom_sites.Cartn_transf_matrix[1][3]   ? 
_atom_sites.Cartn_transf_matrix[2][1]   ? 
_atom_sites.Cartn_transf_matrix[2][2]   ? 
_atom_sites.Cartn_transf_matrix[2][3]   ? 
_atom_sites.Cartn_transf_matrix[3][1]   ? 
_atom_sites.Cartn_transf_matrix[3][2]   ? 
_atom_sites.Cartn_transf_matrix[3][3]   ? 
_atom_sites.Cartn_transf_vector[1]      ? 
_atom_sites.Cartn_transf_vector[2]      ? 
_atom_sites.Cartn_transf_vector[3]      ? 
_atom_sites.fract_transf_matrix[1][1]   -0.00345059 
_atom_sites.fract_transf_matrix[1][2]   -0.00306283 
_atom_sites.fract_transf_matrix[1][3]   -0.00834754 
_atom_sites.fract_transf_matrix[2][1]   -0.02127887 
_atom_sites.fract_transf_matrix[2][2]   0.01020493 
_atom_sites.fract_transf_matrix[2][3]   0.00505165 
_atom_sites.fract_transf_matrix[3][1]   0.00767580 
_atom_sites.fract_transf_matrix[3][2]   0.02630638 
_atom_sites.fract_transf_matrix[3][3]   -0.02080952 
_atom_sites.fract_transf_vector[1]      1.163974 
_atom_sites.fract_transf_vector[2]      0.191183 
_atom_sites.fract_transf_vector[3]      1.175277 
_atom_sites.solution_primary            ? 
_atom_sites.solution_secondary          ? 
_atom_sites.solution_hydrogens          ? 
_atom_sites.special_details             ? 
# 
loop_
_atom_type.symbol 
C 
N 
O 
S 
# 
loop_
_atom_site.group_PDB 
_atom_site.id 
_atom_site.type_symbol 
_atom_site.label_atom_id 
_atom_site.label_alt_id 
_atom_site.label_comp_id 
_atom_site.label_asym_id 
_atom_site.label_entity_id 
_atom_site.label_seq_id 
_atom_site.pdbx_PDB_ins_code 
_atom_site.Cartn_x 
_atom_site.Cartn_y 
_atom_site.Cartn_z 
_atom_site.occupancy 
_atom_site.B_iso_or_equiv 
_atom_site.pdbx_formal_charge 
_atom_site.auth_seq_id 
_atom_site.auth_comp_id 
_atom_site.auth_asym_id 
_atom_site.auth_atom_id 
_atom_site.pdbx_PDB_model_num 
ATOM   1    N N   . GLU A 1 8   ? 16.370  12.100  12.787  1.00 58.47 ? 137 GLU A N   1 
ATOM   2    C CA  . GLU A 1 8   ? 15.150  12.889  13.195  1.00 57.76 ? 137 GLU A CA  1 
ATOM   3    C C   . GLU A 1 8   ? 13.873  12.297  12.564  1.00 56.73 ? 137 GLU A C   1 
ATOM   4    O O   . GLU A 1 8   ? 13.703  12.370  11.353  1.00 64.81 ? 137 GLU A O   1 
ATOM   5    C CB  . GLU A 1 8   ? 15.300  14.381  12.798  1.00 55.93 ? 137 GLU A CB  1 
ATOM   6    N N   . SER A 1 9   ? 12.983  11.732  13.376  1.00 46.57 ? 138 SER A N   1 
ATOM   7    C CA  . SER A 1 9   ? 11.698  11.161  12.894  1.00 42.93 ? 138 SER A CA  1 
ATOM   8    C C   . SER A 1 9   ? 10.550  11.660  13.768  1.00 37.08 ? 138 SER A C   1 
ATOM   9    O O   . SER A 1 9   ? 10.769  12.272  14.785  1.00 38.69 ? 138 SER A O   1 
ATOM   10   C CB  . SER A 1 9   ? 11.751  9.631   12.893  1.00 43.16 ? 138 SER A CB  1 
ATOM   11   O OG  . SER A 1 9   ? 10.553  9.070   12.355  1.00 41.46 ? 138 SER A OG  1 
ATOM   12   N N   . THR A 1 10  ? 9.312   11.463  13.346  1.00 30.93 ? 139 THR A N   1 
ATOM   13   C CA  . THR A 1 10  ? 8.181   11.975  14.064  1.00 30.78 ? 139 THR A CA  1 
ATOM   14   C C   . THR A 1 10  ? 7.297   10.795  14.430  1.00 25.86 ? 139 THR A C   1 
ATOM   15   O O   . THR A 1 10  ? 7.471   9.700   13.843  1.00 25.82 ? 139 THR A O   1 
ATOM   16   C CB  . THR A 1 10  ? 7.359   12.969  13.242  1.00 31.93 ? 139 THR A CB  1 
ATOM   17   O OG1 . THR A 1 10  ? 6.900   12.305  12.059  1.00 30.85 ? 139 THR A OG1 1 
ATOM   18   C CG2 . THR A 1 10  ? 8.193   14.228  12.873  1.00 38.23 ? 139 THR A CG2 1 
ATOM   19   N N   . PRO A 1 11  ? 6.390   10.997  15.373  1.00 22.93 ? 140 PRO A N   1 
ATOM   20   C CA  . PRO A 1 11  ? 5.474   9.911   15.735  1.00 22.20 ? 140 PRO A CA  1 
ATOM   21   C C   . PRO A 1 11  ? 4.650   9.441   14.535  1.00 21.74 ? 140 PRO A C   1 
ATOM   22   O O   . PRO A 1 11  ? 4.500   8.261   14.359  1.00 21.20 ? 140 PRO A O   1 
ATOM   23   C CB  . PRO A 1 11  ? 4.579   10.531  16.831  1.00 23.67 ? 140 PRO A CB  1 
ATOM   24   C CG  . PRO A 1 11  ? 5.360   11.639  17.382  1.00 25.78 ? 140 PRO A CG  1 
ATOM   25   C CD  . PRO A 1 11  ? 6.249   12.153  16.309  1.00 25.69 ? 140 PRO A CD  1 
ATOM   26   N N   . ILE A 1 12  ? 4.089   10.338  13.721  1.00 23.24 ? 141 ILE A N   1 
ATOM   27   C CA  . ILE A 1 12  ? 3.333   9.840   12.563  1.00 22.91 ? 141 ILE A CA  1 
ATOM   28   C C   . ILE A 1 12  ? 4.180   9.029   11.610  1.00 20.43 ? 141 ILE A C   1 
ATOM   29   O O   . ILE A 1 12  ? 3.766   7.928   11.163  1.00 21.10 ? 141 ILE A O   1 
ATOM   30   C CB  . ILE A 1 12  ? 2.541   10.990  11.852  1.00 27.67 ? 141 ILE A CB  1 
ATOM   31   C CG1 . ILE A 1 12  ? 1.545   10.448  10.824  1.00 32.23 ? 141 ILE A CG1 1 
ATOM   32   C CG2 . ILE A 1 12  ? 3.460   11.998  11.184  1.00 30.26 ? 141 ILE A CG2 1 
ATOM   33   C CD1 . ILE A 1 12  ? 0.535   9.497   11.439  1.00 37.50 ? 141 ILE A CD1 1 
ATOM   34   N N   . GLN A 1 13  ? 5.375   9.473   11.311  1.00 20.31 ? 142 GLN A N   1 
ATOM   35   C CA  . GLN A 1 13  ? 6.279   8.708   10.475  1.00 21.18 ? 142 GLN A CA  1 
ATOM   36   C C   . GLN A 1 13  ? 6.526   7.288   11.048  1.00 22.85 ? 142 GLN A C   1 
ATOM   37   O O   . GLN A 1 13  ? 6.578   6.277   10.313  1.00 19.44 ? 142 GLN A O   1 
ATOM   38   C CB  . GLN A 1 13  ? 7.577   9.470   10.285  1.00 24.71 ? 142 GLN A CB  1 
ATOM   39   C CG  . GLN A 1 13  ? 7.351   10.685  9.409   1.00 29.39 ? 142 GLN A CG  1 
ATOM   40   C CD  . GLN A 1 13  ? 8.554   11.596  9.332   1.00 36.61 ? 142 GLN A CD  1 
ATOM   41   O OE1 . GLN A 1 13  ? 8.915   12.256  10.315  1.00 38.26 ? 142 GLN A OE1 1 
ATOM   42   N NE2 . GLN A 1 13  ? 9.176   11.641  8.165   1.00 33.18 ? 142 GLN A NE2 1 
ATOM   43   N N   . GLN A 1 14  ? 6.749   7.191   12.360  1.00 20.66 ? 143 GLN A N   1 
ATOM   44   C CA  . GLN A 1 14  ? 6.983   5.892   12.968  1.00 21.06 ? 143 GLN A CA  1 
ATOM   45   C C   . GLN A 1 14  ? 5.746   4.965   12.852  1.00 19.75 ? 143 GLN A C   1 
ATOM   46   O O   . GLN A 1 14  ? 5.918   3.780   12.635  1.00 19.15 ? 143 GLN A O   1 
ATOM   47   C CB  . GLN A 1 14  ? 7.332   6.049   14.465  1.00 24.27 ? 143 GLN A CB  1 
ATOM   48   C CG  . GLN A 1 14  ? 8.731   6.565   14.692  1.00 29.70 ? 143 GLN A CG  1 
ATOM   49   C CD  . GLN A 1 14  ? 9.787   5.715   14.041  1.00 31.94 ? 143 GLN A CD  1 
ATOM   50   O OE1 . GLN A 1 14  ? 9.818   4.501   14.212  1.00 33.45 ? 143 GLN A OE1 1 
ATOM   51   N NE2 . GLN A 1 14  ? 10.603  6.347   13.182  1.00 37.92 ? 143 GLN A NE2 1 
ATOM   52   N N   . LEU A 1 15  ? 4.558   5.534   13.001  1.00 18.39 ? 144 LEU A N   1 
ATOM   53   C CA  . LEU A 1 15  ? 3.327   4.756   12.935  1.00 19.29 ? 144 LEU A CA  1 
ATOM   54   C C   . LEU A 1 15  ? 3.127   4.221   11.498  1.00 19.65 ? 144 LEU A C   1 
ATOM   55   O O   . LEU A 1 15  ? 2.803   3.010   11.276  1.00 18.27 ? 144 LEU A O   1 
ATOM   56   C CB  A LEU A 1 15  ? 2.146   5.626   13.356  0.50 18.29 ? 144 LEU A CB  1 
ATOM   57   C CB  B LEU A 1 15  ? 2.140   5.577   13.447  0.50 19.53 ? 144 LEU A CB  1 
ATOM   58   C CG  A LEU A 1 15  ? 0.793   4.943   13.192  0.50 18.00 ? 144 LEU A CG  1 
ATOM   59   C CG  B LEU A 1 15  ? 2.178   5.843   14.972  0.50 20.23 ? 144 LEU A CG  1 
ATOM   60   C CD1 A LEU A 1 15  ? 0.765   3.657   13.966  0.50 17.55 ? 144 LEU A CD1 1 
ATOM   61   C CD1 B LEU A 1 15  ? 1.146   6.865   15.365  0.50 21.17 ? 144 LEU A CD1 1 
ATOM   62   C CD2 A LEU A 1 15  ? -0.376  5.872   13.475  0.50 19.40 ? 144 LEU A CD2 1 
ATOM   63   C CD2 B LEU A 1 15  ? 1.923   4.574   15.753  0.50 20.63 ? 144 LEU A CD2 1 
ATOM   64   N N   . LEU A 1 16  ? 3.354   5.120   10.548  1.00 19.10 ? 145 LEU A N   1 
ATOM   65   C CA  . LEU A 1 16  ? 3.199   4.775   9.108   1.00 19.94 ? 145 LEU A CA  1 
ATOM   66   C C   . LEU A 1 16  ? 4.222   3.792   8.674   1.00 19.17 ? 145 LEU A C   1 
ATOM   67   O O   . LEU A 1 16  ? 3.861   2.858   7.963   1.00 19.25 ? 145 LEU A O   1 
ATOM   68   C CB  . LEU A 1 16  ? 3.199   6.006   8.195   1.00 19.51 ? 145 LEU A CB  1 
ATOM   69   C CG  . LEU A 1 16  ? 2.076   7.002   8.446   1.00 19.45 ? 145 LEU A CG  1 
ATOM   70   C CD1 . LEU A 1 16  ? 2.078   8.089   7.379   1.00 20.69 ? 145 LEU A CD1 1 
ATOM   71   C CD2 . LEU A 1 16  ? 0.710   6.355   8.479   1.00 20.51 ? 145 LEU A CD2 1 
ATOM   72   N N   . GLU A 1 17  ? 5.473   3.916   9.155   1.00 18.51 ? 146 GLU A N   1 
ATOM   73   C CA  . GLU A 1 17  ? 6.522   2.890   8.882   1.00 20.33 ? 146 GLU A CA  1 
ATOM   74   C C   . GLU A 1 17  ? 6.131   1.540   9.450   1.00 19.05 ? 146 GLU A C   1 
ATOM   75   O O   . GLU A 1 17  ? 6.364   0.530   8.793   1.00 20.30 ? 146 GLU A O   1 
ATOM   76   C CB  . GLU A 1 17  ? 7.906   3.316   9.343   1.00 25.60 ? 146 GLU A CB  1 
ATOM   77   C CG  . GLU A 1 17  ? 8.457   4.383   8.444   1.00 33.58 ? 146 GLU A CG  1 
ATOM   78   C CD  . GLU A 1 17  ? 9.902   4.757   8.722   1.00 46.95 ? 146 GLU A CD  1 
ATOM   79   O OE1 . GLU A 1 17  ? 10.557  4.129   9.601   1.00 53.87 ? 146 GLU A OE1 1 
ATOM   80   O OE2 . GLU A 1 17  ? 10.391  5.679   8.012   1.00 54.52 ? 146 GLU A OE2 1 
ATOM   81   N N   . HIS A 1 18  ? 5.509   1.512   10.629  1.00 18.04 ? 147 HIS A N   1 
ATOM   82   C CA  . HIS A 1 18  ? 4.989   0.258   11.192  1.00 17.18 ? 147 HIS A CA  1 
ATOM   83   C C   . HIS A 1 18  ? 3.914   -0.336  10.284  1.00 18.91 ? 147 HIS A C   1 
ATOM   84   O O   . HIS A 1 18  ? 3.968   -1.531  9.972   1.00 18.84 ? 147 HIS A O   1 
ATOM   85   C CB  . HIS A 1 18  ? 4.416   0.515   12.565  1.00 19.09 ? 147 HIS A CB  1 
ATOM   86   C CG  . HIS A 1 18  ? 3.620   -0.614  13.090  1.00 18.92 ? 147 HIS A CG  1 
ATOM   87   N ND1 . HIS A 1 18  ? 4.199   -1.794  13.493  1.00 23.32 ? 147 HIS A ND1 1 
ATOM   88   C CD2 . HIS A 1 18  ? 2.303   -0.753  13.254  1.00 22.31 ? 147 HIS A CD2 1 
ATOM   89   C CE1 . HIS A 1 18  ? 3.244   -2.628  13.864  1.00 21.74 ? 147 HIS A CE1 1 
ATOM   90   N NE2 . HIS A 1 18  ? 2.091   -2.007  13.751  1.00 24.25 ? 147 HIS A NE2 1 
ATOM   91   N N   . PHE A 1 19  ? 2.907   0.448   9.887   1.00 16.65 ? 148 PHE A N   1 
ATOM   92   C CA  . PHE A 1 19  ? 1.895   -0.136  9.028   1.00 17.26 ? 148 PHE A CA  1 
ATOM   93   C C   . PHE A 1 19  ? 2.521   -0.665  7.704   1.00 18.39 ? 148 PHE A C   1 
ATOM   94   O O   . PHE A 1 19  ? 2.155   -1.749  7.191   1.00 17.58 ? 148 PHE A O   1 
ATOM   95   C CB  . PHE A 1 19  ? 0.783   0.858   8.725   1.00 17.70 ? 148 PHE A CB  1 
ATOM   96   C CG  . PHE A 1 19  ? -0.069  1.254   9.896   1.00 19.74 ? 148 PHE A CG  1 
ATOM   97   C CD1 . PHE A 1 19  ? -0.539  0.334   10.801  1.00 21.71 ? 148 PHE A CD1 1 
ATOM   98   C CD2 . PHE A 1 19  ? -0.486  2.558   10.005  1.00 22.67 ? 148 PHE A CD2 1 
ATOM   99   C CE1 . PHE A 1 19  ? -1.363  0.707   11.827  1.00 21.59 ? 148 PHE A CE1 1 
ATOM   100  C CE2 . PHE A 1 19  ? -1.331  2.928   11.050  1.00 22.91 ? 148 PHE A CE2 1 
ATOM   101  C CZ  . PHE A 1 19  ? -1.780  1.984   11.903  1.00 20.44 ? 148 PHE A CZ  1 
ATOM   102  N N   . LEU A 1 20  ? 3.438   0.098   7.122   1.00 16.39 ? 149 LEU A N   1 
ATOM   103  C CA  . LEU A 1 20  ? 4.011   -0.297  5.873   1.00 18.99 ? 149 LEU A CA  1 
ATOM   104  C C   . LEU A 1 20  ? 4.785   -1.619  6.029   1.00 19.19 ? 149 LEU A C   1 
ATOM   105  O O   . LEU A 1 20  ? 4.675   -2.501  5.179   1.00 18.66 ? 149 LEU A O   1 
ATOM   106  C CB  . LEU A 1 20  ? 4.958   0.791   5.318   1.00 18.11 ? 149 LEU A CB  1 
ATOM   107  C CG  . LEU A 1 20  ? 5.639   0.552   3.955   1.00 21.70 ? 149 LEU A CG  1 
ATOM   108  C CD1 . LEU A 1 20  ? 4.606   0.386   2.901   1.00 22.60 ? 149 LEU A CD1 1 
ATOM   109  C CD2 . LEU A 1 20  ? 6.492   1.731   3.556   1.00 22.83 ? 149 LEU A CD2 1 
ATOM   110  N N   . ARG A 1 21  ? 5.558   -1.743  7.102   1.00 20.36 ? 150 ARG A N   1 
ATOM   111  C CA  . ARG A 1 21  ? 6.323   -2.980  7.365   1.00 20.86 ? 150 ARG A CA  1 
ATOM   112  C C   . ARG A 1 21  ? 5.420   -4.168  7.553   1.00 20.26 ? 150 ARG A C   1 
ATOM   113  O O   . ARG A 1 21  ? 5.689   -5.193  6.970   1.00 22.28 ? 150 ARG A O   1 
ATOM   114  C CB  A ARG A 1 21  ? 7.303   -2.804  8.536   0.50 25.71 ? 150 ARG A CB  1 
ATOM   115  C CB  B ARG A 1 21  ? 7.160   -2.818  8.650   0.50 23.68 ? 150 ARG A CB  1 
ATOM   116  C CG  A ARG A 1 21  ? 8.618   -2.162  8.084   0.50 27.87 ? 150 ARG A CG  1 
ATOM   117  C CG  B ARG A 1 21  ? 8.119   -3.972  9.006   0.50 24.01 ? 150 ARG A CG  1 
ATOM   118  C CD  A ARG A 1 21  ? 9.639   -1.971  9.198   0.50 31.27 ? 150 ARG A CD  1 
ATOM   119  C CD  B ARG A 1 21  ? 8.789   -3.705  10.375  0.50 28.21 ? 150 ARG A CD  1 
ATOM   120  N NE  A ARG A 1 21  ? 8.964   -1.703  10.460  0.50 34.27 ? 150 ARG A NE  1 
ATOM   121  N NE  B ARG A 1 21  ? 9.685   -2.549  10.300  0.50 32.07 ? 150 ARG A NE  1 
ATOM   122  C CZ  A ARG A 1 21  ? 8.977   -0.543  11.109  0.50 32.17 ? 150 ARG A CZ  1 
ATOM   123  C CZ  B ARG A 1 21  ? 9.529   -1.378  10.937  0.50 32.97 ? 150 ARG A CZ  1 
ATOM   124  N NH1 A ARG A 1 21  ? 9.672   0.481   10.637  0.50 35.64 ? 150 ARG A NH1 1 
ATOM   125  N NH1 B ARG A 1 21  ? 8.499   -1.137  11.757  0.50 32.14 ? 150 ARG A NH1 1 
ATOM   126  N NH2 A ARG A 1 21  ? 8.283   -0.426  12.235  0.50 31.47 ? 150 ARG A NH2 1 
ATOM   127  N NH2 B ARG A 1 21  ? 10.420  -0.430  10.749  0.50 35.17 ? 150 ARG A NH2 1 
ATOM   128  N N   . GLN A 1 22  ? 4.314   -4.009  8.263   1.00 20.25 ? 151 GLN A N   1 
ATOM   129  C CA  . GLN A 1 22  ? 3.327   -5.101  8.417   1.00 21.62 ? 151 GLN A CA  1 
ATOM   130  C C   . GLN A 1 22  ? 2.700   -5.504  7.092   1.00 21.64 ? 151 GLN A C   1 
ATOM   131  O O   . GLN A 1 22  ? 2.561   -6.689  6.790   1.00 22.07 ? 151 GLN A O   1 
ATOM   132  C CB  . GLN A 1 22  ? 2.244   -4.745  9.445   1.00 23.92 ? 151 GLN A CB  1 
ATOM   133  C CG  . GLN A 1 22  ? 2.765   -4.467  10.844  1.00 27.37 ? 151 GLN A CG  1 
ATOM   134  C CD  . GLN A 1 22  ? 3.734   -5.509  11.380  1.00 33.81 ? 151 GLN A CD  1 
ATOM   135  O OE1 . GLN A 1 22  ? 4.915   -5.243  11.645  1.00 49.15 ? 151 GLN A OE1 1 
ATOM   136  N NE2 . GLN A 1 22  ? 3.253   -6.661  11.521  1.00 38.07 ? 151 GLN A NE2 1 
ATOM   137  N N   . LEU A 1 23  ? 2.408   -4.547  6.217   1.00 19.45 ? 152 LEU A N   1 
ATOM   138  C CA  . LEU A 1 23  ? 1.830   -4.894  4.932   1.00 22.64 ? 152 LEU A CA  1 
ATOM   139  C C   . LEU A 1 23  ? 2.860   -5.557  4.015   1.00 21.98 ? 152 LEU A C   1 
ATOM   140  O O   . LEU A 1 23  ? 2.542   -6.519  3.305   1.00 22.16 ? 152 LEU A O   1 
ATOM   141  C CB  . LEU A 1 23  ? 1.267   -3.644  4.274   1.00 23.86 ? 152 LEU A CB  1 
ATOM   142  C CG  . LEU A 1 23  ? 0.039   -2.942  4.915   1.00 29.33 ? 152 LEU A CG  1 
ATOM   143  C CD1 . LEU A 1 23  ? -0.188  -1.520  4.370   1.00 27.07 ? 152 LEU A CD1 1 
ATOM   144  C CD2 . LEU A 1 23  ? -1.212  -3.811  4.764   1.00 30.05 ? 152 LEU A CD2 1 
ATOM   145  N N   . GLN A 1 24  ? 4.072   -5.062  4.009   1.00 20.88 ? 153 GLN A N   1 
ATOM   146  C CA  . GLN A 1 24  ? 5.126   -5.622  3.145   1.00 24.48 ? 153 GLN A CA  1 
ATOM   147  C C   . GLN A 1 24  ? 5.471   -7.073  3.515   1.00 24.52 ? 153 GLN A C   1 
ATOM   148  O O   . GLN A 1 24  ? 5.910   -7.838  2.624   1.00 23.66 ? 153 GLN A O   1 
ATOM   149  C CB  . GLN A 1 24  ? 6.430   -4.830  3.172   1.00 24.44 ? 153 GLN A CB  1 
ATOM   150  C CG  . GLN A 1 24  ? 6.316   -3.528  2.455   1.00 26.19 ? 153 GLN A CG  1 
ATOM   151  C CD  . GLN A 1 24  ? 7.595   -2.920  1.816   1.00 33.11 ? 153 GLN A CD  1 
ATOM   152  O OE1 . GLN A 1 24  ? 8.088   -1.919  2.338   1.00 32.00 ? 153 GLN A OE1 1 
ATOM   153  N NE2 . GLN A 1 24  ? 8.050   -3.429  0.629   1.00 32.85 ? 153 GLN A NE2 1 
ATOM   154  N N   . ARG A 1 25  ? 5.239   -7.442  4.775   1.00 25.10 ? 154 ARG A N   1 
ATOM   155  C CA  . ARG A 1 25  ? 5.472   -8.807  5.249   1.00 28.36 ? 154 ARG A CA  1 
ATOM   156  C C   . ARG A 1 25  ? 4.548   -9.770  4.517   1.00 30.49 ? 154 ARG A C   1 
ATOM   157  O O   . ARG A 1 25  ? 4.862   -10.960 4.366   1.00 36.65 ? 154 ARG A O   1 
ATOM   158  C CB  . ARG A 1 25  ? 5.229   -8.924  6.784   1.00 33.74 ? 154 ARG A CB  1 
ATOM   159  C CG  . ARG A 1 25  ? 6.345   -8.257  7.573   1.00 39.87 ? 154 ARG A CG  1 
ATOM   160  C CD  . ARG A 1 25  ? 6.124   -8.354  9.098   1.00 47.23 ? 154 ARG A CD  1 
ATOM   161  N NE  . ARG A 1 25  ? 5.897   -9.739  9.503   1.00 49.95 ? 154 ARG A NE  1 
ATOM   162  C CZ  . ARG A 1 25  ? 5.336   -10.132 10.646  1.00 59.36 ? 154 ARG A CZ  1 
ATOM   163  N NH1 . ARG A 1 25  ? 4.919   -9.250  11.555  1.00 60.78 ? 154 ARG A NH1 1 
ATOM   164  N NH2 . ARG A 1 25  ? 5.191   -11.435 10.889  1.00 59.52 ? 154 ARG A NH2 1 
ATOM   165  N N   . LYS A 1 26  ? 3.399   -9.286  4.055   1.00 23.84 ? 155 LYS A N   1 
ATOM   166  C CA  . LYS A 1 26  ? 2.528   -10.066 3.210   1.00 26.25 ? 155 LYS A CA  1 
ATOM   167  C C   . LYS A 1 26  ? 2.969   -10.272 1.736   1.00 24.16 ? 155 LYS A C   1 
ATOM   168  O O   . LYS A 1 26  ? 2.306   -10.974 0.952   1.00 26.76 ? 155 LYS A O   1 
ATOM   169  C CB  . LYS A 1 26  ? 1.156   -9.469  3.242   1.00 30.05 ? 155 LYS A CB  1 
ATOM   170  C CG  . LYS A 1 26  ? 0.548   -9.272  4.635   1.00 35.25 ? 155 LYS A CG  1 
ATOM   171  C CD  . LYS A 1 26  ? -0.440  -10.391 4.892   1.00 43.74 ? 155 LYS A CD  1 
ATOM   172  C CE  . LYS A 1 26  ? -0.984  -10.417 6.310   1.00 52.08 ? 155 LYS A CE  1 
ATOM   173  N NZ  . LYS A 1 26  ? 0.069   -10.303 7.364   1.00 59.04 ? 155 LYS A NZ  1 
ATOM   174  N N   . ASP A 1 27  ? 4.028   -9.625  1.317   1.00 23.19 ? 156 ASP A N   1 
ATOM   175  C CA  . ASP A 1 27  ? 4.519   -9.661  -0.033  1.00 22.24 ? 156 ASP A CA  1 
ATOM   176  C C   . ASP A 1 27  ? 5.992   -9.991  0.002   1.00 22.30 ? 156 ASP A C   1 
ATOM   177  O O   . ASP A 1 27  ? 6.868   -9.182  -0.380  1.00 21.20 ? 156 ASP A O   1 
ATOM   178  C CB  . ASP A 1 27  ? 4.290   -8.240  -0.668  1.00 25.49 ? 156 ASP A CB  1 
ATOM   179  C CG  . ASP A 1 27  ? 4.999   -8.060  -2.084  1.00 24.93 ? 156 ASP A CG  1 
ATOM   180  O OD1 . ASP A 1 27  ? 4.989   -9.107  -2.882  1.00 23.41 ? 156 ASP A OD1 1 
ATOM   181  O OD2 . ASP A 1 27  ? 5.555   -6.889  -2.337  1.00 22.12 ? 156 ASP A OD2 1 
ATOM   182  N N   . PRO A 1 28  ? 6.320   -11.225 0.426   1.00 22.59 ? 157 PRO A N   1 
ATOM   183  C CA  . PRO A 1 28  ? 7.750   -11.530 0.620   1.00 26.86 ? 157 PRO A CA  1 
ATOM   184  C C   . PRO A 1 28  ? 8.586   -11.473 -0.617  1.00 27.04 ? 157 PRO A C   1 
ATOM   185  O O   . PRO A 1 28  ? 9.777   -11.258 -0.521  1.00 26.67 ? 157 PRO A O   1 
ATOM   186  C CB  . PRO A 1 28  ? 7.723   -12.992 1.141   1.00 28.00 ? 157 PRO A CB  1 
ATOM   187  C CG  . PRO A 1 28  ? 6.452   -13.505 0.677   1.00 27.69 ? 157 PRO A CG  1 
ATOM   188  C CD  . PRO A 1 28  ? 5.482   -12.359 0.809   1.00 23.90 ? 157 PRO A CD  1 
ATOM   189  N N   . HIS A 1 29  ? 7.989   -11.665 -1.793  1.00 23.53 ? 158 HIS A N   1 
ATOM   190  C CA  . HIS A 1 29  ? 8.758   -11.639 -3.020  1.00 23.43 ? 158 HIS A CA  1 
ATOM   191  C C   . HIS A 1 29  ? 8.902   -10.244 -3.649  1.00 23.40 ? 158 HIS A C   1 
ATOM   192  O O   . HIS A 1 29  ? 9.418   -10.134 -4.712  1.00 22.26 ? 158 HIS A O   1 
ATOM   193  C CB  . HIS A 1 29  ? 8.191   -12.640 -3.961  1.00 23.10 ? 158 HIS A CB  1 
ATOM   194  C CG  . HIS A 1 29  ? 8.198   -13.995 -3.364  1.00 23.43 ? 158 HIS A CG  1 
ATOM   195  N ND1 . HIS A 1 29  ? 9.331   -14.534 -2.804  1.00 24.72 ? 158 HIS A ND1 1 
ATOM   196  C CD2 . HIS A 1 29  ? 7.197   -14.865 -3.097  1.00 25.28 ? 158 HIS A CD2 1 
ATOM   197  C CE1 . HIS A 1 29  ? 9.047   -15.705 -2.258  1.00 25.12 ? 158 HIS A CE1 1 
ATOM   198  N NE2 . HIS A 1 29  ? 7.766   -15.939 -2.460  1.00 23.00 ? 158 HIS A NE2 1 
ATOM   199  N N   . GLY A 1 30  ? 8.321   -9.225  -3.035  1.00 20.82 ? 159 GLY A N   1 
ATOM   200  C CA  . GLY A 1 30  ? 8.573   -7.895  -3.517  1.00 22.75 ? 159 GLY A CA  1 
ATOM   201  C C   . GLY A 1 30  ? 7.847   -7.544  -4.824  1.00 20.61 ? 159 GLY A C   1 
ATOM   202  O O   . GLY A 1 30  ? 8.235   -6.623  -5.535  1.00 20.94 ? 159 GLY A O   1 
ATOM   203  N N   . PHE A 1 31  ? 6.713   -8.190  -5.096  1.00 17.55 ? 160 PHE A N   1 
ATOM   204  C CA  . PHE A 1 31  ? 5.956   -7.872  -6.292  1.00 15.92 ? 160 PHE A CA  1 
ATOM   205  C C   . PHE A 1 31  ? 5.357   -6.475  -6.200  1.00 16.72 ? 160 PHE A C   1 
ATOM   206  O O   . PHE A 1 31  ? 5.079   -5.883  -7.207  1.00 17.41 ? 160 PHE A O   1 
ATOM   207  C CB  . PHE A 1 31  ? 4.815   -8.848  -6.523  1.00 18.33 ? 160 PHE A CB  1 
ATOM   208  C CG  . PHE A 1 31  ? 5.289   -10.254 -6.719  1.00 18.07 ? 160 PHE A CG  1 
ATOM   209  C CD1 . PHE A 1 31  ? 6.540   -10.530 -7.331  1.00 19.29 ? 160 PHE A CD1 1 
ATOM   210  C CD2 . PHE A 1 31  ? 4.489   -11.306 -6.311  1.00 23.31 ? 160 PHE A CD2 1 
ATOM   211  C CE1 . PHE A 1 31  ? 6.959   -11.843 -7.496  1.00 18.21 ? 160 PHE A CE1 1 
ATOM   212  C CE2 . PHE A 1 31  ? 4.916   -12.594 -6.472  1.00 23.17 ? 160 PHE A CE2 1 
ATOM   213  C CZ  . PHE A 1 31  ? 6.132   -12.846 -7.089  1.00 20.28 ? 160 PHE A CZ  1 
ATOM   214  N N   . PHE A 1 32  ? 5.127   -6.020  -4.978  1.00 15.71 ? 161 PHE A N   1 
ATOM   215  C CA  . PHE A 1 32  ? 4.578   -4.691  -4.744  1.00 16.31 ? 161 PHE A CA  1 
ATOM   216  C C   . PHE A 1 32  ? 5.568   -3.666  -4.229  1.00 19.13 ? 161 PHE A C   1 
ATOM   217  O O   . PHE A 1 32  ? 5.171   -2.562  -3.839  1.00 18.54 ? 161 PHE A O   1 
ATOM   218  C CB  . PHE A 1 32  ? 3.419   -4.824  -3.754  1.00 17.47 ? 161 PHE A CB  1 
ATOM   219  C CG  . PHE A 1 32  ? 2.214   -5.468  -4.371  1.00 18.95 ? 161 PHE A CG  1 
ATOM   220  C CD1 . PHE A 1 32  ? 1.235   -4.681  -5.035  1.00 20.06 ? 161 PHE A CD1 1 
ATOM   221  C CD2 . PHE A 1 32  ? 2.042   -6.866  -4.333  1.00 20.65 ? 161 PHE A CD2 1 
ATOM   222  C CE1 . PHE A 1 32  ? 0.111   -5.298  -5.580  1.00 20.90 ? 161 PHE A CE1 1 
ATOM   223  C CE2 . PHE A 1 32  ? 0.948   -7.480  -4.931  1.00 20.72 ? 161 PHE A CE2 1 
ATOM   224  C CZ  . PHE A 1 32  ? -0.028  -6.694  -5.539  1.00 20.37 ? 161 PHE A CZ  1 
ATOM   225  N N   . ALA A 1 33  ? 6.845   -4.003  -4.311  1.00 20.82 ? 162 ALA A N   1 
ATOM   226  C CA  . ALA A 1 33  ? 7.928   -3.204  -3.706  1.00 23.00 ? 162 ALA A CA  1 
ATOM   227  C C   . ALA A 1 33  ? 8.435   -2.122  -4.641  1.00 22.37 ? 162 ALA A C   1 
ATOM   228  O O   . ALA A 1 33  ? 9.027   -1.197  -4.153  1.00 20.25 ? 162 ALA A O   1 
ATOM   229  C CB  . ALA A 1 33  ? 9.111   -4.073  -3.309  1.00 24.12 ? 162 ALA A CB  1 
ATOM   230  N N   . PHE A 1 34  ? 8.216   -2.239  -5.943  1.00 20.52 ? 163 PHE A N   1 
ATOM   231  C CA  . PHE A 1 34  ? 8.820   -1.355  -6.968  1.00 23.56 ? 163 PHE A CA  1 
ATOM   232  C C   . PHE A 1 34  ? 7.736   -1.083  -8.060  1.00 20.67 ? 163 PHE A C   1 
ATOM   233  O O   . PHE A 1 34  ? 6.872   -1.914  -8.247  1.00 19.37 ? 163 PHE A O   1 
ATOM   234  C CB  . PHE A 1 34  ? 10.027  -2.108  -7.639  1.00 28.80 ? 163 PHE A CB  1 
ATOM   235  C CG  . PHE A 1 34  ? 11.032  -2.694  -6.666  1.00 33.76 ? 163 PHE A CG  1 
ATOM   236  C CD1 . PHE A 1 34  ? 11.998  -1.891  -6.072  1.00 38.37 ? 163 PHE A CD1 1 
ATOM   237  C CD2 . PHE A 1 34  ? 11.012  -4.059  -6.352  1.00 36.57 ? 163 PHE A CD2 1 
ATOM   238  C CE1 . PHE A 1 34  ? 12.931  -2.412  -5.169  1.00 38.02 ? 163 PHE A CE1 1 
ATOM   239  C CE2 . PHE A 1 34  ? 11.932  -4.602  -5.416  1.00 36.79 ? 163 PHE A CE2 1 
ATOM   240  C CZ  . PHE A 1 34  ? 12.877  -3.769  -4.821  1.00 37.12 ? 163 PHE A CZ  1 
ATOM   241  N N   . PRO A 1 35  ? 7.853   0.015   -8.827  1.00 22.34 ? 164 PRO A N   1 
ATOM   242  C CA  . PRO A 1 35  ? 6.917   0.324   -9.919  1.00 20.87 ? 164 PRO A CA  1 
ATOM   243  C C   . PRO A 1 35  ? 6.852   -0.778  -10.930 1.00 19.13 ? 164 PRO A C   1 
ATOM   244  O O   . PRO A 1 35  ? 7.925   -1.390  -11.274 1.00 20.82 ? 164 PRO A O   1 
ATOM   245  C CB  . PRO A 1 35  ? 7.486   1.621   -10.519 1.00 25.38 ? 164 PRO A CB  1 
ATOM   246  C CG  . PRO A 1 35  ? 8.404   2.171   -9.427  1.00 25.38 ? 164 PRO A CG  1 
ATOM   247  C CD  . PRO A 1 35  ? 8.955   1.004   -8.725  1.00 24.77 ? 164 PRO A CD  1 
ATOM   248  N N   . VAL A 1 36  ? 5.631   -1.085  -11.392 1.00 19.66 ? 165 VAL A N   1 
ATOM   249  C CA  . VAL A 1 36  ? 5.430   -2.059  -12.494 1.00 20.18 ? 165 VAL A CA  1 
ATOM   250  C C   . VAL A 1 36  ? 5.839   -1.380  -13.821 1.00 23.57 ? 165 VAL A C   1 
ATOM   251  O O   . VAL A 1 36  ? 5.289   -0.332  -14.152 1.00 23.98 ? 165 VAL A O   1 
ATOM   252  C CB  . VAL A 1 36  ? 3.971   -2.496  -12.571 1.00 20.73 ? 165 VAL A CB  1 
ATOM   253  C CG1 . VAL A 1 36  ? 3.769   -3.626  -13.570 1.00 22.57 ? 165 VAL A CG1 1 
ATOM   254  C CG2 . VAL A 1 36  ? 3.553   -3.065  -11.262 1.00 19.67 ? 165 VAL A CG2 1 
ATOM   255  N N   . THR A 1 37  ? 6.685   -2.002  -14.614 1.00 20.94 ? 166 THR A N   1 
ATOM   256  C CA  . THR A 1 37  ? 7.003   -1.471  -15.963 1.00 26.24 ? 166 THR A CA  1 
ATOM   257  C C   . THR A 1 37  ? 6.207   -2.171  -17.040 1.00 22.72 ? 166 THR A C   1 
ATOM   258  O O   . THR A 1 37  ? 5.861   -3.372  -16.892 1.00 21.10 ? 166 THR A O   1 
ATOM   259  C CB  . THR A 1 37  ? 8.481   -1.627  -16.323 1.00 29.65 ? 166 THR A CB  1 
ATOM   260  O OG1 . THR A 1 37  ? 8.801   -3.007  -16.375 1.00 35.68 ? 166 THR A OG1 1 
ATOM   261  C CG2 . THR A 1 37  ? 9.330   -1.021  -15.292 1.00 34.28 ? 166 THR A CG2 1 
ATOM   262  N N   . ASP A 1 38  ? 5.983   -1.474  -18.144 1.00 19.90 ? 167 ASP A N   1 
ATOM   263  C CA  . ASP A 1 38  ? 5.302   -2.086  -19.282 1.00 22.15 ? 167 ASP A CA  1 
ATOM   264  C C   . ASP A 1 38  ? 6.053   -3.288  -19.849 1.00 20.57 ? 167 ASP A C   1 
ATOM   265  O O   . ASP A 1 38  ? 5.446   -4.209  -20.428 1.00 17.91 ? 167 ASP A O   1 
ATOM   266  C CB  . ASP A 1 38  ? 5.061   -1.078  -20.414 1.00 24.26 ? 167 ASP A CB  1 
ATOM   267  C CG  . ASP A 1 38  ? 4.000   -0.074  -20.112 1.00 29.51 ? 167 ASP A CG  1 
ATOM   268  O OD1 . ASP A 1 38  ? 3.388   -0.024  -19.002 1.00 32.24 ? 167 ASP A OD1 1 
ATOM   269  O OD2 . ASP A 1 38  ? 3.783   0.730   -21.022 1.00 31.72 ? 167 ASP A OD2 1 
ATOM   270  N N   . ALA A 1 39  ? 7.374   -3.287  -19.682 1.00 20.65 ? 168 ALA A N   1 
ATOM   271  C CA  . ALA A 1 39  ? 8.156   -4.423  -20.149 1.00 20.62 ? 168 ALA A CA  1 
ATOM   272  C C   . ALA A 1 39  ? 7.776   -5.741  -19.456 1.00 20.14 ? 168 ALA A C   1 
ATOM   273  O O   . ALA A 1 39  ? 7.809   -6.785  -20.101 1.00 23.02 ? 168 ALA A O   1 
ATOM   274  C CB  . ALA A 1 39  ? 9.619   -4.138  -19.931 1.00 20.22 ? 168 ALA A CB  1 
ATOM   275  N N   . ILE A 1 40  ? 7.375   -5.715  -18.170 1.00 17.32 ? 169 ILE A N   1 
ATOM   276  C CA  . ILE A 1 40  ? 6.927   -7.004  -17.526 1.00 20.77 ? 169 ILE A CA  1 
ATOM   277  C C   . ILE A 1 40  ? 5.419   -7.187  -17.504 1.00 18.83 ? 169 ILE A C   1 
ATOM   278  O O   . ILE A 1 40  ? 4.932   -8.253  -17.194 1.00 21.46 ? 169 ILE A O   1 
ATOM   279  C CB  . ILE A 1 40  ? 7.496   -7.137  -16.095 1.00 21.93 ? 169 ILE A CB  1 
ATOM   280  C CG1 . ILE A 1 40  ? 6.861   -6.138  -15.125 1.00 20.01 ? 169 ILE A CG1 1 
ATOM   281  C CG2 . ILE A 1 40  ? 9.039   -7.018  -16.182 1.00 26.67 ? 169 ILE A CG2 1 
ATOM   282  C CD1 . ILE A 1 40  ? 7.340   -6.278  -13.665 1.00 24.90 ? 169 ILE A CD1 1 
ATOM   283  N N   . ALA A 1 41  ? 4.717   -6.117  -17.789 1.00 17.37 ? 170 ALA A N   1 
ATOM   284  C CA  . ALA A 1 41  ? 3.234   -6.040  -17.728 1.00 18.92 ? 170 ALA A CA  1 
ATOM   285  C C   . ALA A 1 41  ? 2.710   -5.246  -18.967 1.00 19.67 ? 170 ALA A C   1 
ATOM   286  O O   . ALA A 1 41  ? 2.523   -4.006  -18.905 1.00 19.29 ? 170 ALA A O   1 
ATOM   287  C CB  . ALA A 1 41  ? 2.794   -5.347  -16.431 1.00 19.57 ? 170 ALA A CB  1 
ATOM   288  N N   . PRO A 1 42  ? 2.488   -5.954  -20.117 1.00 20.63 ? 171 PRO A N   1 
ATOM   289  C CA  . PRO A 1 42  ? 2.200   -5.253  -21.358 1.00 20.97 ? 171 PRO A CA  1 
ATOM   290  C C   . PRO A 1 42  ? 0.959   -4.355  -21.224 1.00 21.32 ? 171 PRO A C   1 
ATOM   291  O O   . PRO A 1 42  ? -0.015  -4.785  -20.617 1.00 21.49 ? 171 PRO A O   1 
ATOM   292  C CB  . PRO A 1 42  ? 1.964   -6.402  -22.363 1.00 24.29 ? 171 PRO A CB  1 
ATOM   293  C CG  . PRO A 1 42  ? 2.867   -7.466  -21.864 1.00 27.23 ? 171 PRO A CG  1 
ATOM   294  C CD  . PRO A 1 42  ? 2.748   -7.405  -20.354 1.00 24.96 ? 171 PRO A CD  1 
ATOM   295  N N   . GLY A 1 43  ? 1.059   -3.138  -21.699 1.00 20.01 ? 172 GLY A N   1 
ATOM   296  C CA  . GLY A 1 43  ? -0.056  -2.176  -21.636 1.00 21.10 ? 172 GLY A CA  1 
ATOM   297  C C   . GLY A 1 43  ? -0.264  -1.498  -20.305 1.00 20.73 ? 172 GLY A C   1 
ATOM   298  O O   . GLY A 1 43  ? -1.268  -0.743  -20.122 1.00 24.96 ? 172 GLY A O   1 
ATOM   299  N N   . TYR A 1 44  ? 0.556   -1.846  -19.320 1.00 18.74 ? 173 TYR A N   1 
ATOM   300  C CA  . TYR A 1 44  ? 0.260   -1.364  -17.947 1.00 19.84 ? 173 TYR A CA  1 
ATOM   301  C C   . TYR A 1 44  ? -0.032  0.141   -17.941 1.00 21.22 ? 173 TYR A C   1 
ATOM   302  O O   . TYR A 1 44  ? -1.018  0.555   -17.364 1.00 19.80 ? 173 TYR A O   1 
ATOM   303  C CB  . TYR A 1 44  ? 1.399   -1.632  -17.014 1.00 18.93 ? 173 TYR A CB  1 
ATOM   304  C CG  . TYR A 1 44  ? 1.013   -1.469  -15.563 1.00 15.47 ? 173 TYR A CG  1 
ATOM   305  C CD1 . TYR A 1 44  ? 0.384   -2.472  -14.925 1.00 18.56 ? 173 TYR A CD1 1 
ATOM   306  C CD2 . TYR A 1 44  ? 1.325   -0.335  -14.848 1.00 18.17 ? 173 TYR A CD2 1 
ATOM   307  C CE1 . TYR A 1 44  ? -0.008  -2.366  -13.601 1.00 19.32 ? 173 TYR A CE1 1 
ATOM   308  C CE2 . TYR A 1 44  ? 0.965   -0.219  -13.505 1.00 19.04 ? 173 TYR A CE2 1 
ATOM   309  C CZ  . TYR A 1 44  ? 0.303   -1.259  -12.884 1.00 19.97 ? 173 TYR A CZ  1 
ATOM   310  O OH  . TYR A 1 44  ? -0.080  -1.154  -11.560 1.00 19.39 ? 173 TYR A OH  1 
ATOM   311  N N   . SER A 1 45  ? 0.885   0.950   -18.483 1.00 22.76 ? 174 SER A N   1 
ATOM   312  C CA  . SER A 1 45  ? 0.776   2.431   -18.438 1.00 27.17 ? 174 SER A CA  1 
ATOM   313  C C   . SER A 1 45  ? -0.492  2.969   -19.146 1.00 29.59 ? 174 SER A C   1 
ATOM   314  O O   . SER A 1 45  ? -0.999  4.081   -18.801 1.00 29.40 ? 174 SER A O   1 
ATOM   315  C CB  . SER A 1 45  ? 2.046   3.070   -19.005 1.00 29.28 ? 174 SER A CB  1 
ATOM   316  O OG  . SER A 1 45  ? 2.115   2.661   -20.353 1.00 31.32 ? 174 SER A OG  1 
ATOM   317  N N   . MET A 1 46  ? -1.033  2.233   -20.116 1.00 28.93 ? 175 MET A N   1 
ATOM   318  C CA  . MET A 1 46  ? -2.258  2.696   -20.774 1.00 36.08 ? 175 MET A CA  1 
ATOM   319  C C   . MET A 1 46  ? -3.523  2.401   -19.910 1.00 31.86 ? 175 MET A C   1 
ATOM   320  O O   . MET A 1 46  ? -4.509  3.089   -19.986 1.00 36.97 ? 175 MET A O   1 
ATOM   321  C CB  A MET A 1 46  ? -2.339  2.082   -22.187 0.50 39.42 ? 175 MET A CB  1 
ATOM   322  C CB  B MET A 1 46  ? -2.422  2.134   -22.204 0.50 39.07 ? 175 MET A CB  1 
ATOM   323  C CG  A MET A 1 46  ? -1.449  2.754   -23.256 0.50 44.31 ? 175 MET A CG  1 
ATOM   324  C CG  B MET A 1 46  ? -3.509  2.832   -23.059 0.50 44.08 ? 175 MET A CG  1 
ATOM   325  S SD  A MET A 1 46  ? 0.113   3.568   -22.801 0.50 52.34 ? 175 MET A SD  1 
ATOM   326  S SD  B MET A 1 46  ? -3.576  4.677   -23.121 0.50 49.59 ? 175 MET A SD  1 
ATOM   327  C CE  A MET A 1 46  ? -0.379  5.290   -22.617 0.50 50.65 ? 175 MET A CE  1 
ATOM   328  C CE  B MET A 1 46  ? -1.905  5.093   -23.603 0.50 44.52 ? 175 MET A CE  1 
ATOM   329  N N   . ILE A 1 47  ? -3.487  1.370   -19.087 1.00 25.06 ? 176 ILE A N   1 
ATOM   330  C CA  . ILE A 1 47  ? -4.654  0.920   -18.316 1.00 22.23 ? 176 ILE A CA  1 
ATOM   331  C C   . ILE A 1 47  ? -4.617  1.599   -16.905 1.00 22.48 ? 176 ILE A C   1 
ATOM   332  O O   . ILE A 1 47  ? -5.646  1.995   -16.385 1.00 22.51 ? 176 ILE A O   1 
ATOM   333  C CB  . ILE A 1 47  ? -4.598  -0.612  -18.158 1.00 25.12 ? 176 ILE A CB  1 
ATOM   334  C CG1 . ILE A 1 47  ? -4.783  -1.296  -19.541 1.00 32.11 ? 176 ILE A CG1 1 
ATOM   335  C CG2 . ILE A 1 47  ? -5.600  -1.132  -17.144 1.00 25.51 ? 176 ILE A CG2 1 
ATOM   336  C CD1 . ILE A 1 47  ? -4.398  -2.760  -19.591 1.00 30.66 ? 176 ILE A CD1 1 
ATOM   337  N N   . ILE A 1 48  ? -3.427  1.732   -16.316 1.00 18.27 ? 177 ILE A N   1 
ATOM   338  C CA  . ILE A 1 48  ? -3.241  2.224   -14.926 1.00 17.34 ? 177 ILE A CA  1 
ATOM   339  C C   . ILE A 1 48  ? -2.674  3.619   -15.045 1.00 18.36 ? 177 ILE A C   1 
ATOM   340  O O   . ILE A 1 48  ? -1.509  3.767   -15.389 1.00 19.65 ? 177 ILE A O   1 
ATOM   341  C CB  . ILE A 1 48  ? -2.323  1.303   -14.066 1.00 17.58 ? 177 ILE A CB  1 
ATOM   342  C CG1 . ILE A 1 48  ? -2.961  -0.077  -13.985 1.00 20.07 ? 177 ILE A CG1 1 
ATOM   343  C CG2 . ILE A 1 48  ? -2.046  1.901   -12.669 1.00 18.78 ? 177 ILE A CG2 1 
ATOM   344  C CD1 . ILE A 1 48  ? -4.393  -0.091  -13.518 1.00 21.21 ? 177 ILE A CD1 1 
ATOM   345  N N   . LYS A 1 49  ? -3.502  4.607   -14.756 1.00 20.17 ? 178 LYS A N   1 
ATOM   346  C CA  . LYS A 1 49  ? -3.068  6.013   -14.906 1.00 24.31 ? 178 LYS A CA  1 
ATOM   347  C C   . LYS A 1 49  ? -2.293  6.600   -13.729 1.00 24.64 ? 178 LYS A C   1 
ATOM   348  O O   . LYS A 1 49  ? -1.586  7.602   -13.897 1.00 19.61 ? 178 LYS A O   1 
ATOM   349  C CB  . LYS A 1 49  ? -4.270  6.861   -15.092 1.00 27.53 ? 178 LYS A CB  1 
ATOM   350  C CG  . LYS A 1 49  ? -5.209  6.400   -16.159 1.00 35.78 ? 178 LYS A CG  1 
ATOM   351  C CD  . LYS A 1 49  ? -4.506  6.376   -17.477 1.00 37.96 ? 178 LYS A CD  1 
ATOM   352  C CE  . LYS A 1 49  ? -5.530  6.010   -18.551 1.00 44.78 ? 178 LYS A CE  1 
ATOM   353  N NZ  . LYS A 1 49  ? -4.870  6.214   -19.853 1.00 47.68 ? 178 LYS A NZ  1 
ATOM   354  N N   . HIS A 1 50  ? -2.451  5.986   -12.535 1.00 20.45 ? 179 HIS A N   1 
ATOM   355  C CA  . HIS A 1 50  ? -1.832  6.472   -11.291 1.00 21.05 ? 179 HIS A CA  1 
ATOM   356  C C   . HIS A 1 50  ? -1.141  5.302   -10.586 1.00 19.45 ? 179 HIS A C   1 
ATOM   357  O O   . HIS A 1 50  ? -1.699  4.692   -9.699  1.00 17.95 ? 179 HIS A O   1 
ATOM   358  C CB  . HIS A 1 50  ? -2.889  7.071   -10.416 1.00 23.00 ? 179 HIS A CB  1 
ATOM   359  C CG  . HIS A 1 50  ? -3.535  8.276   -11.046 1.00 24.13 ? 179 HIS A CG  1 
ATOM   360  N ND1 . HIS A 1 50  ? -4.825  8.269   -11.547 1.00 32.85 ? 179 HIS A ND1 1 
ATOM   361  C CD2 . HIS A 1 50  ? -3.015  9.499   -11.335 1.00 25.24 ? 179 HIS A CD2 1 
ATOM   362  C CE1 . HIS A 1 50  ? -5.087  9.450   -12.099 1.00 28.12 ? 179 HIS A CE1 1 
ATOM   363  N NE2 . HIS A 1 50  ? -4.007  10.217  -11.980 1.00 29.71 ? 179 HIS A NE2 1 
ATOM   364  N N   . PRO A 1 51  ? 0.069   4.990   -11.022 1.00 19.87 ? 180 PRO A N   1 
ATOM   365  C CA  . PRO A 1 51  ? 0.740   3.837   -10.446 1.00 18.23 ? 180 PRO A CA  1 
ATOM   366  C C   . PRO A 1 51  ? 1.118   4.129   -8.976  1.00 17.34 ? 180 PRO A C   1 
ATOM   367  O O   . PRO A 1 51  ? 1.278   5.314   -8.533  1.00 18.02 ? 180 PRO A O   1 
ATOM   368  C CB  . PRO A 1 51  ? 1.999   3.675   -11.349 1.00 21.54 ? 180 PRO A CB  1 
ATOM   369  C CG  . PRO A 1 51  ? 2.237   5.038   -11.872 1.00 26.95 ? 180 PRO A CG  1 
ATOM   370  C CD  . PRO A 1 51  ? 0.889   5.623   -12.086 1.00 23.33 ? 180 PRO A CD  1 
ATOM   371  N N   . MET A 1 52  ? 1.212   3.095   -8.142  1.00 15.87 ? 181 MET A N   1 
ATOM   372  C CA  . MET A 1 52  ? 1.655   3.186   -6.733  1.00 15.43 ? 181 MET A CA  1 
ATOM   373  C C   . MET A 1 52  ? 2.308   1.849   -6.307  1.00 17.11 ? 181 MET A C   1 
ATOM   374  O O   . MET A 1 52  ? 1.991   0.794   -6.855  1.00 16.19 ? 181 MET A O   1 
ATOM   375  C CB  . MET A 1 52  ? 0.474   3.478   -5.783  1.00 17.59 ? 181 MET A CB  1 
ATOM   376  C CG  . MET A 1 52  ? 0.844   3.740   -4.352  1.00 20.14 ? 181 MET A CG  1 
ATOM   377  S SD  . MET A 1 52  ? 2.058   5.044   -4.149  1.00 21.24 ? 181 MET A SD  1 
ATOM   378  C CE  . MET A 1 52  ? 1.233   6.475   -4.975  1.00 24.85 ? 181 MET A CE  1 
ATOM   379  N N   . ASP A 1 53  ? 3.327   1.918   -5.425  1.00 17.57 ? 182 ASP A N   1 
ATOM   380  C CA  . ASP A 1 53  ? 3.988   0.700   -4.941  1.00 18.67 ? 182 ASP A CA  1 
ATOM   381  C C   . ASP A 1 53  ? 4.508   1.039   -3.534  1.00 17.97 ? 182 ASP A C   1 
ATOM   382  O O   . ASP A 1 53  ? 4.496   2.219   -3.164  1.00 16.41 ? 182 ASP A O   1 
ATOM   383  C CB  . ASP A 1 53  ? 5.114   0.300   -5.868  1.00 19.23 ? 182 ASP A CB  1 
ATOM   384  C CG  . ASP A 1 53  ? 6.145   1.402   -6.012  1.00 24.48 ? 182 ASP A CG  1 
ATOM   385  O OD1 . ASP A 1 53  ? 5.872   2.393   -6.683  1.00 28.09 ? 182 ASP A OD1 1 
ATOM   386  O OD2 . ASP A 1 53  ? 7.147   1.410   -5.248  1.00 28.92 ? 182 ASP A OD2 1 
ATOM   387  N N   . PHE A 1 54  ? 4.982   0.018   -2.832  1.00 16.05 ? 183 PHE A N   1 
ATOM   388  C CA  . PHE A 1 54  ? 5.422   0.165   -1.461  1.00 15.88 ? 183 PHE A CA  1 
ATOM   389  C C   . PHE A 1 54  ? 6.629   1.066   -1.386  1.00 16.76 ? 183 PHE A C   1 
ATOM   390  O O   . PHE A 1 54  ? 6.808   1.792   -0.390  1.00 19.47 ? 183 PHE A O   1 
ATOM   391  C CB  . PHE A 1 54  ? 5.740   -1.155  -0.812  1.00 16.40 ? 183 PHE A CB  1 
ATOM   392  C CG  . PHE A 1 54  ? 4.552   -1.946  -0.365  1.00 15.97 ? 183 PHE A CG  1 
ATOM   393  C CD1 . PHE A 1 54  ? 3.520   -1.367  0.290   1.00 20.07 ? 183 PHE A CD1 1 
ATOM   394  C CD2 . PHE A 1 54  ? 4.498   -3.292  -0.561  1.00 19.18 ? 183 PHE A CD2 1 
ATOM   395  C CE1 . PHE A 1 54  ? 2.443   -2.108  0.738   1.00 21.03 ? 183 PHE A CE1 1 
ATOM   396  C CE2 . PHE A 1 54  ? 3.452   -4.051  -0.068  1.00 18.34 ? 183 PHE A CE2 1 
ATOM   397  C CZ  . PHE A 1 54  ? 2.427   -3.462  0.592   1.00 20.55 ? 183 PHE A CZ  1 
ATOM   398  N N   . GLY A 1 55  ? 7.497   0.975   -2.378  1.00 17.70 ? 184 GLY A N   1 
ATOM   399  C CA  . GLY A 1 55  ? 8.699   1.828   -2.402  1.00 20.06 ? 184 GLY A CA  1 
ATOM   400  C C   . GLY A 1 55  ? 8.435   3.299   -2.520  1.00 19.26 ? 184 GLY A C   1 
ATOM   401  O O   . GLY A 1 55  ? 9.066   4.149   -1.828  1.00 20.10 ? 184 GLY A O   1 
ATOM   402  N N   . THR A 1 56  ? 7.462   3.643   -3.318  1.00 18.82 ? 185 THR A N   1 
ATOM   403  C CA  . THR A 1 56  ? 6.994   5.018   -3.425  1.00 20.33 ? 185 THR A CA  1 
ATOM   404  C C   . THR A 1 56  ? 6.405   5.477   -2.118  1.00 20.18 ? 185 THR A C   1 
ATOM   405  O O   . THR A 1 56  ? 6.676   6.614   -1.659  1.00 20.56 ? 185 THR A O   1 
ATOM   406  C CB  . THR A 1 56  ? 5.998   5.164   -4.599  1.00 22.44 ? 185 THR A CB  1 
ATOM   407  O OG1 . THR A 1 56  ? 6.670   4.757   -5.826  1.00 26.92 ? 185 THR A OG1 1 
ATOM   408  C CG2 . THR A 1 56  ? 5.475   6.569   -4.724  1.00 24.99 ? 185 THR A CG2 1 
ATOM   409  N N   . MET A 1 57  ? 5.568   4.628   -1.489  1.00 16.74 ? 186 MET A N   1 
ATOM   410  C CA  . MET A 1 57  ? 4.990   4.968   -0.196  1.00 16.24 ? 186 MET A CA  1 
ATOM   411  C C   . MET A 1 57  ? 6.077   5.162   0.885   1.00 17.70 ? 186 MET A C   1 
ATOM   412  O O   . MET A 1 57  ? 6.001   6.096   1.672   1.00 18.39 ? 186 MET A O   1 
ATOM   413  C CB  . MET A 1 57  ? 3.937   3.916   0.252   1.00 16.82 ? 186 MET A CB  1 
ATOM   414  C CG  . MET A 1 57  ? 2.765   3.870   -0.735  1.00 17.77 ? 186 MET A CG  1 
ATOM   415  S SD  . MET A 1 57  ? 1.699   2.476   -0.257  1.00 24.54 ? 186 MET A SD  1 
ATOM   416  C CE  . MET A 1 57  ? 1.049   2.955   1.290   1.00 31.43 ? 186 MET A CE  1 
ATOM   417  N N   . LYS A 1 58  ? 7.105   4.330   0.879   1.00 15.14 ? 187 LYS A N   1 
ATOM   418  C CA  . LYS A 1 58  ? 8.176   4.478   1.858   1.00 19.37 ? 187 LYS A CA  1 
ATOM   419  C C   . LYS A 1 58  ? 8.875   5.841   1.650   1.00 19.12 ? 187 LYS A C   1 
ATOM   420  O O   . LYS A 1 58  ? 9.185   6.573   2.606   1.00 22.10 ? 187 LYS A O   1 
ATOM   421  C CB  . LYS A 1 58  ? 9.161   3.341   1.738   1.00 22.58 ? 187 LYS A CB  1 
ATOM   422  C CG  . LYS A 1 58  ? 10.364  3.403   2.664   1.00 28.21 ? 187 LYS A CG  1 
ATOM   423  C CD  . LYS A 1 58  ? 9.992   3.616   4.125   1.00 34.76 ? 187 LYS A CD  1 
ATOM   424  C CE  . LYS A 1 58  ? 11.243  3.863   4.978   1.00 43.38 ? 187 LYS A CE  1 
ATOM   425  N NZ  . LYS A 1 58  ? 12.150  2.672   5.014   1.00 45.15 ? 187 LYS A NZ  1 
ATOM   426  N N   . ASP A 1 59  ? 9.091   6.196   0.412   1.00 22.11 ? 188 ASP A N   1 
ATOM   427  C CA  . ASP A 1 59  ? 9.704   7.510   0.156   1.00 23.63 ? 188 ASP A CA  1 
ATOM   428  C C   . ASP A 1 59  ? 8.832   8.670   0.594   1.00 25.77 ? 188 ASP A C   1 
ATOM   429  O O   . ASP A 1 59  ? 9.349   9.734   1.044   1.00 28.04 ? 188 ASP A O   1 
ATOM   430  C CB  . ASP A 1 59  ? 9.978   7.670   -1.309  1.00 27.94 ? 188 ASP A CB  1 
ATOM   431  C CG  . ASP A 1 59  ? 11.042  6.722   -1.842  1.00 33.61 ? 188 ASP A CG  1 
ATOM   432  O OD1 . ASP A 1 59  ? 11.859  6.123   -1.094  1.00 37.60 ? 188 ASP A OD1 1 
ATOM   433  O OD2 . ASP A 1 59  ? 11.078  6.557   -3.081  1.00 43.55 ? 188 ASP A OD2 1 
ATOM   434  N N   . LYS A 1 60  ? 7.509   8.540   0.433   1.00 22.24 ? 189 LYS A N   1 
ATOM   435  C CA  . LYS A 1 60  ? 6.636   9.590   0.907   1.00 23.60 ? 189 LYS A CA  1 
ATOM   436  C C   . LYS A 1 60  ? 6.649   9.708   2.423   1.00 24.98 ? 189 LYS A C   1 
ATOM   437  O O   . LYS A 1 60  ? 6.549   10.841  2.958   1.00 24.70 ? 189 LYS A O   1 
ATOM   438  C CB  . LYS A 1 60  ? 5.215   9.435   0.406   1.00 23.74 ? 189 LYS A CB  1 
ATOM   439  C CG  . LYS A 1 60  ? 5.141   9.692   -1.098  1.00 27.50 ? 189 LYS A CG  1 
ATOM   440  C CD  . LYS A 1 60  ? 3.790   9.488   -1.754  1.00 28.98 ? 189 LYS A CD  1 
ATOM   441  C CE  . LYS A 1 60  ? 2.735   10.416  -1.243  1.00 30.37 ? 189 LYS A CE  1 
ATOM   442  N NZ  . LYS A 1 60  ? 1.517   10.152  -2.046  1.00 33.46 ? 189 LYS A NZ  1 
ATOM   443  N N   . ILE A 1 61  ? 6.762   8.560   3.136   1.00 23.35 ? 190 ILE A N   1 
ATOM   444  C CA  . ILE A 1 61  ? 6.844   8.596   4.589   1.00 23.71 ? 190 ILE A CA  1 
ATOM   445  C C   . ILE A 1 61  ? 8.108   9.387   4.975   1.00 26.10 ? 190 ILE A C   1 
ATOM   446  O O   . ILE A 1 61  ? 8.016   10.304  5.808   1.00 28.08 ? 190 ILE A O   1 
ATOM   447  C CB  . ILE A 1 61  ? 6.879   7.231   5.252   1.00 23.58 ? 190 ILE A CB  1 
ATOM   448  C CG1 . ILE A 1 61  ? 5.588   6.499   4.938   1.00 23.33 ? 190 ILE A CG1 1 
ATOM   449  C CG2 . ILE A 1 61  ? 7.019   7.408   6.794   1.00 26.08 ? 190 ILE A CG2 1 
ATOM   450  C CD1 . ILE A 1 61  ? 5.625   5.051   5.312   1.00 22.55 ? 190 ILE A CD1 1 
ATOM   451  N N   . VAL A 1 62  ? 9.235   9.019   4.381   1.00 25.86 ? 191 VAL A N   1 
ATOM   452  C CA  . VAL A 1 62  ? 10.546  9.618   4.689   1.00 32.38 ? 191 VAL A CA  1 
ATOM   453  C C   . VAL A 1 62  ? 10.518  11.142  4.448   1.00 35.72 ? 191 VAL A C   1 
ATOM   454  O O   . VAL A 1 62  ? 11.031  11.902  5.250   1.00 37.63 ? 191 VAL A O   1 
ATOM   455  C CB  . VAL A 1 62  ? 11.688  8.907   3.924   1.00 32.45 ? 191 VAL A CB  1 
ATOM   456  C CG1 . VAL A 1 62  ? 13.005  9.689   3.919   1.00 38.03 ? 191 VAL A CG1 1 
ATOM   457  C CG2 . VAL A 1 62  ? 11.926  7.524   4.509   1.00 35.27 ? 191 VAL A CG2 1 
ATOM   458  N N   . ALA A 1 63  ? 9.863   11.575  3.398   1.00 33.61 ? 192 ALA A N   1 
ATOM   459  C CA  . ALA A 1 63  ? 9.738   12.980  3.062   1.00 37.07 ? 192 ALA A CA  1 
ATOM   460  C C   . ALA A 1 63  ? 8.570   13.674  3.816   1.00 38.71 ? 192 ALA A C   1 
ATOM   461  O O   . ALA A 1 63  ? 8.241   14.835  3.563   1.00 41.61 ? 192 ALA A O   1 
ATOM   462  C CB  . ALA A 1 63  ? 9.597   13.091  1.545   1.00 36.66 ? 192 ALA A CB  1 
ATOM   463  N N   . ASN A 1 64  ? 7.916   12.951  4.733   1.00 37.34 ? 193 ASN A N   1 
ATOM   464  C CA  . ASN A 1 64  ? 6.801   13.497  5.511   1.00 39.39 ? 193 ASN A CA  1 
ATOM   465  C C   . ASN A 1 64  ? 5.674   14.084  4.679   1.00 41.93 ? 193 ASN A C   1 
ATOM   466  O O   . ASN A 1 64  ? 5.131   15.141  4.992   1.00 44.25 ? 193 ASN A O   1 
ATOM   467  C CB  . ASN A 1 64  ? 7.342   14.521  6.547   1.00 42.79 ? 193 ASN A CB  1 
ATOM   468  C CG  . ASN A 1 64  ? 6.466   14.619  7.783   1.00 52.86 ? 193 ASN A CG  1 
ATOM   469  O OD1 . ASN A 1 64  ? 5.990   13.605  8.345   1.00 45.73 ? 193 ASN A OD1 1 
ATOM   470  N ND2 . ASN A 1 64  ? 6.216   15.852  8.205   1.00 55.77 ? 193 ASN A ND2 1 
ATOM   471  N N   . GLU A 1 65  ? 5.322   13.384  3.606   1.00 34.82 ? 194 GLU A N   1 
ATOM   472  C CA  . GLU A 1 65  ? 4.269   13.826  2.693   1.00 36.17 ? 194 GLU A CA  1 
ATOM   473  C C   . GLU A 1 65  ? 2.916   13.340  3.097   1.00 33.92 ? 194 GLU A C   1 
ATOM   474  O O   . GLU A 1 65  ? 1.934   13.725  2.488   1.00 38.09 ? 194 GLU A O   1 
ATOM   475  C CB  . GLU A 1 65  ? 4.537   13.326  1.273   1.00 40.22 ? 194 GLU A CB  1 
ATOM   476  C CG  . GLU A 1 65  ? 5.758   13.957  0.620   1.00 47.55 ? 194 GLU A CG  1 
ATOM   477  C CD  . GLU A 1 65  ? 5.933   13.542  -0.847  1.00 51.37 ? 194 GLU A CD  1 
ATOM   478  O OE1 . GLU A 1 65  ? 4.973   13.650  -1.624  1.00 54.15 ? 194 GLU A OE1 1 
ATOM   479  O OE2 . GLU A 1 65  ? 7.036   13.091  -1.241  1.00 63.03 ? 194 GLU A OE2 1 
ATOM   480  N N   . TYR A 1 66  ? 2.813   12.430  4.059   1.00 29.47 ? 195 TYR A N   1 
ATOM   481  C CA  . TYR A 1 66  ? 1.497   12.028  4.452   1.00 28.04 ? 195 TYR A CA  1 
ATOM   482  C C   . TYR A 1 66  ? 1.102   12.859  5.672   1.00 28.71 ? 195 TYR A C   1 
ATOM   483  O O   . TYR A 1 66  ? 1.732   12.714  6.704   1.00 30.86 ? 195 TYR A O   1 
ATOM   484  C CB  . TYR A 1 66  ? 1.481   10.546  4.812   1.00 28.95 ? 195 TYR A CB  1 
ATOM   485  C CG  . TYR A 1 66  ? 1.667   9.636   3.646   1.00 22.70 ? 195 TYR A CG  1 
ATOM   486  C CD1 . TYR A 1 66  ? 0.758   9.620   2.600   1.00 21.95 ? 195 TYR A CD1 1 
ATOM   487  C CD2 . TYR A 1 66  ? 2.712   8.702   3.634   1.00 23.42 ? 195 TYR A CD2 1 
ATOM   488  C CE1 . TYR A 1 66  ? 0.941   8.746   1.537   1.00 21.72 ? 195 TYR A CE1 1 
ATOM   489  C CE2 . TYR A 1 66  ? 2.883   7.816   2.593   1.00 22.81 ? 195 TYR A CE2 1 
ATOM   490  C CZ  . TYR A 1 66  ? 2.005   7.840   1.540   1.00 19.52 ? 195 TYR A CZ  1 
ATOM   491  O OH  . TYR A 1 66  ? 2.126   6.991   0.494   1.00 20.02 ? 195 TYR A OH  1 
ATOM   492  N N   . LYS A 1 67  ? 0.033   13.643  5.595   1.00 31.03 ? 196 LYS A N   1 
ATOM   493  C CA  . LYS A 1 67  ? -0.436  14.385  6.788   1.00 31.70 ? 196 LYS A CA  1 
ATOM   494  C C   . LYS A 1 67  ? -1.205  13.503  7.756   1.00 33.56 ? 196 LYS A C   1 
ATOM   495  O O   . LYS A 1 67  ? -1.370  13.865  8.923   1.00 31.81 ? 196 LYS A O   1 
ATOM   496  C CB  . LYS A 1 67  ? -1.295  15.602  6.409   1.00 35.34 ? 196 LYS A CB  1 
ATOM   497  N N   . SER A 1 68  ? -1.711  12.364  7.320   1.00 25.65 ? 197 SER A N   1 
ATOM   498  C CA  . SER A 1 68  ? -2.583  11.597  8.124   1.00 24.79 ? 197 SER A CA  1 
ATOM   499  C C   . SER A 1 68  ? -2.516  10.148  7.711   1.00 24.88 ? 197 SER A C   1 
ATOM   500  O O   . SER A 1 68  ? -2.096  9.818   6.555   1.00 22.57 ? 197 SER A O   1 
ATOM   501  C CB  . SER A 1 68  ? -4.067  12.072  7.997   1.00 30.22 ? 197 SER A CB  1 
ATOM   502  O OG  . SER A 1 68  ? -4.614  11.698  6.722   1.00 31.91 ? 197 SER A OG  1 
ATOM   503  N N   . VAL A 1 69  ? -3.028  9.306   8.590   1.00 23.91 ? 198 VAL A N   1 
ATOM   504  C CA  . VAL A 1 69  ? -3.199  7.879   8.227   1.00 22.64 ? 198 VAL A CA  1 
ATOM   505  C C   . VAL A 1 69  ? -4.169  7.760   7.032   1.00 22.40 ? 198 VAL A C   1 
ATOM   506  O O   . VAL A 1 69  ? -4.002  6.896   6.148   1.00 21.04 ? 198 VAL A O   1 
ATOM   507  C CB  A VAL A 1 69  ? -3.673  7.052   9.427   0.50 22.04 ? 198 VAL A CB  1 
ATOM   508  C CB  B VAL A 1 69  ? -3.678  6.973   9.373   0.50 23.59 ? 198 VAL A CB  1 
ATOM   509  C CG1 A VAL A 1 69  ? -3.703  5.585   9.086   0.50 20.56 ? 198 VAL A CG1 1 
ATOM   510  C CG1 B VAL A 1 69  ? -2.608  6.896   10.453  0.50 26.13 ? 198 VAL A CG1 1 
ATOM   511  C CG2 A VAL A 1 69  ? -2.717  7.247   10.605  0.50 22.98 ? 198 VAL A CG2 1 
ATOM   512  C CG2 B VAL A 1 69  ? -4.995  7.454   9.957   0.50 22.87 ? 198 VAL A CG2 1 
ATOM   513  N N   . THR A 1 70  ? -5.166  8.640   6.962   1.00 23.65 ? 199 THR A N   1 
ATOM   514  C CA  . THR A 1 70  ? -6.103  8.606   5.781   1.00 23.97 ? 199 THR A CA  1 
ATOM   515  C C   . THR A 1 70  ? -5.412  8.776   4.445   1.00 22.15 ? 199 THR A C   1 
ATOM   516  O O   . THR A 1 70  ? -5.686  8.025   3.504   1.00 23.13 ? 199 THR A O   1 
ATOM   517  C CB  . THR A 1 70  ? -7.209  9.698   5.980   1.00 28.71 ? 199 THR A CB  1 
ATOM   518  O OG1 . THR A 1 70  ? -7.868  9.433   7.217   1.00 30.69 ? 199 THR A OG1 1 
ATOM   519  C CG2 . THR A 1 70  ? -8.287  9.674   4.893   1.00 31.75 ? 199 THR A CG2 1 
ATOM   520  N N   . GLU A 1 71  ? -4.454  9.669   4.351   1.00 21.09 ? 200 GLU A N   1 
ATOM   521  C CA  . GLU A 1 71  ? -3.715  9.825   3.112   1.00 22.53 ? 200 GLU A CA  1 
ATOM   522  C C   . GLU A 1 71  ? -2.851  8.592   2.778   1.00 21.33 ? 200 GLU A C   1 
ATOM   523  O O   . GLU A 1 71  ? -2.672  8.190   1.588   1.00 20.18 ? 200 GLU A O   1 
ATOM   524  C CB  . GLU A 1 71  ? -2.817  11.041  3.211   1.00 27.12 ? 200 GLU A CB  1 
ATOM   525  C CG  . GLU A 1 71  ? -3.617  12.342  3.307   1.00 30.93 ? 200 GLU A CG  1 
ATOM   526  C CD  . GLU A 1 71  ? -2.722  13.582  3.123   1.00 36.32 ? 200 GLU A CD  1 
ATOM   527  O OE1 . GLU A 1 71  ? -1.500  13.501  3.334   1.00 38.19 ? 200 GLU A OE1 1 
ATOM   528  O OE2 . GLU A 1 71  ? -3.256  14.671  2.751   1.00 49.59 ? 200 GLU A OE2 1 
ATOM   529  N N   . PHE A 1 72  ? -2.201  8.043   3.805   1.00 18.53 ? 201 PHE A N   1 
ATOM   530  C CA  . PHE A 1 72  ? -1.472  6.788   3.594   1.00 17.87 ? 201 PHE A CA  1 
ATOM   531  C C   . PHE A 1 72  ? -2.391  5.663   3.121   1.00 17.16 ? 201 PHE A C   1 
ATOM   532  O O   . PHE A 1 72  ? -2.104  4.958   2.120   1.00 15.41 ? 201 PHE A O   1 
ATOM   533  C CB  . PHE A 1 72  ? -0.734  6.421   4.937   1.00 18.91 ? 201 PHE A CB  1 
ATOM   534  C CG  . PHE A 1 72  ? -0.089  5.077   4.944   1.00 19.66 ? 201 PHE A CG  1 
ATOM   535  C CD1 . PHE A 1 72  ? 1.198   4.950   4.429   1.00 19.39 ? 201 PHE A CD1 1 
ATOM   536  C CD2 . PHE A 1 72  ? -0.740  3.963   5.438   1.00 19.93 ? 201 PHE A CD2 1 
ATOM   537  C CE1 . PHE A 1 72  ? 1.876   3.720   4.534   1.00 21.42 ? 201 PHE A CE1 1 
ATOM   538  C CE2 . PHE A 1 72  ? -0.111  2.719   5.416   1.00 21.20 ? 201 PHE A CE2 1 
ATOM   539  C CZ  . PHE A 1 72  ? 1.197   2.590   4.977   1.00 21.64 ? 201 PHE A CZ  1 
ATOM   540  N N   . LYS A 1 73  ? -3.553  5.523   3.746   1.00 15.85 ? 202 LYS A N   1 
ATOM   541  C CA  . LYS A 1 73  ? -4.481  4.495   3.369   1.00 17.65 ? 202 LYS A CA  1 
ATOM   542  C C   . LYS A 1 73  ? -4.949  4.653   1.902   1.00 17.69 ? 202 LYS A C   1 
ATOM   543  O O   . LYS A 1 73  ? -5.204  3.672   1.228   1.00 17.78 ? 202 LYS A O   1 
ATOM   544  C CB  A LYS A 1 73  ? -5.701  4.349   4.327   0.50 19.33 ? 202 LYS A CB  1 
ATOM   545  C CB  B LYS A 1 73  ? -5.682  4.496   4.319   0.50 17.55 ? 202 LYS A CB  1 
ATOM   546  C CG  A LYS A 1 73  ? -6.400  2.961   4.233   0.50 21.14 ? 202 LYS A CG  1 
ATOM   547  C CG  B LYS A 1 73  ? -5.463  3.933   5.729   0.50 17.55 ? 202 LYS A CG  1 
ATOM   548  C CD  A LYS A 1 73  ? -7.592  2.689   5.191   0.50 24.07 ? 202 LYS A CD  1 
ATOM   549  C CD  B LYS A 1 73  ? -6.864  3.606   6.273   0.50 20.32 ? 202 LYS A CD  1 
ATOM   550  C CE  A LYS A 1 73  ? -7.795  1.162   5.336   0.50 25.04 ? 202 LYS A CE  1 
ATOM   551  C CE  B LYS A 1 73  ? -7.482  4.727   7.031   0.50 21.99 ? 202 LYS A CE  1 
ATOM   552  N NZ  A LYS A 1 73  ? -8.894  0.755   6.270   0.50 27.29 ? 202 LYS A NZ  1 
ATOM   553  N NZ  B LYS A 1 73  ? -8.798  4.283   7.519   0.50 19.44 ? 202 LYS A NZ  1 
ATOM   554  N N   . ALA A 1 74  ? -5.127  5.914   1.463   1.00 17.26 ? 203 ALA A N   1 
ATOM   555  C CA  . ALA A 1 74  ? -5.522  6.175   0.107   1.00 18.29 ? 203 ALA A CA  1 
ATOM   556  C C   . ALA A 1 74  ? -4.501  5.631   -0.934  1.00 17.22 ? 203 ALA A C   1 
ATOM   557  O O   . ALA A 1 74  ? -4.920  5.140   -1.988  1.00 16.01 ? 203 ALA A O   1 
ATOM   558  C CB  . ALA A 1 74  ? -5.773  7.660   -0.129  1.00 20.04 ? 203 ALA A CB  1 
ATOM   559  N N   . ASP A 1 75  ? -3.202  5.759   -0.659  1.00 17.35 ? 204 ASP A N   1 
ATOM   560  C CA  . ASP A 1 75  ? -2.156  5.263   -1.582  1.00 17.49 ? 204 ASP A CA  1 
ATOM   561  C C   . ASP A 1 75  ? -2.154  3.754   -1.567  1.00 17.06 ? 204 ASP A C   1 
ATOM   562  O O   . ASP A 1 75  ? -1.978  3.114   -2.615  1.00 14.84 ? 204 ASP A O   1 
ATOM   563  C CB  . ASP A 1 75  ? -0.772  5.757   -1.198  1.00 18.98 ? 204 ASP A CB  1 
ATOM   564  C CG  . ASP A 1 75  ? -0.491  7.149   -1.731  1.00 21.99 ? 204 ASP A CG  1 
ATOM   565  O OD1 . ASP A 1 75  ? -1.383  7.641   -2.427  1.00 22.98 ? 204 ASP A OD1 1 
ATOM   566  O OD2 . ASP A 1 75  ? 0.582   7.741   -1.452  1.00 24.88 ? 204 ASP A OD2 1 
ATOM   567  N N   . PHE A 1 76  ? -2.324  3.183   -0.365  1.00 18.64 ? 205 PHE A N   1 
ATOM   568  C CA  . PHE A 1 76  ? -2.386  1.713   -0.180  1.00 16.36 ? 205 PHE A CA  1 
ATOM   569  C C   . PHE A 1 76  ? -3.554  1.158   -1.004  1.00 17.57 ? 205 PHE A C   1 
ATOM   570  O O   . PHE A 1 76  ? -3.411  0.181   -1.778  1.00 15.30 ? 205 PHE A O   1 
ATOM   571  C CB  . PHE A 1 76  ? -2.503  1.380   1.273   1.00 20.70 ? 205 PHE A CB  1 
ATOM   572  C CG  . PHE A 1 76  ? -2.764  -0.063  1.525   1.00 20.72 ? 205 PHE A CG  1 
ATOM   573  C CD1 . PHE A 1 76  ? -1.752  -0.935  1.249   1.00 26.52 ? 205 PHE A CD1 1 
ATOM   574  C CD2 . PHE A 1 76  ? -3.915  -0.490  1.895   1.00 24.07 ? 205 PHE A CD2 1 
ATOM   575  C CE1 . PHE A 1 76  ? -1.913  -2.277  1.427   1.00 28.78 ? 205 PHE A CE1 1 
ATOM   576  C CE2 . PHE A 1 76  ? -4.125  -1.839  2.092   1.00 23.88 ? 205 PHE A CE2 1 
ATOM   577  C CZ  . PHE A 1 76  ? -3.159  -2.720  1.850   1.00 27.73 ? 205 PHE A CZ  1 
ATOM   578  N N   . LYS A 1 77  ? -4.725  1.774   -0.850  1.00 16.39 ? 206 LYS A N   1 
ATOM   579  C CA  . LYS A 1 77  ? -5.855  1.395   -1.592  1.00 18.47 ? 206 LYS A CA  1 
ATOM   580  C C   . LYS A 1 77  ? -5.671  1.490   -3.125  1.00 16.61 ? 206 LYS A C   1 
ATOM   581  O O   . LYS A 1 77  ? -6.107  0.573   -3.868  1.00 16.28 ? 206 LYS A O   1 
ATOM   582  C CB  . LYS A 1 77  ? -7.084  2.218   -1.180  1.00 21.06 ? 206 LYS A CB  1 
ATOM   583  C CG  . LYS A 1 77  ? -8.305  1.838   -1.985  1.00 25.79 ? 206 LYS A CG  1 
ATOM   584  C CD  . LYS A 1 77  ? -8.804  0.691   -1.595  0.00 43.76 ? 206 LYS A CD  1 
ATOM   585  C CE  . LYS A 1 77  ? -10.333 0.682   -1.587  0.00 49.40 ? 206 LYS A CE  1 
ATOM   586  N NZ  . LYS A 1 77  ? -10.923 1.396   -2.771  0.00 55.69 ? 206 LYS A NZ  1 
ATOM   587  N N   . LEU A 1 78  ? -5.006  2.542   -3.575  1.00 17.60 ? 207 LEU A N   1 
ATOM   588  C CA  . LEU A 1 78  ? -4.712  2.730   -4.982  1.00 16.50 ? 207 LEU A CA  1 
ATOM   589  C C   . LEU A 1 78  ? -3.854  1.585   -5.501  1.00 15.01 ? 207 LEU A C   1 
ATOM   590  O O   . LEU A 1 78  ? -4.102  1.077   -6.588  1.00 14.43 ? 207 LEU A O   1 
ATOM   591  C CB  . LEU A 1 78  ? -3.957  4.044   -5.187  1.00 16.79 ? 207 LEU A CB  1 
ATOM   592  C CG  . LEU A 1 78  ? -3.408  4.372   -6.597  1.00 19.08 ? 207 LEU A CG  1 
ATOM   593  C CD1 . LEU A 1 78  ? -4.589  4.321   -7.574  1.00 19.62 ? 207 LEU A CD1 1 
ATOM   594  C CD2 . LEU A 1 78  ? -2.749  5.761   -6.564  1.00 19.19 ? 207 LEU A CD2 1 
ATOM   595  N N   . MET A 1 79  ? -2.841  1.221   -4.739  1.00 15.02 ? 208 MET A N   1 
ATOM   596  C CA  . MET A 1 79  ? -1.886  0.159   -5.157  1.00 17.23 ? 208 MET A CA  1 
ATOM   597  C C   . MET A 1 79  ? -2.626  -1.176  -5.377  1.00 17.40 ? 208 MET A C   1 
ATOM   598  O O   . MET A 1 79  ? -2.519  -1.857  -6.409  1.00 15.95 ? 208 MET A O   1 
ATOM   599  C CB  . MET A 1 79  ? -0.821  -0.021  -4.079  1.00 17.86 ? 208 MET A CB  1 
ATOM   600  C CG  . MET A 1 79  ? 0.232   -1.008  -4.470  1.00 21.64 ? 208 MET A CG  1 
ATOM   601  S SD  . MET A 1 79  ? 1.394   -1.236  -3.098  1.00 26.29 ? 208 MET A SD  1 
ATOM   602  C CE  . MET A 1 79  ? 0.441   -2.343  -2.112  1.00 25.51 ? 208 MET A CE  1 
ATOM   603  N N   . CYS A 1 80  ? -3.464  -1.480  -4.410  1.00 14.69 ? 209 CYS A N   1 
ATOM   604  C CA  . CYS A 1 80  ? -4.288  -2.717  -4.507  1.00 16.30 ? 209 CYS A CA  1 
ATOM   605  C C   . CYS A 1 80  ? -5.314  -2.669  -5.612  1.00 15.34 ? 209 CYS A C   1 
ATOM   606  O O   . CYS A 1 80  ? -5.450  -3.609  -6.352  1.00 16.09 ? 209 CYS A O   1 
ATOM   607  C CB  . CYS A 1 80  ? -4.976  -2.997  -3.190  1.00 16.60 ? 209 CYS A CB  1 
ATOM   608  S SG  . CYS A 1 80  ? -3.759  -3.364  -1.882  1.00 21.27 ? 209 CYS A SG  1 
ATOM   609  N N   . ASP A 1 81  ? -6.013  -1.519  -5.765  1.00 15.98 ? 210 ASP A N   1 
ATOM   610  C CA  . ASP A 1 81  ? -7.005  -1.361  -6.844  1.00 18.69 ? 210 ASP A CA  1 
ATOM   611  C C   . ASP A 1 81  ? -6.380  -1.473  -8.220  1.00 16.60 ? 210 ASP A C   1 
ATOM   612  O O   . ASP A 1 81  ? -6.931  -2.055  -9.145  1.00 16.85 ? 210 ASP A O   1 
ATOM   613  C CB  . ASP A 1 81  ? -7.728  -0.052  -6.703  1.00 19.87 ? 210 ASP A CB  1 
ATOM   614  C CG  . ASP A 1 81  ? -8.682  0.011   -5.435  1.00 30.76 ? 210 ASP A CG  1 
ATOM   615  O OD1 . ASP A 1 81  ? -8.907  -1.006  -4.658  1.00 37.77 ? 210 ASP A OD1 1 
ATOM   616  O OD2 . ASP A 1 81  ? -9.181  1.159   -5.198  1.00 34.41 ? 210 ASP A OD2 1 
ATOM   617  N N   . ASN A 1 82  ? -5.204  -0.911  -8.373  1.00 14.31 ? 211 ASN A N   1 
ATOM   618  C CA  . ASN A 1 82  ? -4.490  -1.018  -9.619  1.00 14.42 ? 211 ASN A CA  1 
ATOM   619  C C   . ASN A 1 82  ? -4.225  -2.466  -9.969  1.00 14.99 ? 211 ASN A C   1 
ATOM   620  O O   . ASN A 1 82  ? -4.406  -2.880  -11.149 1.00 15.84 ? 211 ASN A O   1 
ATOM   621  C CB  . ASN A 1 82  ? -3.158  -0.246  -9.619  1.00 14.55 ? 211 ASN A CB  1 
ATOM   622  C CG  . ASN A 1 82  ? -3.319  1.260   -9.637  1.00 16.01 ? 211 ASN A CG  1 
ATOM   623  O OD1 . ASN A 1 82  ? -4.363  1.809   -10.035 1.00 15.57 ? 211 ASN A OD1 1 
ATOM   624  N ND2 . ASN A 1 82  ? -2.246  1.927   -9.282  1.00 16.28 ? 211 ASN A ND2 1 
ATOM   625  N N   . ALA A 1 83  ? -3.755  -3.228  -8.984  1.00 12.93 ? 212 ALA A N   1 
ATOM   626  C CA  . ALA A 1 83  ? -3.394  -4.608  -9.246  1.00 13.96 ? 212 ALA A CA  1 
ATOM   627  C C   . ALA A 1 83  ? -4.652  -5.416  -9.553  1.00 16.21 ? 212 ALA A C   1 
ATOM   628  O O   . ALA A 1 83  ? -4.604  -6.321  -10.402 1.00 15.22 ? 212 ALA A O   1 
ATOM   629  C CB  . ALA A 1 83  ? -2.607  -5.193  -8.082  1.00 14.59 ? 212 ALA A CB  1 
ATOM   630  N N   . MET A 1 84  ? -5.786  -5.079  -8.902  1.00 16.75 ? 213 MET A N   1 
ATOM   631  C CA  . MET A 1 84  ? -7.035  -5.782  -9.116  1.00 16.27 ? 213 MET A CA  1 
ATOM   632  C C   . MET A 1 84  ? -7.760  -5.402  -10.418 1.00 18.35 ? 213 MET A C   1 
ATOM   633  O O   . MET A 1 84  ? -8.538  -6.176  -10.992 1.00 21.26 ? 213 MET A O   1 
ATOM   634  C CB  . MET A 1 84  ? -7.918  -5.641  -7.877  1.00 17.61 ? 213 MET A CB  1 
ATOM   635  C CG  . MET A 1 84  ? -7.380  -6.401  -6.690  1.00 18.51 ? 213 MET A CG  1 
ATOM   636  S SD  . MET A 1 84  ? -8.363  -6.046  -5.219  1.00 23.07 ? 213 MET A SD  1 
ATOM   637  C CE  . MET A 1 84  ? -9.914  -6.766  -5.705  1.00 25.16 ? 213 MET A CE  1 
ATOM   638  N N   . THR A 1 85  ? -7.396  -4.249  -10.998 1.00 17.17 ? 214 THR A N   1 
ATOM   639  C CA  . THR A 1 85  ? -7.867  -3.785  -12.237 1.00 17.34 ? 214 THR A CA  1 
ATOM   640  C C   . THR A 1 85  ? -7.071  -4.308  -13.385 1.00 18.73 ? 214 THR A C   1 
ATOM   641  O O   . THR A 1 85  ? -7.636  -4.744  -14.406 1.00 18.10 ? 214 THR A O   1 
ATOM   642  C CB  . THR A 1 85  ? -7.833  -2.234  -12.284 1.00 20.44 ? 214 THR A CB  1 
ATOM   643  O OG1 . THR A 1 85  ? -8.752  -1.759  -11.295 1.00 21.89 ? 214 THR A OG1 1 
ATOM   644  C CG2 . THR A 1 85  ? -8.262  -1.702  -13.672 1.00 25.60 ? 214 THR A CG2 1 
ATOM   645  N N   . TYR A 1 86  ? -5.731  -4.220  -13.291 1.00 16.66 ? 215 TYR A N   1 
ATOM   646  C CA  . TYR A 1 86  ? -4.894  -4.659  -14.412 1.00 17.70 ? 215 TYR A CA  1 
ATOM   647  C C   . TYR A 1 86  ? -4.789  -6.196  -14.603 1.00 16.52 ? 215 TYR A C   1 
ATOM   648  O O   . TYR A 1 86  ? -4.853  -6.689  -15.766 1.00 16.42 ? 215 TYR A O   1 
ATOM   649  C CB  . TYR A 1 86  ? -3.489  -4.028  -14.302 1.00 17.30 ? 215 TYR A CB  1 
ATOM   650  C CG  . TYR A 1 86  ? -2.553  -4.560  -15.303 1.00 16.48 ? 215 TYR A CG  1 
ATOM   651  C CD1 . TYR A 1 86  ? -2.514  -4.075  -16.580 1.00 18.59 ? 215 TYR A CD1 1 
ATOM   652  C CD2 . TYR A 1 86  ? -1.743  -5.640  -15.008 1.00 17.50 ? 215 TYR A CD2 1 
ATOM   653  C CE1 . TYR A 1 86  ? -1.665  -4.603  -17.564 1.00 20.11 ? 215 TYR A CE1 1 
ATOM   654  C CE2 . TYR A 1 86  ? -0.900  -6.154  -15.993 1.00 18.23 ? 215 TYR A CE2 1 
ATOM   655  C CZ  . TYR A 1 86  ? -0.892  -5.620  -17.271 1.00 18.37 ? 215 TYR A CZ  1 
ATOM   656  O OH  . TYR A 1 86  ? -0.091  -6.177  -18.198 1.00 19.25 ? 215 TYR A OH  1 
ATOM   657  N N   . ASN A 1 87  ? -4.607  -6.920  -13.524 1.00 16.22 ? 216 ASN A N   1 
ATOM   658  C CA  . ASN A 1 87  ? -4.321  -8.360  -13.550 1.00 16.72 ? 216 ASN A CA  1 
ATOM   659  C C   . ASN A 1 87  ? -5.621  -9.140  -13.583 1.00 20.29 ? 216 ASN A C   1 
ATOM   660  O O   . ASN A 1 87  ? -6.556  -8.748  -12.947 1.00 17.41 ? 216 ASN A O   1 
ATOM   661  C CB  . ASN A 1 87  ? -3.508  -8.776  -12.344 1.00 17.82 ? 216 ASN A CB  1 
ATOM   662  C CG  . ASN A 1 87  ? -2.141  -8.123  -12.351 1.00 19.38 ? 216 ASN A CG  1 
ATOM   663  O OD1 . ASN A 1 87  ? -1.256  -8.524  -13.113 1.00 17.31 ? 216 ASN A OD1 1 
ATOM   664  N ND2 . ASN A 1 87  ? -1.953  -7.152  -11.469 1.00 17.44 ? 216 ASN A ND2 1 
ATOM   665  N N   . ARG A 1 88  ? -5.657  -10.210 -14.343 1.00 22.95 ? 217 ARG A N   1 
ATOM   666  C CA  . ARG A 1 88  ? -6.822  -11.131 -14.280 1.00 24.72 ? 217 ARG A CA  1 
ATOM   667  C C   . ARG A 1 88  ? -6.958  -11.857 -12.958 1.00 24.37 ? 217 ARG A C   1 
ATOM   668  O O   . ARG A 1 88  ? -5.977  -12.125 -12.217 1.00 23.08 ? 217 ARG A O   1 
ATOM   669  C CB  . ARG A 1 88  ? -6.753  -12.135 -15.459 1.00 28.78 ? 217 ARG A CB  1 
ATOM   670  C CG  . ARG A 1 88  ? -6.682  -11.521 -16.855 1.00 36.16 ? 217 ARG A CG  1 
ATOM   671  C CD  . ARG A 1 88  ? -8.001  -10.933 -17.345 1.00 47.13 ? 217 ARG A CD  1 
ATOM   672  N NE  . ARG A 1 88  ? -8.408  -9.714  -16.605 1.00 62.56 ? 217 ARG A NE  1 
ATOM   673  C CZ  . ARG A 1 88  ? -8.090  -8.431  -16.899 1.00 62.04 ? 217 ARG A CZ  1 
ATOM   674  N NH1 . ARG A 1 88  ? -7.367  -8.083  -17.972 1.00 63.22 ? 217 ARG A NH1 1 
ATOM   675  N NH2 . ARG A 1 88  ? -8.517  -7.468  -16.089 1.00 58.06 ? 217 ARG A NH2 1 
ATOM   676  N N   . PRO A 1 89  ? -8.194  -12.269 -12.605 1.00 27.12 ? 218 PRO A N   1 
ATOM   677  C CA  . PRO A 1 89  ? -8.389  -12.875 -11.343 1.00 24.16 ? 218 PRO A CA  1 
ATOM   678  C C   . PRO A 1 89  ? -7.632  -14.136 -11.006 1.00 25.84 ? 218 PRO A C   1 
ATOM   679  O O   . PRO A 1 89  ? -7.378  -14.366 -9.833  1.00 28.98 ? 218 PRO A O   1 
ATOM   680  C CB  . PRO A 1 89  ? -9.917  -13.135 -11.299 1.00 27.01 ? 218 PRO A CB  1 
ATOM   681  C CG  . PRO A 1 89  ? -10.456 -12.117 -12.171 1.00 28.53 ? 218 PRO A CG  1 
ATOM   682  C CD  . PRO A 1 89  ? -9.487  -11.978 -13.283 1.00 29.86 ? 218 PRO A CD  1 
ATOM   683  N N   . ASP A 1 90  ? -7.210  -14.888 -12.009 1.00 29.29 ? 219 ASP A N   1 
ATOM   684  C CA  . ASP A 1 90  ? -6.400  -16.108 -11.784 1.00 35.32 ? 219 ASP A CA  1 
ATOM   685  C C   . ASP A 1 90  ? -4.936  -15.827 -11.364 1.00 33.73 ? 219 ASP A C   1 
ATOM   686  O O   . ASP A 1 90  ? -4.242  -16.745 -10.963 1.00 35.82 ? 219 ASP A O   1 
ATOM   687  C CB  . ASP A 1 90  ? -6.390  -17.021 -13.035 1.00 39.78 ? 219 ASP A CB  1 
ATOM   688  C CG  . ASP A 1 90  ? -6.422  -16.234 -14.350 1.00 52.07 ? 219 ASP A CG  1 
ATOM   689  O OD1 . ASP A 1 90  ? -7.514  -15.649 -14.630 1.00 66.46 ? 219 ASP A OD1 1 
ATOM   690  O OD2 . ASP A 1 90  ? -5.403  -16.169 -15.104 1.00 50.73 ? 219 ASP A OD2 1 
ATOM   691  N N   . THR A 1 91  ? -4.449  -14.591 -11.427 1.00 27.54 ? 220 THR A N   1 
ATOM   692  C CA  . THR A 1 91  ? -3.011  -14.393 -11.408 1.00 22.86 ? 220 THR A CA  1 
ATOM   693  C C   . THR A 1 91  ? -2.611  -14.273 -9.959  1.00 20.74 ? 220 THR A C   1 
ATOM   694  O O   . THR A 1 91  ? -3.405  -13.907 -9.060  1.00 18.84 ? 220 THR A O   1 
ATOM   695  C CB  . THR A 1 91  ? -2.625  -13.146 -12.227 1.00 23.19 ? 220 THR A CB  1 
ATOM   696  O OG1 . THR A 1 91  ? -3.338  -12.025 -11.680 1.00 20.79 ? 220 THR A OG1 1 
ATOM   697  C CG2 . THR A 1 91  ? -3.088  -13.251 -13.638 1.00 28.34 ? 220 THR A CG2 1 
ATOM   698  N N   . VAL A 1 92  ? -1.320  -14.496 -9.704  1.00 19.18 ? 221 VAL A N   1 
ATOM   699  C CA  . VAL A 1 92  ? -0.767  -14.364 -8.396  1.00 19.09 ? 221 VAL A CA  1 
ATOM   700  C C   . VAL A 1 92  ? -0.862  -12.905 -7.967  1.00 16.83 ? 221 VAL A C   1 
ATOM   701  O O   . VAL A 1 92  ? -1.055  -12.654 -6.787  1.00 18.14 ? 221 VAL A O   1 
ATOM   702  C CB  A VAL A 1 92  ? 0.708   -14.794 -8.189  0.50 20.11 ? 221 VAL A CB  1 
ATOM   703  C CB  B VAL A 1 92  ? 0.713   -14.847 -8.409  0.50 21.83 ? 221 VAL A CB  1 
ATOM   704  C CG1 A VAL A 1 92  ? 0.810   -16.290 -8.096  0.50 22.78 ? 221 VAL A CG1 1 
ATOM   705  C CG1 B VAL A 1 92  ? 1.208   -15.098 -7.019  0.50 23.70 ? 221 VAL A CG1 1 
ATOM   706  C CG2 A VAL A 1 92  ? 1.632   -14.185 -9.230  0.50 18.96 ? 221 VAL A CG2 1 
ATOM   707  C CG2 B VAL A 1 92  ? 0.884   -16.126 -9.213  0.50 23.95 ? 221 VAL A CG2 1 
ATOM   708  N N   . TYR A 1 93  ? -0.767  -11.970 -8.917  1.00 16.62 ? 222 TYR A N   1 
ATOM   709  C CA  . TYR A 1 93  ? -0.697  -10.569 -8.529  1.00 16.76 ? 222 TYR A CA  1 
ATOM   710  C C   . TYR A 1 93  ? -2.093  -10.111 -8.011  1.00 16.92 ? 222 TYR A C   1 
ATOM   711  O O   . TYR A 1 93  ? -2.206  -9.342  -7.037  1.00 17.00 ? 222 TYR A O   1 
ATOM   712  C CB  . TYR A 1 93  ? -0.263  -9.662  -9.682  1.00 18.90 ? 222 TYR A CB  1 
ATOM   713  C CG  . TYR A 1 93  ? 1.049   -10.179 -10.246 1.00 15.25 ? 222 TYR A CG  1 
ATOM   714  C CD1 . TYR A 1 93  ? 2.192   -10.214 -9.461  1.00 17.03 ? 222 TYR A CD1 1 
ATOM   715  C CD2 . TYR A 1 93  ? 1.081   -10.678 -11.504 1.00 17.43 ? 222 TYR A CD2 1 
ATOM   716  C CE1 . TYR A 1 93  ? 3.368   -10.781 -9.958  1.00 17.26 ? 222 TYR A CE1 1 
ATOM   717  C CE2 . TYR A 1 93  ? 2.243   -11.255 -12.026 1.00 18.68 ? 222 TYR A CE2 1 
ATOM   718  C CZ  . TYR A 1 93  ? 3.354   -11.285 -11.247 1.00 17.79 ? 222 TYR A CZ  1 
ATOM   719  O OH  . TYR A 1 93  ? 4.528   -11.789 -11.744 1.00 18.43 ? 222 TYR A OH  1 
ATOM   720  N N   . TYR A 1 94  ? -3.107  -10.528 -8.741  1.00 17.15 ? 223 TYR A N   1 
ATOM   721  C CA  . TYR A 1 94  ? -4.494  -10.245 -8.314  1.00 16.56 ? 223 TYR A CA  1 
ATOM   722  C C   . TYR A 1 94  ? -4.761  -10.848 -6.978  1.00 17.45 ? 223 TYR A C   1 
ATOM   723  O O   . TYR A 1 94  ? -5.287  -10.186 -6.058  1.00 16.51 ? 223 TYR A O   1 
ATOM   724  C CB  . TYR A 1 94  ? -5.420  -10.700 -9.441  1.00 16.05 ? 223 TYR A CB  1 
ATOM   725  C CG  . TYR A 1 94  ? -6.873  -10.454 -9.121  1.00 18.26 ? 223 TYR A CG  1 
ATOM   726  C CD1 . TYR A 1 94  ? -7.586  -11.308 -8.288  1.00 21.48 ? 223 TYR A CD1 1 
ATOM   727  C CD2 . TYR A 1 94  ? -7.539  -9.417  -9.698  1.00 17.71 ? 223 TYR A CD2 1 
ATOM   728  C CE1 . TYR A 1 94  ? -8.933  -11.093 -8.014  1.00 23.13 ? 223 TYR A CE1 1 
ATOM   729  C CE2 . TYR A 1 94  ? -8.942  -9.209  -9.442  1.00 18.80 ? 223 TYR A CE2 1 
ATOM   730  C CZ  . TYR A 1 94  ? -9.605  -10.046 -8.601  1.00 21.49 ? 223 TYR A CZ  1 
ATOM   731  O OH  . TYR A 1 94  ? -10.967 -9.763  -8.355  1.00 21.11 ? 223 TYR A OH  1 
ATOM   732  N N   . LYS A 1 95  ? -4.426  -12.142 -6.779  1.00 16.66 ? 224 LYS A N   1 
ATOM   733  C CA  . LYS A 1 95  ? -4.678  -12.748 -5.518  1.00 19.24 ? 224 LYS A CA  1 
ATOM   734  C C   . LYS A 1 95  ? -3.986  -12.172 -4.349  1.00 18.42 ? 224 LYS A C   1 
ATOM   735  O O   . LYS A 1 95  ? -4.533  -12.019 -3.268  1.00 17.25 ? 224 LYS A O   1 
ATOM   736  C CB  . LYS A 1 95  ? -4.445  -14.271 -5.626  1.00 22.41 ? 224 LYS A CB  1 
ATOM   737  C CG  . LYS A 1 95  ? -5.341  -14.954 -6.586  1.00 28.34 ? 224 LYS A CG  1 
ATOM   738  C CD  . LYS A 1 95  ? -4.856  -16.430 -6.650  1.00 34.28 ? 224 LYS A CD  1 
ATOM   739  C CE  . LYS A 1 95  ? -5.941  -17.375 -7.097  1.00 43.69 ? 224 LYS A CE  1 
ATOM   740  N NZ  . LYS A 1 95  ? -6.119  -17.243 -8.548  1.00 45.81 ? 224 LYS A NZ  1 
ATOM   741  N N   . LEU A 1 96  ? -2.727  -11.767 -4.559  1.00 17.92 ? 225 LEU A N   1 
ATOM   742  C CA  . LEU A 1 96  ? -1.964  -11.212 -3.540  1.00 19.12 ? 225 LEU A CA  1 
ATOM   743  C C   . LEU A 1 96  ? -2.485  -9.796  -3.175  1.00 15.56 ? 225 LEU A C   1 
ATOM   744  O O   . LEU A 1 96  ? -2.516  -9.417  -1.977  1.00 16.03 ? 225 LEU A O   1 
ATOM   745  C CB  . LEU A 1 96  ? -0.504  -11.094 -3.979  1.00 18.88 ? 225 LEU A CB  1 
ATOM   746  C CG  . LEU A 1 96  ? 0.411   -10.539 -2.925  1.00 23.67 ? 225 LEU A CG  1 
ATOM   747  C CD1 . LEU A 1 96  ? 0.366   -11.303 -1.603  1.00 29.07 ? 225 LEU A CD1 1 
ATOM   748  C CD2 . LEU A 1 96  ? 1.848   -10.480 -3.455  1.00 26.50 ? 225 LEU A CD2 1 
ATOM   749  N N   . ALA A 1 97  ? -2.871  -9.053  -4.181  1.00 15.85 ? 226 ALA A N   1 
ATOM   750  C CA  . ALA A 1 97  ? -3.521  -7.741  -3.929  1.00 15.35 ? 226 ALA A CA  1 
ATOM   751  C C   . ALA A 1 97  ? -4.744  -7.858  -3.017  1.00 16.41 ? 226 ALA A C   1 
ATOM   752  O O   . ALA A 1 97  ? -4.892  -7.047  -2.106  1.00 15.93 ? 226 ALA A O   1 
ATOM   753  C CB  . ALA A 1 97  ? -3.944  -7.103  -5.183  1.00 14.49 ? 226 ALA A CB  1 
ATOM   754  N N   . LYS A 1 98  ? -5.542  -8.888  -3.218  1.00 16.18 ? 227 LYS A N   1 
ATOM   755  C CA  . LYS A 1 98  ? -6.715  -9.066  -2.368  1.00 16.81 ? 227 LYS A CA  1 
ATOM   756  C C   . LYS A 1 98  ? -6.318  -9.386  -0.961  1.00 16.84 ? 227 LYS A C   1 
ATOM   757  O O   . LYS A 1 98  ? -6.916  -8.896  0.000   1.00 18.07 ? 227 LYS A O   1 
ATOM   758  C CB  . LYS A 1 98  ? -7.693  -10.141 -2.878  1.00 19.13 ? 227 LYS A CB  1 
ATOM   759  C CG  . LYS A 1 98  ? -8.439  -9.726  -4.092  1.00 25.28 ? 227 LYS A CG  1 
ATOM   760  C CD  . LYS A 1 98  ? -9.778  -10.416 -4.324  1.00 30.21 ? 227 LYS A CD  1 
ATOM   761  C CE  . LYS A 1 98  ? -9.673  -11.914 -4.180  1.00 37.79 ? 227 LYS A CE  1 
ATOM   762  N NZ  . LYS A 1 98  ? -10.791 -12.677 -4.828  1.00 47.14 ? 227 LYS A NZ  1 
ATOM   763  N N   . LYS A 1 99  ? -5.322  -10.238 -0.786  1.00 16.11 ? 228 LYS A N   1 
ATOM   764  C CA  . LYS A 1 99  ? -4.767  -10.508 0.527   1.00 20.38 ? 228 LYS A CA  1 
ATOM   765  C C   . LYS A 1 99  ? -4.218  -9.313  1.305   1.00 19.69 ? 228 LYS A C   1 
ATOM   766  O O   . LYS A 1 99  ? -4.493  -9.123  2.534   1.00 19.56 ? 228 LYS A O   1 
ATOM   767  C CB  A LYS A 1 99  ? -3.730  -11.656 0.436   0.50 22.20 ? 228 LYS A CB  1 
ATOM   768  C CB  B LYS A 1 99  ? -3.686  -11.596 0.436   0.50 21.03 ? 228 LYS A CB  1 
ATOM   769  C CG  A LYS A 1 99  ? -2.952  -11.874 1.724   0.50 24.16 ? 228 LYS A CG  1 
ATOM   770  C CG  B LYS A 1 99  ? -4.292  -12.890 0.047   0.50 21.28 ? 228 LYS A CG  1 
ATOM   771  C CD  A LYS A 1 99  ? -1.782  -12.821 1.469   0.50 26.72 ? 228 LYS A CD  1 
ATOM   772  C CD  B LYS A 1 99  ? -3.317  -14.057 0.103   0.50 23.52 ? 228 LYS A CD  1 
ATOM   773  C CE  A LYS A 1 99  ? -2.271  -14.230 1.593   0.50 27.85 ? 228 LYS A CE  1 
ATOM   774  C CE  B LYS A 1 99  ? -4.054  -15.309 -0.342  0.50 24.54 ? 228 LYS A CE  1 
ATOM   775  N NZ  A LYS A 1 99  ? -1.980  -14.703 2.975   0.50 29.41 ? 228 LYS A NZ  1 
ATOM   776  N NZ  B LYS A 1 99  ? -4.081  -15.506 -1.804  0.50 24.29 ? 228 LYS A NZ  1 
ATOM   777  N N   . ILE A 1 100 ? -3.419  -8.533  0.626   1.00 18.17 ? 229 ILE A N   1 
ATOM   778  C CA  . ILE A 1 100 ? -2.850  -7.294  1.154   1.00 19.29 ? 229 ILE A CA  1 
ATOM   779  C C   . ILE A 1 100 ? -3.958  -6.330  1.525   1.00 17.05 ? 229 ILE A C   1 
ATOM   780  O O   . ILE A 1 100 ? -3.960  -5.751  2.608   1.00 16.12 ? 229 ILE A O   1 
ATOM   781  C CB  A ILE A 1 100 ? -1.867  -6.703  0.096   0.50 18.84 ? 229 ILE A CB  1 
ATOM   782  C CB  B ILE A 1 100 ? -1.806  -6.693  0.181   0.50 21.13 ? 229 ILE A CB  1 
ATOM   783  C CG1 A ILE A 1 100 ? -0.536  -7.428  0.127   0.50 21.17 ? 229 ILE A CG1 1 
ATOM   784  C CG1 B ILE A 1 100 ? -0.803  -7.733  -0.283  0.50 25.19 ? 229 ILE A CG1 1 
ATOM   785  C CG2 A ILE A 1 100 ? -1.529  -5.232  0.343   0.50 19.52 ? 229 ILE A CG2 1 
ATOM   786  C CG2 B ILE A 1 100 ? -0.939  -5.636  0.858   0.50 22.55 ? 229 ILE A CG2 1 
ATOM   787  C CD1 A ILE A 1 100 ? 0.366   -6.907  -1.002  0.50 20.59 ? 229 ILE A CD1 1 
ATOM   788  C CD1 B ILE A 1 100 ? -0.590  -8.917  0.622   0.50 25.79 ? 229 ILE A CD1 1 
ATOM   789  N N   . LEU A 1 101 ? -4.946  -6.204  0.664   1.00 16.82 ? 230 LEU A N   1 
ATOM   790  C CA  . LEU A 1 101 ? -6.014  -5.239  0.877   1.00 18.11 ? 230 LEU A CA  1 
ATOM   791  C C   . LEU A 1 101 ? -6.820  -5.647  2.105   1.00 16.96 ? 230 LEU A C   1 
ATOM   792  O O   . LEU A 1 101 ? -7.119  -4.828  2.960   1.00 17.03 ? 230 LEU A O   1 
ATOM   793  C CB  . LEU A 1 101 ? -6.869  -5.151  -0.356  1.00 17.58 ? 230 LEU A CB  1 
ATOM   794  C CG  . LEU A 1 101 ? -7.978  -4.098  -0.372  1.00 20.96 ? 230 LEU A CG  1 
ATOM   795  C CD1 . LEU A 1 101 ? -7.318  -2.743  -0.139  1.00 21.88 ? 230 LEU A CD1 1 
ATOM   796  C CD2 . LEU A 1 101 ? -8.828  -4.061  -1.661  1.00 21.26 ? 230 LEU A CD2 1 
ATOM   797  N N   . HIS A 1 102 ? -7.114  -6.956  2.216   1.00 16.95 ? 231 HIS A N   1 
ATOM   798  C CA  . HIS A 1 102 ? -7.859  -7.398  3.384   1.00 16.96 ? 231 HIS A CA  1 
ATOM   799  C C   . HIS A 1 102 ? -7.078  -7.134  4.698   1.00 18.57 ? 231 HIS A C   1 
ATOM   800  O O   . HIS A 1 102 ? -7.605  -6.634  5.703   1.00 18.13 ? 231 HIS A O   1 
ATOM   801  C CB  . HIS A 1 102 ? -8.223  -8.890  3.236   1.00 20.87 ? 231 HIS A CB  1 
ATOM   802  C CG  . HIS A 1 102 ? -8.924  -9.435  4.440   1.00 25.22 ? 231 HIS A CG  1 
ATOM   803  N ND1 . HIS A 1 102 ? -10.244 -9.161  4.706   1.00 29.37 ? 231 HIS A ND1 1 
ATOM   804  C CD2 . HIS A 1 102 ? -8.478  -10.211 5.460   1.00 30.45 ? 231 HIS A CD2 1 
ATOM   805  C CE1 . HIS A 1 102 ? -10.608 -9.762  5.825   1.00 30.18 ? 231 HIS A CE1 1 
ATOM   806  N NE2 . HIS A 1 102 ? -9.553  -10.402 6.306   1.00 31.23 ? 231 HIS A NE2 1 
ATOM   807  N N   . ALA A 1 103 ? -5.770  -7.400  4.654   1.00 19.75 ? 232 ALA A N   1 
ATOM   808  C CA  . ALA A 1 103 ? -4.928  -7.149  5.802   1.00 20.90 ? 232 ALA A CA  1 
ATOM   809  C C   . ALA A 1 103 ? -4.881  -5.705  6.199   1.00 19.65 ? 232 ALA A C   1 
ATOM   810  O O   . ALA A 1 103 ? -4.907  -5.332  7.373   1.00 18.10 ? 232 ALA A O   1 
ATOM   811  C CB  . ALA A 1 103 ? -3.507  -7.638  5.515   1.00 20.19 ? 232 ALA A CB  1 
ATOM   812  N N   . GLY A 1 104 ? -4.773  -4.852  5.201   1.00 17.68 ? 233 GLY A N   1 
ATOM   813  C CA  . GLY A 1 104 ? -4.811  -3.437  5.408   1.00 17.86 ? 233 GLY A CA  1 
ATOM   814  C C   . GLY A 1 104 ? -6.123  -2.891  5.931   1.00 19.86 ? 233 GLY A C   1 
ATOM   815  O O   . GLY A 1 104 ? -6.130  -1.999  6.763   1.00 19.98 ? 233 GLY A O   1 
ATOM   816  N N   . PHE A 1 105 ? -7.246  -3.423  5.443   1.00 19.47 ? 234 PHE A N   1 
ATOM   817  C CA  . PHE A 1 105 ? -8.530  -3.020  5.998   1.00 23.07 ? 234 PHE A CA  1 
ATOM   818  C C   . PHE A 1 105 ? -8.604  -3.362  7.471   1.00 24.35 ? 234 PHE A C   1 
ATOM   819  O O   . PHE A 1 105 ? -9.107  -2.566  8.260   1.00 28.88 ? 234 PHE A O   1 
ATOM   820  C CB  . PHE A 1 105 ? -9.688  -3.669  5.309   1.00 22.63 ? 234 PHE A CB  1 
ATOM   821  C CG  . PHE A 1 105 ? -9.927  -3.235  3.889   1.00 23.28 ? 234 PHE A CG  1 
ATOM   822  C CD1 . PHE A 1 105 ? -9.593  -1.968  3.419   1.00 25.94 ? 234 PHE A CD1 1 
ATOM   823  C CD2 . PHE A 1 105 ? -10.615 -4.077  3.038   1.00 26.46 ? 234 PHE A CD2 1 
ATOM   824  C CE1 . PHE A 1 105 ? -9.902  -1.575  2.113   1.00 31.37 ? 234 PHE A CE1 1 
ATOM   825  C CE2 . PHE A 1 105 ? -10.940 -3.673  1.737   1.00 24.73 ? 234 PHE A CE2 1 
ATOM   826  C CZ  . PHE A 1 105 ? -10.566 -2.420  1.273   1.00 25.61 ? 234 PHE A CZ  1 
ATOM   827  N N   . LYS A 1 106 ? -8.124  -4.530  7.842   1.00 25.93 ? 235 LYS A N   1 
ATOM   828  C CA  . LYS A 1 106 ? -8.144  -4.955  9.223   1.00 27.55 ? 235 LYS A CA  1 
ATOM   829  C C   . LYS A 1 106 ? -7.246  -4.104  10.131  1.00 28.16 ? 235 LYS A C   1 
ATOM   830  O O   . LYS A 1 106 ? -7.636  -3.699  11.215  1.00 27.65 ? 235 LYS A O   1 
ATOM   831  C CB  . LYS A 1 106 ? -7.716  -6.424  9.330   1.00 34.09 ? 235 LYS A CB  1 
ATOM   832  C CG  . LYS A 1 106 ? -8.071  -7.063  10.654  1.00 45.78 ? 235 LYS A CG  1 
ATOM   833  C CD  . LYS A 1 106 ? -8.564  -8.487  10.413  1.00 57.94 ? 235 LYS A CD  1 
ATOM   834  C CE  . LYS A 1 106 ? -7.432  -9.434  10.019  1.00 66.16 ? 235 LYS A CE  1 
ATOM   835  N NZ  . LYS A 1 106 ? -6.909  -10.225 11.190  1.00 66.79 ? 235 LYS A NZ  1 
ATOM   836  N N   . MET A 1 107 ? -6.046  -3.788  9.649   1.00 24.21 ? 236 MET A N   1 
ATOM   837  C CA  . MET A 1 107 ? -5.071  -3.090  10.400  1.00 23.57 ? 236 MET A CA  1 
ATOM   838  C C   . MET A 1 107 ? -5.298  -1.604  10.631  1.00 24.79 ? 236 MET A C   1 
ATOM   839  O O   . MET A 1 107 ? -4.897  -1.071  11.652  1.00 24.42 ? 236 MET A O   1 
ATOM   840  C CB  . MET A 1 107 ? -3.707  -3.273  9.681   1.00 26.25 ? 236 MET A CB  1 
ATOM   841  C CG  . MET A 1 107 ? -2.546  -2.774  10.493  1.00 29.28 ? 236 MET A CG  1 
ATOM   842  S SD  . MET A 1 107 ? -1.026  -3.189  9.642   1.00 38.45 ? 236 MET A SD  1 
ATOM   843  C CE  . MET A 1 107 ? -1.225  -2.329  8.205   1.00 26.41 ? 236 MET A CE  1 
ATOM   844  N N   . MET A 1 108 ? -5.947  -0.928  9.693   1.00 22.02 ? 237 MET A N   1 
ATOM   845  C CA  . MET A 1 108 ? -6.134  0.490   9.636   1.00 20.72 ? 237 MET A CA  1 
ATOM   846  C C   . MET A 1 108 ? -7.604  0.848   9.527   1.00 23.51 ? 237 MET A C   1 
ATOM   847  O O   . MET A 1 108 ? -7.940  1.937   9.105   1.00 26.39 ? 237 MET A O   1 
ATOM   848  C CB  . MET A 1 108 ? -5.327  1.021   8.466   1.00 25.55 ? 237 MET A CB  1 
ATOM   849  C CG  . MET A 1 108 ? -3.876  0.670   8.554   1.00 26.13 ? 237 MET A CG  1 
ATOM   850  S SD  . MET A 1 108 ? -2.966  1.445   7.194   1.00 27.77 ? 237 MET A SD  1 
ATOM   851  C CE  . MET A 1 108 ? -3.497  0.553   5.733   1.00 25.50 ? 237 MET A CE  1 
ATOM   852  N N   . SER A 1 109 ? -8.470  -0.035  9.989   1.00 26.26 ? 238 SER A N   1 
ATOM   853  C CA  . SER A 1 109 ? -9.913  0.275   10.064  1.00 31.73 ? 238 SER A CA  1 
ATOM   854  C C   . SER A 1 109 ? -10.204 1.448   10.967  1.00 31.08 ? 238 SER A C   1 
ATOM   855  O O   . SER A 1 109 ? -9.426  1.756   11.862  1.00 27.22 ? 238 SER A O   1 
ATOM   856  C CB  . SER A 1 109 ? -10.725 -0.893  10.608  1.00 30.15 ? 238 SER A CB  1 
ATOM   857  O OG  . SER A 1 109 ? -10.348 -1.297  11.888  1.00 34.83 ? 238 SER A OG  1 
ATOM   858  N N   . LYS A 1 110 ? -11.362 2.066   10.777  1.00 35.15 ? 239 LYS A N   1 
ATOM   859  C CA  . LYS A 1 110 ? -11.751 3.106   11.721  1.00 39.57 ? 239 LYS A CA  1 
ATOM   860  C C   . LYS A 1 110 ? -11.818 2.671   13.199  1.00 38.15 ? 239 LYS A C   1 
ATOM   861  O O   . LYS A 1 110 ? -11.410 3.465   14.044  1.00 40.56 ? 239 LYS A O   1 
ATOM   862  C CB  . LYS A 1 110 ? -12.976 3.880   11.264  1.00 44.32 ? 239 LYS A CB  1 
ATOM   863  C CG  . LYS A 1 110 ? -12.537 5.083   10.462  1.00 46.53 ? 239 LYS A CG  1 
ATOM   864  C CD  . LYS A 1 110 ? -13.656 5.737   9.661   1.00 56.42 ? 239 LYS A CD  1 
ATOM   865  C CE  . LYS A 1 110 ? -13.363 7.204   9.300   1.00 57.25 ? 239 LYS A CE  1 
ATOM   866  N NZ  . LYS A 1 110 ? -11.920 7.538   9.115   1.00 56.75 ? 239 LYS A NZ  1 
ATOM   867  N N   . GLU A 1 111 ? -12.262 1.453   13.520  1.00 38.74 ? 240 GLU A N   1 
ATOM   868  C CA  . GLU A 1 111 ? -12.336 1.014   14.931  1.00 43.10 ? 240 GLU A CA  1 
ATOM   869  C C   . GLU A 1 111 ? -10.964 0.720   15.522  1.00 45.14 ? 240 GLU A C   1 
ATOM   870  O O   . GLU A 1 111 ? -10.729 0.781   16.753  1.00 39.40 ? 240 GLU A O   1 
ATOM   871  C CB  . GLU A 1 111 ? -13.220 -0.236  15.080  1.00 48.35 ? 240 GLU A CB  1 
ATOM   872  N N   . ARG A 1 112 ? -10.059 0.319   14.637  1.00 34.95 ? 241 ARG A N   1 
ATOM   873  C CA  . ARG A 1 112 ? -8.728  0.022   15.062  1.00 34.19 ? 241 ARG A CA  1 
ATOM   874  C C   . ARG A 1 112 ? -8.081  1.360   15.352  1.00 28.35 ? 241 ARG A C   1 
ATOM   875  O O   . ARG A 1 112 ? -7.420  1.509   16.357  1.00 31.17 ? 241 ARG A O   1 
ATOM   876  C CB  . ARG A 1 112 ? -7.998  -0.800  13.990  1.00 35.23 ? 241 ARG A CB  1 
ATOM   877  C CG  . ARG A 1 112 ? -6.758  -1.507  14.440  1.00 42.23 ? 241 ARG A CG  1 
ATOM   878  C CD  . ARG A 1 112 ? -6.972  -2.608  15.462  1.00 47.40 ? 241 ARG A CD  1 
ATOM   879  N NE  . ARG A 1 112 ? -7.438  -3.884  14.925  1.00 56.28 ? 241 ARG A NE  1 
ATOM   880  C CZ  . ARG A 1 112 ? -6.702  -4.822  14.315  1.00 60.27 ? 241 ARG A CZ  1 
ATOM   881  N NH1 . ARG A 1 112 ? -5.398  -4.658  14.061  1.00 59.09 ? 241 ARG A NH1 1 
ATOM   882  N NH2 . ARG A 1 112 ? -7.301  -5.940  13.911  1.00 67.83 ? 241 ARG A NH2 1 
ATOM   883  N N   . LEU A 1 113 ? -8.297  2.350   14.492  1.00 25.47 ? 242 LEU A N   1 
ATOM   884  C CA  . LEU A 1 113 ? -7.670  3.650   14.661  1.00 25.54 ? 242 LEU A CA  1 
ATOM   885  C C   . LEU A 1 113 ? -8.297  4.362   15.877  1.00 28.95 ? 242 LEU A C   1 
ATOM   886  O O   . LEU A 1 113 ? -7.625  5.096   16.598  1.00 24.94 ? 242 LEU A O   1 
ATOM   887  C CB  . LEU A 1 113 ? -7.823  4.507   13.407  1.00 26.86 ? 242 LEU A CB  1 
ATOM   888  C CG  . LEU A 1 113 ? -7.048  3.888   12.198  1.00 29.08 ? 242 LEU A CG  1 
ATOM   889  C CD1 . LEU A 1 113 ? -7.428  4.627   10.910  1.00 31.18 ? 242 LEU A CD1 1 
ATOM   890  C CD2 . LEU A 1 113 ? -5.582  3.916   12.450  1.00 29.70 ? 242 LEU A CD2 1 
ATOM   891  N N   . LEU A 1 114 ? -9.587  4.175   16.078  1.00 28.75 ? 243 LEU A N   1 
ATOM   892  C CA  . LEU A 1 114 ? -10.203 4.716   17.323  1.00 33.53 ? 243 LEU A CA  1 
ATOM   893  C C   . LEU A 1 114 ? -9.549  4.211   18.593  1.00 30.62 ? 243 LEU A C   1 
ATOM   894  O O   . LEU A 1 114 ? -9.259  5.012   19.485  1.00 32.44 ? 243 LEU A O   1 
ATOM   895  C CB  . LEU A 1 114 ? -11.702 4.381   17.399  1.00 38.61 ? 243 LEU A CB  1 
ATOM   896  C CG  . LEU A 1 114 ? -12.713 5.214   16.576  1.00 49.07 ? 243 LEU A CG  1 
ATOM   897  C CD1 . LEU A 1 114 ? -14.126 5.019   17.167  1.00 48.91 ? 243 LEU A CD1 1 
ATOM   898  C CD2 . LEU A 1 114 ? -12.348 6.694   16.480  1.00 49.05 ? 243 LEU A CD2 1 
ATOM   899  N N   . ALA A 1 115 ? -9.324  2.894   18.688  1.00 31.64 ? 244 ALA A N   1 
ATOM   900  C CA  . ALA A 1 115 ? -8.658  2.291   19.854  1.00 32.56 ? 244 ALA A CA  1 
ATOM   901  C C   . ALA A 1 115 ? -7.246  2.813   20.051  1.00 32.16 ? 244 ALA A C   1 
ATOM   902  O O   . ALA A 1 115 ? -6.781  3.054   21.183  1.00 33.85 ? 244 ALA A O   1 
ATOM   903  C CB  . ALA A 1 115 ? -8.639  0.780   19.741  1.00 33.17 ? 244 ALA A CB  1 
ATOM   904  N N   . LEU A 1 116 ? -6.543  2.981   18.946  1.00 27.52 ? 245 LEU A N   1 
ATOM   905  C CA  . LEU A 1 116 ? -5.260  3.595   18.968  1.00 29.00 ? 245 LEU A CA  1 
ATOM   906  C C   . LEU A 1 116 ? -5.339  5.029   19.511  1.00 29.63 ? 245 LEU A C   1 
ATOM   907  O O   . LEU A 1 116 ? -4.557  5.415   20.436  1.00 24.81 ? 245 LEU A O   1 
ATOM   908  C CB  . LEU A 1 116 ? -4.571  3.511   17.594  1.00 29.60 ? 245 LEU A CB  1 
ATOM   909  C CG  . LEU A 1 116 ? -3.219  4.209   17.470  1.00 29.96 ? 245 LEU A CG  1 
ATOM   910  C CD1 . LEU A 1 116 ? -2.204  3.679   18.485  1.00 29.37 ? 245 LEU A CD1 1 
ATOM   911  C CD2 . LEU A 1 116 ? -2.698  3.951   16.059  1.00 32.98 ? 245 LEU A CD2 1 
ATOM   912  N N   . LYS A 1 117 ? -6.287  5.814   19.017  1.00 28.66 ? 246 LYS A N   1 
ATOM   913  C CA  . LYS A 1 117 ? -6.423  7.183   19.476  1.00 31.61 ? 246 LYS A CA  1 
ATOM   914  C C   . LYS A 1 117 ? -6.720  7.209   20.966  1.00 30.03 ? 246 LYS A C   1 
ATOM   915  O O   . LYS A 1 117 ? -6.168  8.082   21.654  1.00 31.72 ? 246 LYS A O   1 
ATOM   916  C CB  . LYS A 1 117 ? -7.541  7.942   18.734  1.00 34.59 ? 246 LYS A CB  1 
ATOM   917  C CG  . LYS A 1 117 ? -7.171  8.357   17.340  1.00 44.18 ? 246 LYS A CG  1 
ATOM   918  C CD  . LYS A 1 117 ? -8.296  9.149   16.686  1.00 49.37 ? 246 LYS A CD  1 
ATOM   919  C CE  . LYS A 1 117 ? -8.405  8.809   15.209  1.00 56.51 ? 246 LYS A CE  1 
ATOM   920  N NZ  . LYS A 1 117 ? -9.125  9.884   14.465  1.00 60.15 ? 246 LYS A NZ  1 
ATOM   921  N N   . ARG A 1 118 ? -7.567  6.297   21.432  1.00 32.62 ? 247 ARG A N   1 
ATOM   922  C CA  . ARG A 1 118 ? -7.907  6.170   22.879  1.00 36.65 ? 247 ARG A CA  1 
ATOM   923  C C   . ARG A 1 118 ? -6.631  5.989   23.715  1.00 35.22 ? 247 ARG A C   1 
ATOM   924  O O   . ARG A 1 118 ? -6.456  6.651   24.731  1.00 35.23 ? 247 ARG A O   1 
ATOM   925  C CB  . ARG A 1 118 ? -8.893  5.012   23.131  1.00 36.04 ? 247 ARG A CB  1 
ATOM   926  N N   . SER A 1 119 ? -5.722  5.156   23.238  1.00 33.61 ? 248 SER A N   1 
ATOM   927  C CA  . SER A 1 119 ? -4.502  4.886   23.956  1.00 32.01 ? 248 SER A CA  1 
ATOM   928  C C   . SER A 1 119 ? -3.405  5.967   23.872  1.00 36.52 ? 248 SER A C   1 
ATOM   929  O O   . SER A 1 119 ? -2.429  5.890   24.625  1.00 36.87 ? 248 SER A O   1 
ATOM   930  C CB  . SER A 1 119 ? -3.995  3.546   23.531  1.00 29.60 ? 248 SER A CB  1 
ATOM   931  O OG  . SER A 1 119 ? -3.335  3.649   22.311  1.00 35.73 ? 248 SER A OG  1 
ATOM   932  N N   . MET A 1 120 ? -3.546  6.952   22.986  1.00 31.31 ? 249 MET A N   1 
ATOM   933  C CA  . MET A 1 120 ? -2.610  8.089   22.796  1.00 34.42 ? 249 MET A CA  1 
ATOM   934  C C   . MET A 1 120 ? -3.114  9.296   23.591  1.00 34.87 ? 249 MET A C   1 
ATOM   935  O O   . MET A 1 120 ? -3.963  9.088   24.482  1.00 36.86 ? 249 MET A O   1 
ATOM   936  C CB  . MET A 1 120 ? -2.377  8.413   21.277  1.00 32.78 ? 249 MET A CB  1 
HETATM 937  C C13 . QMG B 2 .   ? 7.750   -14.256 -10.409 1.00 23.28 ? 301 QMG A C13 1 
HETATM 938  C C15 . QMG B 2 .   ? 8.845   -8.517  -10.013 1.00 18.34 ? 301 QMG A C15 1 
HETATM 939  C C17 . QMG B 2 .   ? 7.157   -6.831  -10.217 1.00 15.13 ? 301 QMG A C17 1 
HETATM 940  C C21 . QMG B 2 .   ? 3.662   -8.760  -14.101 1.00 16.63 ? 301 QMG A C21 1 
HETATM 941  C C22 . QMG B 2 .   ? 2.305   -8.284  -14.087 1.00 16.01 ? 301 QMG A C22 1 
HETATM 942  C C02 . QMG B 2 .   ? 1.645   -6.059  -10.252 1.00 17.09 ? 301 QMG A C02 1 
HETATM 943  C C03 . QMG B 2 .   ? 2.813   -6.690  -10.713 1.00 14.91 ? 301 QMG A C03 1 
HETATM 944  C C04 . QMG B 2 .   ? 4.021   -6.810  -10.098 1.00 15.59 ? 301 QMG A C04 1 
HETATM 945  C C05 . QMG B 2 .   ? 4.875   -7.501  -10.913 1.00 14.75 ? 301 QMG A C05 1 
HETATM 946  C C06 . QMG B 2 .   ? 6.227   -7.797  -10.639 1.00 16.08 ? 301 QMG A C06 1 
HETATM 947  C C07 . QMG B 2 .   ? 6.639   -9.127  -10.767 1.00 17.08 ? 301 QMG A C07 1 
HETATM 948  C C08 . QMG B 2 .   ? 7.962   -9.524  -10.467 1.00 21.35 ? 301 QMG A C08 1 
HETATM 949  C C09 . QMG B 2 .   ? 8.451   -10.855 -10.598 1.00 24.29 ? 301 QMG A C09 1 
HETATM 950  C C11 . QMG B 2 .   ? 8.184   -13.205 -11.334 1.00 23.48 ? 301 QMG A C11 1 
HETATM 951  C C12 . QMG B 2 .   ? 7.207   -14.161 -11.727 1.00 22.84 ? 301 QMG A C12 1 
HETATM 952  C C16 . QMG B 2 .   ? 8.452   -7.172  -9.878  1.00 18.36 ? 301 QMG A C16 1 
HETATM 953  C C18 . QMG B 2 .   ? 6.799   -5.468  -10.129 1.00 15.17 ? 301 QMG A C18 1 
HETATM 954  C C19 . QMG B 2 .   ? 4.194   -7.858  -11.990 1.00 15.78 ? 301 QMG A C19 1 
HETATM 955  C C23 . QMG B 2 .   ? 1.995   -7.598  -12.933 1.00 15.75 ? 301 QMG A C23 1 
HETATM 956  C C25 . QMG B 2 .   ? 1.678   -5.503  -8.827  1.00 18.22 ? 301 QMG A C25 1 
HETATM 957  N N10 . QMG B 2 .   ? 7.704   -11.808 -11.187 1.00 22.80 ? 301 QMG A N10 1 
HETATM 958  N N20 . QMG B 2 .   ? 4.532   -8.537  -13.113 1.00 16.04 ? 301 QMG A N20 1 
HETATM 959  N N24 . QMG B 2 .   ? 2.944   -7.348  -11.919 1.00 14.87 ? 301 QMG A N24 1 
HETATM 960  O O01 . QMG B 2 .   ? 0.621   -5.851  -10.977 1.00 17.26 ? 301 QMG A O01 1 
HETATM 961  O O14 . QMG B 2 .   ? 9.485   -11.149 -9.995  1.00 25.16 ? 301 QMG A O14 1 
HETATM 962  O O   . HOH C 3 .   ? -3.727  -16.433 -16.495 1.00 42.27 ? 401 HOH A O   1 
HETATM 963  O O   . HOH C 3 .   ? -10.079 -3.536  12.141  1.00 41.02 ? 402 HOH A O   1 
HETATM 964  O O   . HOH C 3 .   ? -9.686  -3.148  -5.324  1.00 35.43 ? 403 HOH A O   1 
HETATM 965  O O   . HOH C 3 .   ? -2.636  9.666   -0.383  1.00 31.74 ? 404 HOH A O   1 
HETATM 966  O O   . HOH C 3 .   ? 0.638   5.007   -15.764 1.00 38.22 ? 405 HOH A O   1 
HETATM 967  O O   . HOH C 3 .   ? -0.629  -3.352  -10.418 1.00 14.99 ? 406 HOH A O   1 
HETATM 968  O O   . HOH C 3 .   ? 4.488   2.825   -8.777  1.00 24.24 ? 407 HOH A O   1 
HETATM 969  O O   . HOH C 3 .   ? 5.287   -4.716  -22.952 1.00 26.91 ? 408 HOH A O   1 
HETATM 970  O O   . HOH C 3 .   ? -1.851  -14.411 -2.528  1.00 41.90 ? 409 HOH A O   1 
HETATM 971  O O   . HOH C 3 .   ? 10.197  2.635   11.970  1.00 46.14 ? 410 HOH A O   1 
HETATM 972  O O   . HOH C 3 .   ? 7.890   1.968   13.145  1.00 33.37 ? 411 HOH A O   1 
HETATM 973  O O   . HOH C 3 .   ? 6.811   -2.551  13.136  1.00 33.39 ? 412 HOH A O   1 
HETATM 974  O O   . HOH C 3 .   ? 2.940   -9.882  -17.575 1.00 25.69 ? 413 HOH A O   1 
HETATM 975  O O   . HOH C 3 .   ? -0.989  -10.277 -15.022 1.00 22.74 ? 414 HOH A O   1 
HETATM 976  O O   . HOH C 3 .   ? 0.502   0.401   -9.540  1.00 17.97 ? 415 HOH A O   1 
HETATM 977  O O   . HOH C 3 .   ? 3.741   -0.081  -23.522 1.00 27.10 ? 416 HOH A O   1 
HETATM 978  O O   . HOH C 3 .   ? 9.157   -0.005  0.886   1.00 40.61 ? 417 HOH A O   1 
HETATM 979  O O   . HOH C 3 .   ? -6.287  -13.769 -2.385  1.00 26.32 ? 418 HOH A O   1 
HETATM 980  O O   . HOH C 3 .   ? -9.015  -14.747 -7.802  1.00 34.92 ? 419 HOH A O   1 
HETATM 981  O O   . HOH C 3 .   ? 4.720   -12.531 -14.272 1.00 24.42 ? 420 HOH A O   1 
HETATM 982  O O   . HOH C 3 .   ? -3.923  -8.315  -17.684 1.00 36.95 ? 421 HOH A O   1 
HETATM 983  O O   . HOH C 3 .   ? -5.141  -11.089 4.248   1.00 27.21 ? 422 HOH A O   1 
HETATM 984  O O   . HOH C 3 .   ? -7.198  5.744   -3.281  1.00 26.62 ? 423 HOH A O   1 
HETATM 985  O O   . HOH C 3 .   ? 11.754  10.669  0.269   1.00 34.94 ? 424 HOH A O   1 
HETATM 986  O O   . HOH C 3 .   ? 5.254   -11.777 -2.609  1.00 23.92 ? 425 HOH A O   1 
HETATM 987  O O   . HOH C 3 .   ? 4.182   1.710   -12.778 1.00 27.47 ? 426 HOH A O   1 
HETATM 988  O O   . HOH C 3 .   ? -7.053  1.606   -9.953  1.00 27.76 ? 427 HOH A O   1 
HETATM 989  O O   . HOH C 3 .   ? -9.129  -7.845  -13.030 1.00 29.64 ? 428 HOH A O   1 
HETATM 990  O O   . HOH C 3 .   ? 8.595   -3.614  -12.713 1.00 31.09 ? 429 HOH A O   1 
HETATM 991  O O   . HOH C 3 .   ? -3.915  -7.013  9.287   1.00 32.66 ? 430 HOH A O   1 
HETATM 992  O O   . HOH C 3 .   ? -11.254 -0.512  6.889   1.00 33.34 ? 431 HOH A O   1 
HETATM 993  O O   . HOH C 3 .   ? -8.179  6.960   3.030   1.00 27.57 ? 432 HOH A O   1 
HETATM 994  O O   . HOH C 3 .   ? -0.245  -2.161  -7.932  1.00 15.15 ? 433 HOH A O   1 
HETATM 995  O O   . HOH C 3 .   ? 4.256   1.032   -16.604 1.00 28.62 ? 434 HOH A O   1 
HETATM 996  O O   . HOH C 3 .   ? 11.705  3.362   -1.077  1.00 40.22 ? 435 HOH A O   1 
HETATM 997  O O   . HOH C 3 .   ? 9.935   -1.315  -1.533  1.00 37.31 ? 436 HOH A O   1 
HETATM 998  O O   . HOH C 3 .   ? 4.406   -3.138  -7.841  1.00 18.11 ? 437 HOH A O   1 
HETATM 999  O O   . HOH C 3 .   ? 8.428   0.744   6.935   1.00 33.69 ? 438 HOH A O   1 
HETATM 1000 O O   . HOH C 3 .   ? 2.320   -1.964  -7.133  1.00 21.40 ? 439 HOH A O   1 
HETATM 1001 O O   . HOH C 3 .   ? -4.741  4.220   -11.398 1.00 17.51 ? 440 HOH A O   1 
HETATM 1002 O O   . HOH C 3 .   ? 7.097   1.082   -18.631 1.00 34.49 ? 441 HOH A O   1 
HETATM 1003 O O   . HOH C 3 .   ? -6.133  4.079   -13.847 1.00 22.29 ? 442 HOH A O   1 
HETATM 1004 O O   . HOH C 3 .   ? 3.201   -2.633  -23.508 1.00 29.85 ? 443 HOH A O   1 
HETATM 1005 O O   . HOH C 3 .   ? -3.489  -2.157  13.899  1.00 35.23 ? 444 HOH A O   1 
HETATM 1006 O O   . HOH C 3 .   ? -0.748  -14.760 -4.815  1.00 30.13 ? 445 HOH A O   1 
HETATM 1007 O O   . HOH C 3 .   ? -3.436  -10.647 -16.161 1.00 21.96 ? 446 HOH A O   1 
HETATM 1008 O O   . HOH C 3 .   ? 6.947   -18.764 -2.745  1.00 35.96 ? 447 HOH A O   1 
HETATM 1009 O O   . HOH C 3 .   ? 6.923   -10.161 -13.812 1.00 24.90 ? 448 HOH A O   1 
HETATM 1010 O O   . HOH C 3 .   ? 3.665   13.224  14.318  1.00 31.41 ? 449 HOH A O   1 
HETATM 1011 O O   . HOH C 3 .   ? -13.677 -0.825  12.202  1.00 41.94 ? 450 HOH A O   1 
HETATM 1012 O O   . HOH C 3 .   ? -0.664  -3.210  13.377  1.00 31.08 ? 451 HOH A O   1 
HETATM 1013 O O   . HOH C 3 .   ? 3.514   0.738   -10.207 1.00 23.85 ? 452 HOH A O   1 
HETATM 1014 O O   . HOH C 3 .   ? 0.344   -9.108  -17.305 1.00 28.32 ? 453 HOH A O   1 
HETATM 1015 O O   . HOH C 3 .   ? 0.241   -14.985 -12.354 1.00 32.55 ? 454 HOH A O   1 
HETATM 1016 O O   . HOH C 3 .   ? -8.072  4.063   -5.741  1.00 32.65 ? 455 HOH A O   1 
HETATM 1017 O O   . HOH C 3 .   ? 1.093   9.194   -12.788 1.00 34.81 ? 456 HOH A O   1 
HETATM 1018 O O   . HOH C 3 .   ? -12.533 -2.359  7.759   1.00 32.64 ? 457 HOH A O   1 
HETATM 1019 O O   . HOH C 3 .   ? -6.785  5.682   -10.140 1.00 30.86 ? 458 HOH A O   1 
HETATM 1020 O O   . HOH C 3 .   ? -7.026  9.081   -14.269 1.00 31.59 ? 459 HOH A O   1 
HETATM 1021 O O   . HOH C 3 .   ? 1.276   0.927   -23.881 1.00 38.36 ? 460 HOH A O   1 
HETATM 1022 O O   . HOH C 3 .   ? -0.096  -14.982 -0.496  1.00 41.69 ? 461 HOH A O   1 
HETATM 1023 O O   . HOH C 3 .   ? -12.610 -6.099  6.014   1.00 31.18 ? 462 HOH A O   1 
HETATM 1024 O O   . HOH C 3 .   ? 5.564   5.020   -9.845  1.00 36.12 ? 463 HOH A O   1 
HETATM 1025 O O   . HOH C 3 .   ? -8.025  3.769   -8.338  1.00 35.37 ? 464 HOH A O   1 
HETATM 1026 O O   . HOH C 3 .   ? -0.527  -0.323  -24.753 1.00 49.48 ? 465 HOH A O   1 
HETATM 1027 O O   . HOH C 3 .   ? 3.764   -13.960 -2.434  1.00 34.67 ? 466 HOH A O   1 
HETATM 1028 O O   . HOH C 3 .   ? -3.227  -13.042 -17.546 1.00 28.68 ? 467 HOH A O   1 
HETATM 1029 O O   . HOH C 3 .   ? -6.841  -13.202 3.013   1.00 38.73 ? 468 HOH A O   1 
HETATM 1030 O O   . HOH C 3 .   ? 16.546  7.586   14.191  1.00 54.31 ? 469 HOH A O   1 
HETATM 1031 O O   . HOH C 3 .   ? 0.323   -12.729 -14.620 1.00 26.35 ? 470 HOH A O   1 
# 
